data_1BFC
# 
_entry.id   1BFC 
# 
_audit_conform.dict_name       mmcif_pdbx.dic 
_audit_conform.dict_version    5.385 
_audit_conform.dict_location   http://mmcif.pdb.org/dictionaries/ascii/mmcif_pdbx.dic 
# 
loop_
_database_2.database_id 
_database_2.database_code 
_database_2.pdbx_database_accession 
_database_2.pdbx_DOI 
PDB   1BFC         pdb_00001bfc 10.2210/pdb1bfc/pdb 
WWPDB D_1000171688 ?            ?                   
# 
loop_
_pdbx_audit_revision_history.ordinal 
_pdbx_audit_revision_history.data_content_type 
_pdbx_audit_revision_history.major_revision 
_pdbx_audit_revision_history.minor_revision 
_pdbx_audit_revision_history.revision_date 
1 'Structure model' 1 0 1996-04-03 
2 'Structure model' 1 1 2008-03-24 
3 'Structure model' 1 2 2011-07-13 
4 'Structure model' 2 0 2020-07-29 
5 'Structure model' 2 1 2021-11-03 
6 'Structure model' 2 2 2024-02-07 
# 
loop_
_pdbx_audit_revision_details.ordinal 
_pdbx_audit_revision_details.revision_ordinal 
_pdbx_audit_revision_details.data_content_type 
_pdbx_audit_revision_details.provider 
_pdbx_audit_revision_details.type 
_pdbx_audit_revision_details.description 
_pdbx_audit_revision_details.details 
1 1 'Structure model' repository 'Initial release' ?                          ? 
2 4 'Structure model' repository Remediation       'Carbohydrate remediation' ? 
# 
loop_
_pdbx_audit_revision_group.ordinal 
_pdbx_audit_revision_group.revision_ordinal 
_pdbx_audit_revision_group.data_content_type 
_pdbx_audit_revision_group.group 
1  2 'Structure model' 'Version format compliance' 
2  3 'Structure model' 'Non-polymer description'   
3  3 'Structure model' 'Version format compliance' 
4  4 'Structure model' 'Atomic model'              
5  4 'Structure model' 'Data collection'           
6  4 'Structure model' 'Derived calculations'      
7  4 'Structure model' Other                       
8  4 'Structure model' 'Structure summary'         
9  5 'Structure model' 'Database references'       
10 5 'Structure model' 'Structure summary'         
11 6 'Structure model' 'Data collection'           
# 
loop_
_pdbx_audit_revision_category.ordinal 
_pdbx_audit_revision_category.revision_ordinal 
_pdbx_audit_revision_category.data_content_type 
_pdbx_audit_revision_category.category 
1  4 'Structure model' atom_site                     
2  4 'Structure model' chem_comp                     
3  4 'Structure model' entity                        
4  4 'Structure model' pdbx_branch_scheme            
5  4 'Structure model' pdbx_chem_comp_identifier     
6  4 'Structure model' pdbx_database_status          
7  4 'Structure model' pdbx_entity_branch            
8  4 'Structure model' pdbx_entity_branch_descriptor 
9  4 'Structure model' pdbx_entity_branch_link       
10 4 'Structure model' pdbx_entity_branch_list       
11 4 'Structure model' pdbx_entity_nonpoly           
12 4 'Structure model' pdbx_nonpoly_scheme           
13 4 'Structure model' pdbx_struct_assembly_gen      
14 4 'Structure model' struct_asym                   
15 4 'Structure model' struct_conn                   
16 4 'Structure model' struct_site                   
17 4 'Structure model' struct_site_gen               
18 5 'Structure model' chem_comp                     
19 5 'Structure model' database_2                    
20 5 'Structure model' struct_ref_seq_dif            
21 6 'Structure model' chem_comp_atom                
22 6 'Structure model' chem_comp_bond                
# 
loop_
_pdbx_audit_revision_item.ordinal 
_pdbx_audit_revision_item.revision_ordinal 
_pdbx_audit_revision_item.data_content_type 
_pdbx_audit_revision_item.item 
1  4 'Structure model' '_atom_site.B_iso_or_equiv'              
2  4 'Structure model' '_atom_site.Cartn_x'                     
3  4 'Structure model' '_atom_site.Cartn_y'                     
4  4 'Structure model' '_atom_site.Cartn_z'                     
5  4 'Structure model' '_atom_site.auth_asym_id'                
6  4 'Structure model' '_atom_site.auth_atom_id'                
7  4 'Structure model' '_atom_site.auth_comp_id'                
8  4 'Structure model' '_atom_site.auth_seq_id'                 
9  4 'Structure model' '_atom_site.label_asym_id'               
10 4 'Structure model' '_atom_site.label_atom_id'               
11 4 'Structure model' '_atom_site.label_comp_id'               
12 4 'Structure model' '_atom_site.label_entity_id'             
13 4 'Structure model' '_atom_site.type_symbol'                 
14 4 'Structure model' '_chem_comp.mon_nstd_flag'               
15 4 'Structure model' '_chem_comp.name'                        
16 4 'Structure model' '_chem_comp.type'                        
17 4 'Structure model' '_pdbx_database_status.process_site'     
18 4 'Structure model' '_pdbx_struct_assembly_gen.asym_id_list' 
19 4 'Structure model' '_struct_conn.pdbx_dist_value'           
20 4 'Structure model' '_struct_conn.pdbx_leaving_atom_flag'    
21 4 'Structure model' '_struct_conn.pdbx_value_order'          
22 4 'Structure model' '_struct_conn.ptnr1_auth_asym_id'        
23 4 'Structure model' '_struct_conn.ptnr1_auth_comp_id'        
24 4 'Structure model' '_struct_conn.ptnr1_auth_seq_id'         
25 4 'Structure model' '_struct_conn.ptnr1_label_asym_id'       
26 4 'Structure model' '_struct_conn.ptnr1_label_atom_id'       
27 4 'Structure model' '_struct_conn.ptnr1_label_comp_id'       
28 4 'Structure model' '_struct_conn.ptnr2_auth_asym_id'        
29 4 'Structure model' '_struct_conn.ptnr2_auth_comp_id'        
30 4 'Structure model' '_struct_conn.ptnr2_auth_seq_id'         
31 4 'Structure model' '_struct_conn.ptnr2_label_asym_id'       
32 4 'Structure model' '_struct_conn.ptnr2_label_atom_id'       
33 4 'Structure model' '_struct_conn.ptnr2_label_comp_id'       
34 5 'Structure model' '_chem_comp.pdbx_synonyms'               
35 5 'Structure model' '_database_2.pdbx_DOI'                   
36 5 'Structure model' '_database_2.pdbx_database_accession'    
37 5 'Structure model' '_struct_ref_seq_dif.details'            
# 
_pdbx_database_status.status_code                     REL 
_pdbx_database_status.entry_id                        1BFC 
_pdbx_database_status.recvd_initial_deposition_date   1995-12-12 
_pdbx_database_status.deposit_site                    ? 
_pdbx_database_status.process_site                    BNL 
_pdbx_database_status.SG_entry                        . 
_pdbx_database_status.pdb_format_compatible           Y 
_pdbx_database_status.status_code_mr                  ? 
_pdbx_database_status.status_code_sf                  ? 
_pdbx_database_status.status_code_cs                  ? 
_pdbx_database_status.status_code_nmr_data            ? 
_pdbx_database_status.methods_development_category    ? 
# 
loop_
_audit_author.name 
_audit_author.pdbx_ordinal 
'Faham, S.'  1 
'Rees, D.C.' 2 
# 
loop_
_citation.id 
_citation.title 
_citation.journal_abbrev 
_citation.journal_volume 
_citation.page_first 
_citation.page_last 
_citation.year 
_citation.journal_id_ASTM 
_citation.country 
_citation.journal_id_ISSN 
_citation.journal_id_CSD 
_citation.book_publisher 
_citation.pdbx_database_id_PubMed 
_citation.pdbx_database_id_DOI 
primary 'Heparin structure and interactions with basic fibroblast growth factor.'    Science 271 1116 1120 1996 SCIEAS US 
0036-8075 0038 ? 8599088 ? 
1       'Three-Dimensional Structures of Acidic and Basic Fibroblast Growth Factors' Science 251 90   ?    1991 SCIEAS US 
0036-8075 0038 ? ?       ? 
# 
loop_
_citation_author.citation_id 
_citation_author.name 
_citation_author.ordinal 
_citation_author.identifier_ORCID 
primary 'Faham, S.'      1  ? 
primary 'Hileman, R.E.'  2  ? 
primary 'Fromm, J.R.'    3  ? 
primary 'Linhardt, R.J.' 4  ? 
primary 'Rees, D.C.'     5  ? 
1       'Zhu, X.'        6  ? 
1       'Komiya, H.'     7  ? 
1       'Chirino, A.'    8  ? 
1       'Faham, S.'      9  ? 
1       'Fox, G.M.'      10 ? 
1       'Arakawa, T.'    11 ? 
1       'Hsu, B.T.'      12 ? 
1       'Rees, D.C.'     13 ? 
# 
loop_
_entity.id 
_entity.type 
_entity.src_method 
_entity.pdbx_description 
_entity.formula_weight 
_entity.pdbx_number_of_molecules 
_entity.pdbx_ec 
_entity.pdbx_mutation 
_entity.pdbx_fragment 
_entity.details 
1 polymer  nat 'BASIC FIBROBLAST GROWTH FACTOR' 16516.883 1  ? 'C70S, C88S' ? ? 
2 branched man 
;4-deoxy-2-O-sulfo-alpha-L-threo-hex-4-enopyranuronic acid-(1-4)-2-deoxy-6-O-sulfo-2-(sulfoamino)-alpha-D-glucopyranose-(1-4)-2-O-sulfo-alpha-L-idopyranuronic acid-(1-4)-2-deoxy-6-O-sulfo-2-(sulfoamino)-alpha-D-glucopyranose-(1-4)-2-O-sulfo-alpha-L-idopyranuronic acid-(1-4)-2-deoxy-6-O-sulfo-2-(sulfoamino)-alpha-D-glucopyranose
;
1732.411  1  ? ?            ? ? 
3 water    nat water 18.015    14 ? ?            ? ? 
# 
_entity_poly.entity_id                      1 
_entity_poly.type                           'polypeptide(L)' 
_entity_poly.nstd_linkage                   no 
_entity_poly.nstd_monomer                   no 
_entity_poly.pdbx_seq_one_letter_code       
;LPALPEDGGSGAFPPGHFKDPKRLYCKNGGFFLRIHPDGRVDGVREKSDPHIKLQLQAEERGVVSIKGVSANRYLAMKED
GRLLASKSVTDECFFFERLESNNYNTYRSRKYTSWYVALKRTGQYKLGSKTGPGQKAILFLPMSAKS
;
_entity_poly.pdbx_seq_one_letter_code_can   
;LPALPEDGGSGAFPPGHFKDPKRLYCKNGGFFLRIHPDGRVDGVREKSDPHIKLQLQAEERGVVSIKGVSANRYLAMKED
GRLLASKSVTDECFFFERLESNNYNTYRSRKYTSWYVALKRTGQYKLGSKTGPGQKAILFLPMSAKS
;
_entity_poly.pdbx_strand_id                 A 
_entity_poly.pdbx_target_identifier         ? 
# 
_pdbx_entity_nonpoly.entity_id   3 
_pdbx_entity_nonpoly.name        water 
_pdbx_entity_nonpoly.comp_id     HOH 
# 
loop_
_entity_poly_seq.entity_id 
_entity_poly_seq.num 
_entity_poly_seq.mon_id 
_entity_poly_seq.hetero 
1 1   LEU n 
1 2   PRO n 
1 3   ALA n 
1 4   LEU n 
1 5   PRO n 
1 6   GLU n 
1 7   ASP n 
1 8   GLY n 
1 9   GLY n 
1 10  SER n 
1 11  GLY n 
1 12  ALA n 
1 13  PHE n 
1 14  PRO n 
1 15  PRO n 
1 16  GLY n 
1 17  HIS n 
1 18  PHE n 
1 19  LYS n 
1 20  ASP n 
1 21  PRO n 
1 22  LYS n 
1 23  ARG n 
1 24  LEU n 
1 25  TYR n 
1 26  CYS n 
1 27  LYS n 
1 28  ASN n 
1 29  GLY n 
1 30  GLY n 
1 31  PHE n 
1 32  PHE n 
1 33  LEU n 
1 34  ARG n 
1 35  ILE n 
1 36  HIS n 
1 37  PRO n 
1 38  ASP n 
1 39  GLY n 
1 40  ARG n 
1 41  VAL n 
1 42  ASP n 
1 43  GLY n 
1 44  VAL n 
1 45  ARG n 
1 46  GLU n 
1 47  LYS n 
1 48  SER n 
1 49  ASP n 
1 50  PRO n 
1 51  HIS n 
1 52  ILE n 
1 53  LYS n 
1 54  LEU n 
1 55  GLN n 
1 56  LEU n 
1 57  GLN n 
1 58  ALA n 
1 59  GLU n 
1 60  GLU n 
1 61  ARG n 
1 62  GLY n 
1 63  VAL n 
1 64  VAL n 
1 65  SER n 
1 66  ILE n 
1 67  LYS n 
1 68  GLY n 
1 69  VAL n 
1 70  SER n 
1 71  ALA n 
1 72  ASN n 
1 73  ARG n 
1 74  TYR n 
1 75  LEU n 
1 76  ALA n 
1 77  MET n 
1 78  LYS n 
1 79  GLU n 
1 80  ASP n 
1 81  GLY n 
1 82  ARG n 
1 83  LEU n 
1 84  LEU n 
1 85  ALA n 
1 86  SER n 
1 87  LYS n 
1 88  SER n 
1 89  VAL n 
1 90  THR n 
1 91  ASP n 
1 92  GLU n 
1 93  CYS n 
1 94  PHE n 
1 95  PHE n 
1 96  PHE n 
1 97  GLU n 
1 98  ARG n 
1 99  LEU n 
1 100 GLU n 
1 101 SER n 
1 102 ASN n 
1 103 ASN n 
1 104 TYR n 
1 105 ASN n 
1 106 THR n 
1 107 TYR n 
1 108 ARG n 
1 109 SER n 
1 110 ARG n 
1 111 LYS n 
1 112 TYR n 
1 113 THR n 
1 114 SER n 
1 115 TRP n 
1 116 TYR n 
1 117 VAL n 
1 118 ALA n 
1 119 LEU n 
1 120 LYS n 
1 121 ARG n 
1 122 THR n 
1 123 GLY n 
1 124 GLN n 
1 125 TYR n 
1 126 LYS n 
1 127 LEU n 
1 128 GLY n 
1 129 SER n 
1 130 LYS n 
1 131 THR n 
1 132 GLY n 
1 133 PRO n 
1 134 GLY n 
1 135 GLN n 
1 136 LYS n 
1 137 ALA n 
1 138 ILE n 
1 139 LEU n 
1 140 PHE n 
1 141 LEU n 
1 142 PRO n 
1 143 MET n 
1 144 SER n 
1 145 ALA n 
1 146 LYS n 
1 147 SER n 
# 
_entity_src_nat.entity_id                  1 
_entity_src_nat.pdbx_src_id                1 
_entity_src_nat.pdbx_alt_source_flag       sample 
_entity_src_nat.pdbx_beg_seq_num           ? 
_entity_src_nat.pdbx_end_seq_num           ? 
_entity_src_nat.common_name                human 
_entity_src_nat.pdbx_organism_scientific   'Homo sapiens' 
_entity_src_nat.pdbx_ncbi_taxonomy_id      9606 
_entity_src_nat.genus                      Homo 
_entity_src_nat.species                    ? 
_entity_src_nat.strain                     ? 
_entity_src_nat.tissue                     ? 
_entity_src_nat.tissue_fraction            ? 
_entity_src_nat.pdbx_secretion             ? 
_entity_src_nat.pdbx_fragment              ? 
_entity_src_nat.pdbx_variant               ? 
_entity_src_nat.pdbx_cell_line             ? 
_entity_src_nat.pdbx_atcc                  ? 
_entity_src_nat.pdbx_cellular_location     ? 
_entity_src_nat.pdbx_organ                 ? 
_entity_src_nat.pdbx_organelle             ? 
_entity_src_nat.pdbx_cell                  ? 
_entity_src_nat.pdbx_plasmid_name          ? 
_entity_src_nat.pdbx_plasmid_details       ? 
_entity_src_nat.details                    ? 
# 
_pdbx_entity_branch.entity_id   2 
_pdbx_entity_branch.type        oligosaccharide 
# 
loop_
_pdbx_entity_branch_descriptor.ordinal 
_pdbx_entity_branch_descriptor.entity_id 
_pdbx_entity_branch_descriptor.descriptor 
_pdbx_entity_branch_descriptor.type 
_pdbx_entity_branch_descriptor.program 
_pdbx_entity_branch_descriptor.program_version 
1 2 
;WURCS=2.0/3,6,5/[a2122h-1a_1-5_2*NSO/3=O/3=O_6*OSO/3=O/3=O][a2121A-1a_1-5_2*OSO/3=O/3=O][a21eEA-1a_1-5_2*OSO/3=O/3=O]/1-2-1-2-1-3/a4-b1_b4-c1_c4-d1_d4-e1_e4-f1
;
WURCS  PDB2Glycan 1.1.0 
2 2 
;[][a-D-GlcpNSO36SO3]{[(4+1)][a-L-IdopA2SO3]{[(4+1)][a-D-GlcpNSO36SO3]{[(4+1)][a-L-IdopA2SO3]{[(4+1)][a-D-GlcpNSO36SO3]{[(4+1)][a-L-4-deoxy-IdopA2SO3]{}}}}}}
;
LINUCS PDB-CARE   ?     
# 
loop_
_pdbx_entity_branch_link.link_id 
_pdbx_entity_branch_link.entity_id 
_pdbx_entity_branch_link.entity_branch_list_num_1 
_pdbx_entity_branch_link.comp_id_1 
_pdbx_entity_branch_link.atom_id_1 
_pdbx_entity_branch_link.leaving_atom_id_1 
_pdbx_entity_branch_link.entity_branch_list_num_2 
_pdbx_entity_branch_link.comp_id_2 
_pdbx_entity_branch_link.atom_id_2 
_pdbx_entity_branch_link.leaving_atom_id_2 
_pdbx_entity_branch_link.value_order 
_pdbx_entity_branch_link.details 
1 2 2 IDS C1 O1 1 SGN O4 HO4 sing ? 
2 2 3 SGN C1 O1 2 IDS O4 HO4 sing ? 
3 2 4 IDS C1 O1 3 SGN O4 HO4 sing ? 
4 2 5 SGN C1 O1 4 IDS O4 HO4 sing ? 
5 2 6 UAP C1 O1 5 SGN O4 HO4 sing ? 
# 
loop_
_chem_comp.id 
_chem_comp.type 
_chem_comp.mon_nstd_flag 
_chem_comp.name 
_chem_comp.pdbx_synonyms 
_chem_comp.formula 
_chem_comp.formula_weight 
ALA 'L-peptide linking'           y ALANINE                                                     ? 'C3 H7 N O2'      89.093  
ARG 'L-peptide linking'           y ARGININE                                                    ? 'C6 H15 N4 O2 1'  175.209 
ASN 'L-peptide linking'           y ASPARAGINE                                                  ? 'C4 H8 N2 O3'     132.118 
ASP 'L-peptide linking'           y 'ASPARTIC ACID'                                             ? 'C4 H7 N O4'      133.103 
CYS 'L-peptide linking'           y CYSTEINE                                                    ? 'C3 H7 N O2 S'    121.158 
GLN 'L-peptide linking'           y GLUTAMINE                                                   ? 'C5 H10 N2 O3'    146.144 
GLU 'L-peptide linking'           y 'GLUTAMIC ACID'                                             ? 'C5 H9 N O4'      147.129 
GLY 'peptide linking'             y GLYCINE                                                     ? 'C2 H5 N O2'      75.067  
HIS 'L-peptide linking'           y HISTIDINE                                                   ? 'C6 H10 N3 O2 1'  156.162 
HOH non-polymer                   . WATER                                                       ? 'H2 O'            18.015  
IDS 'L-saccharide, alpha linking' n '2-O-sulfo-alpha-L-idopyranuronic acid'                     
'O2-SULFO-GLUCURONIC ACID; 2-O-sulfo-alpha-L-iduronic acid; 2-O-sulfo-L-iduronic acid; 2-O-sulfo-iduronic acid' 'C6 H10 O10 S'    
274.203 
ILE 'L-peptide linking'           y ISOLEUCINE                                                  ? 'C6 H13 N O2'     131.173 
LEU 'L-peptide linking'           y LEUCINE                                                     ? 'C6 H13 N O2'     131.173 
LYS 'L-peptide linking'           y LYSINE                                                      ? 'C6 H15 N2 O2 1'  147.195 
MET 'L-peptide linking'           y METHIONINE                                                  ? 'C5 H11 N O2 S'   149.211 
PHE 'L-peptide linking'           y PHENYLALANINE                                               ? 'C9 H11 N O2'     165.189 
PRO 'L-peptide linking'           y PROLINE                                                     ? 'C5 H9 N O2'      115.130 
SER 'L-peptide linking'           y SERINE                                                      ? 'C3 H7 N O3'      105.093 
SGN 'D-saccharide, alpha linking' n '2-deoxy-6-O-sulfo-2-(sulfoamino)-alpha-D-glucopyranose'    
;N,O6-DISULFO-GLUCOSAMINE; 6-O-sulfo-N-sulfo-alpha-D-glucosamine; 2-deoxy-6-O-sulfo-2-(sulfoamino)-alpha-D-glucose; 2-deoxy-6-O-sulfo-2-(sulfoamino)-D-glucose; 2-deoxy-6-O-sulfo-2-(sulfoamino)-glucose
;
'C6 H13 N O11 S2' 339.298 
THR 'L-peptide linking'           y THREONINE                                                   ? 'C4 H9 N O3'      119.119 
TRP 'L-peptide linking'           y TRYPTOPHAN                                                  ? 'C11 H12 N2 O2'   204.225 
TYR 'L-peptide linking'           y TYROSINE                                                    ? 'C9 H11 N O3'     181.189 
UAP 'L-saccharide, alpha linking' . '4-deoxy-2-O-sulfo-alpha-L-threo-hex-4-enopyranuronic acid' 
;4-deoxy-2-O-sulfo-alpha-L-threo-hex-4-enuronic acid; 4-deoxy-2-O-sulfo-L-threo-hex-4-enuronic acid; 4-deoxy-2-O-sulfo-threo-hex-4-enuronic acid
;
'C6 H8 O9 S'      256.187 
VAL 'L-peptide linking'           y VALINE                                                      ? 'C5 H11 N O2'     117.146 
# 
loop_
_pdbx_chem_comp_identifier.comp_id 
_pdbx_chem_comp_identifier.type 
_pdbx_chem_comp_identifier.program 
_pdbx_chem_comp_identifier.program_version 
_pdbx_chem_comp_identifier.identifier 
IDS 'IUPAC CARBOHYDRATE SYMBOL'           PDB-CARE 1.0 a-L-IdopA2SO3                     
SGN 'CONDENSED IUPAC CARBOHYDRATE SYMBOL' GMML     1.0 'DGlcpNS[6S]a'                    
SGN 'COMMON NAME'                         GMML     1.0 N-sulfo-6-sulfo-a-D-glucopyranose 
SGN 'IUPAC CARBOHYDRATE SYMBOL'           PDB-CARE 1.0 a-D-GlcpNSO36SO3                  
UAP 'IUPAC CARBOHYDRATE SYMBOL'           PDB-CARE 1.0 b-D-4-deoxy-GlcpA2SO3             
# 
loop_
_pdbx_poly_seq_scheme.asym_id 
_pdbx_poly_seq_scheme.entity_id 
_pdbx_poly_seq_scheme.seq_id 
_pdbx_poly_seq_scheme.mon_id 
_pdbx_poly_seq_scheme.ndb_seq_num 
_pdbx_poly_seq_scheme.pdb_seq_num 
_pdbx_poly_seq_scheme.auth_seq_num 
_pdbx_poly_seq_scheme.pdb_mon_id 
_pdbx_poly_seq_scheme.auth_mon_id 
_pdbx_poly_seq_scheme.pdb_strand_id 
_pdbx_poly_seq_scheme.pdb_ins_code 
_pdbx_poly_seq_scheme.hetero 
A 1 1   LEU 1   1   ?   ?   ?   A . n 
A 1 2   PRO 2   2   ?   ?   ?   A . n 
A 1 3   ALA 3   3   ?   ?   ?   A . n 
A 1 4   LEU 4   4   ?   ?   ?   A . n 
A 1 5   PRO 5   5   ?   ?   ?   A . n 
A 1 6   GLU 6   6   ?   ?   ?   A . n 
A 1 7   ASP 7   7   ?   ?   ?   A . n 
A 1 8   GLY 8   8   ?   ?   ?   A . n 
A 1 9   GLY 9   9   ?   ?   ?   A . n 
A 1 10  SER 10  10  ?   ?   ?   A . n 
A 1 11  GLY 11  11  ?   ?   ?   A . n 
A 1 12  ALA 12  12  ?   ?   ?   A . n 
A 1 13  PHE 13  13  ?   ?   ?   A . n 
A 1 14  PRO 14  14  ?   ?   ?   A . n 
A 1 15  PRO 15  15  ?   ?   ?   A . n 
A 1 16  GLY 16  16  ?   ?   ?   A . n 
A 1 17  HIS 17  17  ?   ?   ?   A . n 
A 1 18  PHE 18  18  ?   ?   ?   A . n 
A 1 19  LYS 19  19  ?   ?   ?   A . n 
A 1 20  ASP 20  20  ?   ?   ?   A . n 
A 1 21  PRO 21  21  21  PRO PRO A . n 
A 1 22  LYS 22  22  22  LYS LYS A . n 
A 1 23  ARG 23  23  23  ARG ARG A . n 
A 1 24  LEU 24  24  24  LEU LEU A . n 
A 1 25  TYR 25  25  25  TYR TYR A . n 
A 1 26  CYS 26  26  26  CYS CYS A . n 
A 1 27  LYS 27  27  27  LYS LYS A . n 
A 1 28  ASN 28  28  28  ASN ASN A . n 
A 1 29  GLY 29  29  29  GLY GLY A . n 
A 1 30  GLY 30  30  30  GLY GLY A . n 
A 1 31  PHE 31  31  31  PHE PHE A . n 
A 1 32  PHE 32  32  32  PHE PHE A . n 
A 1 33  LEU 33  33  33  LEU LEU A . n 
A 1 34  ARG 34  34  34  ARG ARG A . n 
A 1 35  ILE 35  35  35  ILE ILE A . n 
A 1 36  HIS 36  36  36  HIS HIS A . n 
A 1 37  PRO 37  37  37  PRO PRO A . n 
A 1 38  ASP 38  38  38  ASP ASP A . n 
A 1 39  GLY 39  39  39  GLY GLY A . n 
A 1 40  ARG 40  40  40  ARG ARG A . n 
A 1 41  VAL 41  41  41  VAL VAL A . n 
A 1 42  ASP 42  42  42  ASP ASP A . n 
A 1 43  GLY 43  43  43  GLY GLY A . n 
A 1 44  VAL 44  44  44  VAL VAL A . n 
A 1 45  ARG 45  45  45  ARG ARG A . n 
A 1 46  GLU 46  46  46  GLU GLU A . n 
A 1 47  LYS 47  47  47  LYS LYS A . n 
A 1 48  SER 48  48  48  SER SER A . n 
A 1 49  ASP 49  49  49  ASP ASP A . n 
A 1 50  PRO 50  50  50  PRO PRO A . n 
A 1 51  HIS 51  51  51  HIS HIS A . n 
A 1 52  ILE 52  52  52  ILE ILE A . n 
A 1 53  LYS 53  53  53  LYS LYS A . n 
A 1 54  LEU 54  54  54  LEU LEU A . n 
A 1 55  GLN 55  55  55  GLN GLN A . n 
A 1 56  LEU 56  56  56  LEU LEU A . n 
A 1 57  GLN 57  57  57  GLN GLN A . n 
A 1 58  ALA 58  58  58  ALA ALA A . n 
A 1 59  GLU 59  59  59  GLU GLU A . n 
A 1 60  GLU 60  60  60  GLU GLU A . n 
A 1 61  ARG 61  61  61  ARG ARG A . n 
A 1 62  GLY 62  62  62  GLY GLY A . n 
A 1 63  VAL 63  63  63  VAL VAL A . n 
A 1 64  VAL 64  64  64  VAL VAL A . n 
A 1 65  SER 65  65  65  SER SER A . n 
A 1 66  ILE 66  66  66  ILE ILE A . n 
A 1 67  LYS 67  67  67  LYS LYS A . n 
A 1 68  GLY 68  68  68  GLY GLY A . n 
A 1 69  VAL 69  69  69  VAL VAL A . n 
A 1 70  SER 70  70  70  SER SER A . n 
A 1 71  ALA 71  71  71  ALA ALA A . n 
A 1 72  ASN 72  72  72  ASN ASN A . n 
A 1 73  ARG 73  73  73  ARG ARG A . n 
A 1 74  TYR 74  74  74  TYR TYR A . n 
A 1 75  LEU 75  75  75  LEU LEU A . n 
A 1 76  ALA 76  76  76  ALA ALA A . n 
A 1 77  MET 77  77  77  MET MET A . n 
A 1 78  LYS 78  78  78  LYS LYS A . n 
A 1 79  GLU 79  79  79  GLU GLU A . n 
A 1 80  ASP 80  80  80  ASP ASP A . n 
A 1 81  GLY 81  81  81  GLY GLY A . n 
A 1 82  ARG 82  82  82  ARG ARG A . n 
A 1 83  LEU 83  83  83  LEU LEU A . n 
A 1 84  LEU 84  84  84  LEU LEU A . n 
A 1 85  ALA 85  85  85  ALA ALA A . n 
A 1 86  SER 86  86  86  SER SER A . n 
A 1 87  LYS 87  87  87  LYS LYS A . n 
A 1 88  SER 88  88  88  SER SER A . n 
A 1 89  VAL 89  89  89  VAL VAL A . n 
A 1 90  THR 90  90  90  THR THR A . n 
A 1 91  ASP 91  91  91  ASP ASP A . n 
A 1 92  GLU 92  92  92  GLU GLU A . n 
A 1 93  CYS 93  93  93  CYS CYS A . n 
A 1 94  PHE 94  94  94  PHE PHE A . n 
A 1 95  PHE 95  95  95  PHE PHE A . n 
A 1 96  PHE 96  96  96  PHE PHE A . n 
A 1 97  GLU 97  97  97  GLU GLU A . n 
A 1 98  ARG 98  98  98  ARG ARG A . n 
A 1 99  LEU 99  99  99  LEU LEU A . n 
A 1 100 GLU 100 100 100 GLU GLU A . n 
A 1 101 SER 101 101 101 SER SER A . n 
A 1 102 ASN 102 102 102 ASN ASN A . n 
A 1 103 ASN 103 103 103 ASN ASN A . n 
A 1 104 TYR 104 104 104 TYR TYR A . n 
A 1 105 ASN 105 105 105 ASN ASN A . n 
A 1 106 THR 106 106 106 THR THR A . n 
A 1 107 TYR 107 107 107 TYR TYR A . n 
A 1 108 ARG 108 108 108 ARG ARG A . n 
A 1 109 SER 109 109 109 SER SER A . n 
A 1 110 ARG 110 110 110 ARG ARG A . n 
A 1 111 LYS 111 111 111 LYS LYS A . n 
A 1 112 TYR 112 112 112 TYR TYR A . n 
A 1 113 THR 113 113 113 THR THR A . n 
A 1 114 SER 114 114 114 SER SER A . n 
A 1 115 TRP 115 115 115 TRP TRP A . n 
A 1 116 TYR 116 116 116 TYR TYR A . n 
A 1 117 VAL 117 117 117 VAL VAL A . n 
A 1 118 ALA 118 118 118 ALA ALA A . n 
A 1 119 LEU 119 119 119 LEU LEU A . n 
A 1 120 LYS 120 120 120 LYS LYS A . n 
A 1 121 ARG 121 121 121 ARG ARG A . n 
A 1 122 THR 122 122 122 THR THR A . n 
A 1 123 GLY 123 123 123 GLY GLY A . n 
A 1 124 GLN 124 124 124 GLN GLN A . n 
A 1 125 TYR 125 125 125 TYR TYR A . n 
A 1 126 LYS 126 126 126 LYS LYS A . n 
A 1 127 LEU 127 127 127 LEU LEU A . n 
A 1 128 GLY 128 128 128 GLY GLY A . n 
A 1 129 SER 129 129 129 SER SER A . n 
A 1 130 LYS 130 130 130 LYS LYS A . n 
A 1 131 THR 131 131 131 THR THR A . n 
A 1 132 GLY 132 132 132 GLY GLY A . n 
A 1 133 PRO 133 133 133 PRO PRO A . n 
A 1 134 GLY 134 134 134 GLY GLY A . n 
A 1 135 GLN 135 135 135 GLN GLN A . n 
A 1 136 LYS 136 136 136 LYS LYS A . n 
A 1 137 ALA 137 137 137 ALA ALA A . n 
A 1 138 ILE 138 138 138 ILE ILE A . n 
A 1 139 LEU 139 139 139 LEU LEU A . n 
A 1 140 PHE 140 140 140 PHE PHE A . n 
A 1 141 LEU 141 141 141 LEU LEU A . n 
A 1 142 PRO 142 142 142 PRO PRO A . n 
A 1 143 MET 143 143 143 MET MET A . n 
A 1 144 SER 144 144 144 SER SER A . n 
A 1 145 ALA 145 145 ?   ?   ?   A . n 
A 1 146 LYS 146 146 ?   ?   ?   A . n 
A 1 147 SER 147 147 ?   ?   ?   A . n 
# 
loop_
_pdbx_branch_scheme.asym_id 
_pdbx_branch_scheme.entity_id 
_pdbx_branch_scheme.mon_id 
_pdbx_branch_scheme.num 
_pdbx_branch_scheme.pdb_asym_id 
_pdbx_branch_scheme.pdb_mon_id 
_pdbx_branch_scheme.pdb_seq_num 
_pdbx_branch_scheme.auth_asym_id 
_pdbx_branch_scheme.auth_mon_id 
_pdbx_branch_scheme.auth_seq_num 
_pdbx_branch_scheme.hetero 
B 2 SGN 1 B SGN 1 A SGN 306 n 
B 2 IDS 2 B IDS 2 A IDS 305 n 
B 2 SGN 3 B SGN 3 A SGN 304 n 
B 2 IDS 4 B IDS 4 A IDS 303 n 
B 2 SGN 5 B SGN 5 A SGN 302 n 
B 2 UAP 6 B UAP 6 A UAP 301 n 
# 
loop_
_pdbx_nonpoly_scheme.asym_id 
_pdbx_nonpoly_scheme.entity_id 
_pdbx_nonpoly_scheme.mon_id 
_pdbx_nonpoly_scheme.ndb_seq_num 
_pdbx_nonpoly_scheme.pdb_seq_num 
_pdbx_nonpoly_scheme.auth_seq_num 
_pdbx_nonpoly_scheme.pdb_mon_id 
_pdbx_nonpoly_scheme.auth_mon_id 
_pdbx_nonpoly_scheme.pdb_strand_id 
_pdbx_nonpoly_scheme.pdb_ins_code 
C 3 HOH 1  201 201 HOH HOH A . 
C 3 HOH 2  202 202 HOH HOH A . 
C 3 HOH 3  203 203 HOH HOH A . 
C 3 HOH 4  204 204 HOH HOH A . 
C 3 HOH 5  205 205 HOH HOH A . 
C 3 HOH 6  206 206 HOH HOH A . 
C 3 HOH 7  207 207 HOH HOH A . 
C 3 HOH 8  208 208 HOH HOH A . 
C 3 HOH 9  209 209 HOH HOH A . 
C 3 HOH 10 210 210 HOH HOH A . 
C 3 HOH 11 211 211 HOH HOH A . 
C 3 HOH 12 212 212 HOH HOH A . 
C 3 HOH 13 213 213 HOH HOH A . 
C 3 HOH 14 214 214 HOH HOH A . 
# 
loop_
_pdbx_unobs_or_zero_occ_atoms.id 
_pdbx_unobs_or_zero_occ_atoms.PDB_model_num 
_pdbx_unobs_or_zero_occ_atoms.polymer_flag 
_pdbx_unobs_or_zero_occ_atoms.occupancy_flag 
_pdbx_unobs_or_zero_occ_atoms.auth_asym_id 
_pdbx_unobs_or_zero_occ_atoms.auth_comp_id 
_pdbx_unobs_or_zero_occ_atoms.auth_seq_id 
_pdbx_unobs_or_zero_occ_atoms.PDB_ins_code 
_pdbx_unobs_or_zero_occ_atoms.auth_atom_id 
_pdbx_unobs_or_zero_occ_atoms.label_alt_id 
_pdbx_unobs_or_zero_occ_atoms.label_asym_id 
_pdbx_unobs_or_zero_occ_atoms.label_comp_id 
_pdbx_unobs_or_zero_occ_atoms.label_seq_id 
_pdbx_unobs_or_zero_occ_atoms.label_atom_id 
1 1 Y 1 A ARG 61 ? CG  ? A ARG 61 CG  
2 1 Y 1 A ARG 61 ? CD  ? A ARG 61 CD  
3 1 Y 1 A ARG 61 ? NE  ? A ARG 61 NE  
4 1 Y 1 A ARG 61 ? CZ  ? A ARG 61 CZ  
5 1 Y 1 A ARG 61 ? NH1 ? A ARG 61 NH1 
6 1 Y 1 A ARG 61 ? NH2 ? A ARG 61 NH2 
# 
loop_
_software.name 
_software.classification 
_software.version 
_software.citation_id 
_software.pdbx_ordinal 
X-PLOR 'model building' 3.1 ? 1 
X-PLOR refinement       3.1 ? 2 
XDS    'data reduction' .   ? 3 
X-PLOR phasing          3.1 ? 4 
# 
_cell.entry_id           1BFC 
_cell.length_a           33.150 
_cell.length_b           41.800 
_cell.length_c           85.900 
_cell.angle_alpha        90.00 
_cell.angle_beta         90.00 
_cell.angle_gamma        90.00 
_cell.Z_PDB              4 
_cell.pdbx_unique_axis   ? 
# 
_symmetry.entry_id                         1BFC 
_symmetry.space_group_name_H-M             'P 21 21 21' 
_symmetry.pdbx_full_space_group_name_H-M   ? 
_symmetry.cell_setting                     ? 
_symmetry.Int_Tables_number                19 
# 
_exptl.entry_id          1BFC 
_exptl.method            'X-RAY DIFFRACTION' 
_exptl.crystals_number   ? 
# 
_exptl_crystal.id                    1 
_exptl_crystal.density_meas          ? 
_exptl_crystal.density_Matthews      1.80 
_exptl_crystal.density_percent_sol   31.69 
_exptl_crystal.description           ? 
# 
_diffrn.id                     1 
_diffrn.ambient_temp           ? 
_diffrn.ambient_temp_details   ? 
_diffrn.crystal_id             1 
# 
_diffrn_detector.diffrn_id              1 
_diffrn_detector.detector               'AREA DETECTOR' 
_diffrn_detector.type                   ? 
_diffrn_detector.pdbx_collection_date   ? 
_diffrn_detector.details                ? 
# 
_diffrn_radiation.diffrn_id                        1 
_diffrn_radiation.wavelength_id                    1 
_diffrn_radiation.pdbx_monochromatic_or_laue_m_l   M 
_diffrn_radiation.monochromator                    ? 
_diffrn_radiation.pdbx_diffrn_protocol             ? 
_diffrn_radiation.pdbx_scattering_type             x-ray 
# 
_diffrn_radiation_wavelength.id           1 
_diffrn_radiation_wavelength.wavelength   1.54 
_diffrn_radiation_wavelength.wt           1.0 
# 
_diffrn_source.diffrn_id                   1 
_diffrn_source.source                      ? 
_diffrn_source.type                        ? 
_diffrn_source.pdbx_synchrotron_site       ? 
_diffrn_source.pdbx_synchrotron_beamline   ? 
_diffrn_source.pdbx_wavelength             1.54 
_diffrn_source.pdbx_wavelength_list        ? 
# 
_reflns.entry_id                     1BFC 
_reflns.observed_criterion_sigma_I   ? 
_reflns.observed_criterion_sigma_F   ? 
_reflns.d_resolution_low             40.0 
_reflns.d_resolution_high            2.2 
_reflns.number_obs                   6123 
_reflns.number_all                   ? 
_reflns.percent_possible_obs         94.7 
_reflns.pdbx_Rmerge_I_obs            ? 
_reflns.pdbx_Rsym_value              ? 
_reflns.pdbx_netI_over_sigmaI        ? 
_reflns.B_iso_Wilson_estimate        ? 
_reflns.pdbx_redundancy              ? 
_reflns.pdbx_ordinal                 1 
_reflns.pdbx_diffrn_id               1 
# 
_refine.entry_id                                 1BFC 
_refine.ls_number_reflns_obs                     5481 
_refine.ls_number_reflns_all                     ? 
_refine.pdbx_ls_sigma_I                          ? 
_refine.pdbx_ls_sigma_F                          1.0 
_refine.pdbx_data_cutoff_high_absF               ? 
_refine.pdbx_data_cutoff_low_absF                ? 
_refine.pdbx_data_cutoff_high_rms_absF           ? 
_refine.ls_d_res_low                             6. 
_refine.ls_d_res_high                            2.2 
_refine.ls_percent_reflns_obs                    89.9 
_refine.ls_R_factor_obs                          0.1880000 
_refine.ls_R_factor_all                          ? 
_refine.ls_R_factor_R_work                       0.1880000 
_refine.ls_R_factor_R_free                       ? 
_refine.ls_R_factor_R_free_error                 ? 
_refine.ls_R_factor_R_free_error_details         ? 
_refine.ls_percent_reflns_R_free                 ? 
_refine.ls_number_reflns_R_free                  ? 
_refine.ls_number_parameters                     ? 
_refine.ls_number_restraints                     ? 
_refine.occupancy_min                            ? 
_refine.occupancy_max                            ? 
_refine.B_iso_mean                               ? 
_refine.aniso_B[1][1]                            ? 
_refine.aniso_B[2][2]                            ? 
_refine.aniso_B[3][3]                            ? 
_refine.aniso_B[1][2]                            ? 
_refine.aniso_B[1][3]                            ? 
_refine.aniso_B[2][3]                            ? 
_refine.solvent_model_details                    ? 
_refine.solvent_model_param_ksol                 ? 
_refine.solvent_model_param_bsol                 ? 
_refine.pdbx_ls_cross_valid_method               ? 
_refine.details                                  ? 
_refine.pdbx_starting_model                      ? 
_refine.pdbx_method_to_determine_struct          ? 
_refine.pdbx_isotropic_thermal_model             ? 
_refine.pdbx_stereochemistry_target_values       ? 
_refine.pdbx_stereochem_target_val_spec_case     ? 
_refine.pdbx_R_Free_selection_details            ? 
_refine.pdbx_overall_ESU_R                       ? 
_refine.pdbx_overall_ESU_R_Free                  ? 
_refine.overall_SU_ML                            ? 
_refine.overall_SU_B                             ? 
_refine.pdbx_refine_id                           'X-RAY DIFFRACTION' 
_refine.pdbx_diffrn_id                           1 
_refine.pdbx_TLS_residual_ADP_flag               ? 
_refine.correlation_coeff_Fo_to_Fc               ? 
_refine.correlation_coeff_Fo_to_Fc_free          ? 
_refine.pdbx_solvent_vdw_probe_radii             ? 
_refine.pdbx_solvent_ion_probe_radii             ? 
_refine.pdbx_solvent_shrinkage_radii             ? 
_refine.pdbx_overall_phase_error                 ? 
_refine.overall_SU_R_Cruickshank_DPI             ? 
_refine.pdbx_overall_SU_R_free_Cruickshank_DPI   ? 
_refine.pdbx_overall_SU_R_Blow_DPI               ? 
_refine.pdbx_overall_SU_R_free_Blow_DPI          ? 
# 
_refine_hist.pdbx_refine_id                   'X-RAY DIFFRACTION' 
_refine_hist.cycle_id                         LAST 
_refine_hist.pdbx_number_atoms_protein        995 
_refine_hist.pdbx_number_atoms_nucleic_acid   0 
_refine_hist.pdbx_number_atoms_ligand         105 
_refine_hist.number_atoms_solvent             14 
_refine_hist.number_atoms_total               1114 
_refine_hist.d_res_high                       2.2 
_refine_hist.d_res_low                        6. 
# 
loop_
_refine_ls_restr.type 
_refine_ls_restr.dev_ideal 
_refine_ls_restr.dev_ideal_target 
_refine_ls_restr.weight 
_refine_ls_restr.number 
_refine_ls_restr.pdbx_refine_id 
_refine_ls_restr.pdbx_restraint_function 
x_bond_d                0.15 ? ? ? 'X-RAY DIFFRACTION' ? 
x_bond_d_na             ?    ? ? ? 'X-RAY DIFFRACTION' ? 
x_bond_d_prot           ?    ? ? ? 'X-RAY DIFFRACTION' ? 
x_angle_d               ?    ? ? ? 'X-RAY DIFFRACTION' ? 
x_angle_d_na            ?    ? ? ? 'X-RAY DIFFRACTION' ? 
x_angle_d_prot          ?    ? ? ? 'X-RAY DIFFRACTION' ? 
x_angle_deg             2.37 ? ? ? 'X-RAY DIFFRACTION' ? 
x_angle_deg_na          ?    ? ? ? 'X-RAY DIFFRACTION' ? 
x_angle_deg_prot        ?    ? ? ? 'X-RAY DIFFRACTION' ? 
x_dihedral_angle_d      ?    ? ? ? 'X-RAY DIFFRACTION' ? 
x_dihedral_angle_d_na   ?    ? ? ? 'X-RAY DIFFRACTION' ? 
x_dihedral_angle_d_prot ?    ? ? ? 'X-RAY DIFFRACTION' ? 
x_improper_angle_d      ?    ? ? ? 'X-RAY DIFFRACTION' ? 
x_improper_angle_d_na   ?    ? ? ? 'X-RAY DIFFRACTION' ? 
x_improper_angle_d_prot ?    ? ? ? 'X-RAY DIFFRACTION' ? 
x_mcbond_it             ?    ? ? ? 'X-RAY DIFFRACTION' ? 
x_mcangle_it            ?    ? ? ? 'X-RAY DIFFRACTION' ? 
x_scbond_it             ?    ? ? ? 'X-RAY DIFFRACTION' ? 
x_scangle_it            ?    ? ? ? 'X-RAY DIFFRACTION' ? 
# 
_struct.entry_id                  1BFC 
_struct.title                     'BASIC FIBROBLAST GROWTH FACTOR COMPLEXED WITH HEPARIN HEXAMER FRAGMENT' 
_struct.pdbx_model_details        ? 
_struct.pdbx_CASP_flag            ? 
_struct.pdbx_model_type_details   ? 
# 
_struct_keywords.entry_id        1BFC 
_struct_keywords.pdbx_keywords   'GROWTH FACTOR' 
_struct_keywords.text            'GROWTH FACTOR, MITOGEN, VASCULARIZATION, HEPARIN-BINDING' 
# 
loop_
_struct_asym.id 
_struct_asym.pdbx_blank_PDB_chainid_flag 
_struct_asym.pdbx_modified 
_struct_asym.entity_id 
_struct_asym.details 
A N N 1 ? 
B N N 2 ? 
C N N 3 ? 
# 
_struct_ref.id                         1 
_struct_ref.db_name                    UNP 
_struct_ref.db_code                    FGF2_HUMAN 
_struct_ref.entity_id                  1 
_struct_ref.pdbx_db_accession          P09038 
_struct_ref.pdbx_align_begin           1 
_struct_ref.pdbx_seq_one_letter_code   
;MAAGSITTLPALPEDGGSGAFPPGHFKDPKRLYCKNGGFFLRIHPDGRVDGVREKSDPHIKLQLQAEERGVVSIKGVCAN
RYLAMKEDGRLLASKCVTDECFFFERLESNNYNTYRSRKYTSWYVALKRTGQYKLGSKTGPGQKAILFLPMSAKS
;
_struct_ref.pdbx_db_isoform            ? 
# 
_struct_ref_seq.align_id                      1 
_struct_ref_seq.ref_id                        1 
_struct_ref_seq.pdbx_PDB_id_code              1BFC 
_struct_ref_seq.pdbx_strand_id                A 
_struct_ref_seq.seq_align_beg                 1 
_struct_ref_seq.pdbx_seq_align_beg_ins_code   ? 
_struct_ref_seq.seq_align_end                 147 
_struct_ref_seq.pdbx_seq_align_end_ins_code   ? 
_struct_ref_seq.pdbx_db_accession             P09038 
_struct_ref_seq.db_align_beg                  9 
_struct_ref_seq.pdbx_db_align_beg_ins_code    ? 
_struct_ref_seq.db_align_end                  155 
_struct_ref_seq.pdbx_db_align_end_ins_code    ? 
_struct_ref_seq.pdbx_auth_seq_align_beg       1 
_struct_ref_seq.pdbx_auth_seq_align_end       147 
# 
loop_
_struct_ref_seq_dif.align_id 
_struct_ref_seq_dif.pdbx_pdb_id_code 
_struct_ref_seq_dif.mon_id 
_struct_ref_seq_dif.pdbx_pdb_strand_id 
_struct_ref_seq_dif.seq_num 
_struct_ref_seq_dif.pdbx_pdb_ins_code 
_struct_ref_seq_dif.pdbx_seq_db_name 
_struct_ref_seq_dif.pdbx_seq_db_accession_code 
_struct_ref_seq_dif.db_mon_id 
_struct_ref_seq_dif.pdbx_seq_db_seq_num 
_struct_ref_seq_dif.details 
_struct_ref_seq_dif.pdbx_auth_seq_num 
_struct_ref_seq_dif.pdbx_ordinal 
1 1BFC SER A 70 ? UNP P09038 CYS 78 'engineered mutation' 70 1 
1 1BFC SER A 88 ? UNP P09038 CYS 96 'engineered mutation' 88 2 
# 
_pdbx_struct_assembly.id                   1 
_pdbx_struct_assembly.details              author_defined_assembly 
_pdbx_struct_assembly.method_details       ? 
_pdbx_struct_assembly.oligomeric_details   monomeric 
_pdbx_struct_assembly.oligomeric_count     1 
# 
_pdbx_struct_assembly_gen.assembly_id       1 
_pdbx_struct_assembly_gen.oper_expression   1 
_pdbx_struct_assembly_gen.asym_id_list      A,B,C 
# 
_pdbx_struct_oper_list.id                   1 
_pdbx_struct_oper_list.type                 'identity operation' 
_pdbx_struct_oper_list.name                 1_555 
_pdbx_struct_oper_list.symmetry_operation   x,y,z 
_pdbx_struct_oper_list.matrix[1][1]         1.0000000000 
_pdbx_struct_oper_list.matrix[1][2]         0.0000000000 
_pdbx_struct_oper_list.matrix[1][3]         0.0000000000 
_pdbx_struct_oper_list.vector[1]            0.0000000000 
_pdbx_struct_oper_list.matrix[2][1]         0.0000000000 
_pdbx_struct_oper_list.matrix[2][2]         1.0000000000 
_pdbx_struct_oper_list.matrix[2][3]         0.0000000000 
_pdbx_struct_oper_list.vector[2]            0.0000000000 
_pdbx_struct_oper_list.matrix[3][1]         0.0000000000 
_pdbx_struct_oper_list.matrix[3][2]         0.0000000000 
_pdbx_struct_oper_list.matrix[3][3]         1.0000000000 
_pdbx_struct_oper_list.vector[3]            0.0000000000 
# 
_struct_biol.id   1 
# 
loop_
_struct_conf.conf_type_id 
_struct_conf.id 
_struct_conf.pdbx_PDB_helix_id 
_struct_conf.beg_label_comp_id 
_struct_conf.beg_label_asym_id 
_struct_conf.beg_label_seq_id 
_struct_conf.pdbx_beg_PDB_ins_code 
_struct_conf.end_label_comp_id 
_struct_conf.end_label_asym_id 
_struct_conf.end_label_seq_id 
_struct_conf.pdbx_end_PDB_ins_code 
_struct_conf.beg_auth_comp_id 
_struct_conf.beg_auth_asym_id 
_struct_conf.beg_auth_seq_id 
_struct_conf.end_auth_comp_id 
_struct_conf.end_auth_asym_id 
_struct_conf.end_auth_seq_id 
_struct_conf.pdbx_PDB_helix_class 
_struct_conf.details 
_struct_conf.pdbx_PDB_helix_length 
HELX_P HELX_P1 1 PRO A 50  ? ILE A 52  ? PRO A 50  ILE A 52  5 ? 3 
HELX_P HELX_P2 2 ASP A 91  ? CYS A 93  ? ASP A 91  CYS A 93  5 ? 3 
HELX_P HELX_P3 3 SER A 101 ? ASN A 103 ? SER A 101 ASN A 103 5 ? 3 
HELX_P HELX_P4 4 GLY A 128 ? LYS A 130 ? GLY A 128 LYS A 130 5 ? 3 
# 
_struct_conf_type.id          HELX_P 
_struct_conf_type.criteria    ? 
_struct_conf_type.reference   ? 
# 
loop_
_struct_conn.id 
_struct_conn.conn_type_id 
_struct_conn.pdbx_leaving_atom_flag 
_struct_conn.pdbx_PDB_id 
_struct_conn.ptnr1_label_asym_id 
_struct_conn.ptnr1_label_comp_id 
_struct_conn.ptnr1_label_seq_id 
_struct_conn.ptnr1_label_atom_id 
_struct_conn.pdbx_ptnr1_label_alt_id 
_struct_conn.pdbx_ptnr1_PDB_ins_code 
_struct_conn.pdbx_ptnr1_standard_comp_id 
_struct_conn.ptnr1_symmetry 
_struct_conn.ptnr2_label_asym_id 
_struct_conn.ptnr2_label_comp_id 
_struct_conn.ptnr2_label_seq_id 
_struct_conn.ptnr2_label_atom_id 
_struct_conn.pdbx_ptnr2_label_alt_id 
_struct_conn.pdbx_ptnr2_PDB_ins_code 
_struct_conn.ptnr1_auth_asym_id 
_struct_conn.ptnr1_auth_comp_id 
_struct_conn.ptnr1_auth_seq_id 
_struct_conn.ptnr2_auth_asym_id 
_struct_conn.ptnr2_auth_comp_id 
_struct_conn.ptnr2_auth_seq_id 
_struct_conn.ptnr2_symmetry 
_struct_conn.pdbx_ptnr3_label_atom_id 
_struct_conn.pdbx_ptnr3_label_seq_id 
_struct_conn.pdbx_ptnr3_label_comp_id 
_struct_conn.pdbx_ptnr3_label_asym_id 
_struct_conn.pdbx_ptnr3_label_alt_id 
_struct_conn.pdbx_ptnr3_PDB_ins_code 
_struct_conn.details 
_struct_conn.pdbx_dist_value 
_struct_conn.pdbx_value_order 
_struct_conn.pdbx_role 
covale1 covale both ? B SGN . O4 ? ? ? 1_555 B IDS . C1 ? ? B SGN 1 B IDS 2 1_555 ? ? ? ? ? ? ? 1.411 ?    ? 
covale2 covale both ? B IDS . O4 ? ? ? 1_555 B SGN . C1 ? ? B IDS 2 B SGN 3 1_555 ? ? ? ? ? ? ? 1.413 sing ? 
covale3 covale both ? B SGN . O4 ? ? ? 1_555 B IDS . C1 ? ? B SGN 3 B IDS 4 1_555 ? ? ? ? ? ? ? 1.419 ?    ? 
covale4 covale both ? B IDS . O4 ? ? ? 1_555 B SGN . C1 ? ? B IDS 4 B SGN 5 1_555 ? ? ? ? ? ? ? 1.426 sing ? 
covale5 covale both ? B SGN . O4 ? ? ? 1_555 B UAP . C1 ? ? B SGN 5 B UAP 6 1_555 ? ? ? ? ? ? ? 1.425 ?    ? 
# 
_struct_conn_type.id          covale 
_struct_conn_type.criteria    ? 
_struct_conn_type.reference   ? 
# 
loop_
_struct_sheet.id 
_struct_sheet.type 
_struct_sheet.number_strands 
_struct_sheet.details 
A ? 2 ? 
B ? 2 ? 
C ? 2 ? 
D ? 2 ? 
E ? 2 ? 
# 
loop_
_struct_sheet_order.sheet_id 
_struct_sheet_order.range_id_1 
_struct_sheet_order.range_id_2 
_struct_sheet_order.offset 
_struct_sheet_order.sense 
A 1 2 ? anti-parallel 
B 1 2 ? anti-parallel 
C 1 2 ? anti-parallel 
D 1 2 ? anti-parallel 
E 1 2 ? anti-parallel 
# 
loop_
_struct_sheet_range.sheet_id 
_struct_sheet_range.id 
_struct_sheet_range.beg_label_comp_id 
_struct_sheet_range.beg_label_asym_id 
_struct_sheet_range.beg_label_seq_id 
_struct_sheet_range.pdbx_beg_PDB_ins_code 
_struct_sheet_range.end_label_comp_id 
_struct_sheet_range.end_label_asym_id 
_struct_sheet_range.end_label_seq_id 
_struct_sheet_range.pdbx_end_PDB_ins_code 
_struct_sheet_range.beg_auth_comp_id 
_struct_sheet_range.beg_auth_asym_id 
_struct_sheet_range.beg_auth_seq_id 
_struct_sheet_range.end_auth_comp_id 
_struct_sheet_range.end_auth_asym_id 
_struct_sheet_range.end_auth_seq_id 
A 1 ARG A 23  ? CYS A 26  ? ARG A 23  CYS A 26  
A 2 PHE A 140 ? MET A 143 ? PHE A 140 MET A 143 
B 1 PHE A 32  ? ILE A 35  ? PHE A 32  ILE A 35  
B 2 VAL A 41  ? VAL A 44  ? VAL A 41  VAL A 44  
C 1 LEU A 54  ? ALA A 58  ? LEU A 54  ALA A 58  
C 2 VAL A 64  ? GLY A 68  ? VAL A 64  GLY A 68  
D 1 TYR A 74  ? MET A 77  ? TYR A 74  MET A 77  
D 2 LEU A 83  ? SER A 86  ? LEU A 83  SER A 86  
E 1 PHE A 95  ? LEU A 99  ? PHE A 95  LEU A 99  
E 2 ASN A 105 ? SER A 109 ? ASN A 105 SER A 109 
# 
loop_
_pdbx_struct_sheet_hbond.sheet_id 
_pdbx_struct_sheet_hbond.range_id_1 
_pdbx_struct_sheet_hbond.range_id_2 
_pdbx_struct_sheet_hbond.range_1_label_atom_id 
_pdbx_struct_sheet_hbond.range_1_label_comp_id 
_pdbx_struct_sheet_hbond.range_1_label_asym_id 
_pdbx_struct_sheet_hbond.range_1_label_seq_id 
_pdbx_struct_sheet_hbond.range_1_PDB_ins_code 
_pdbx_struct_sheet_hbond.range_1_auth_atom_id 
_pdbx_struct_sheet_hbond.range_1_auth_comp_id 
_pdbx_struct_sheet_hbond.range_1_auth_asym_id 
_pdbx_struct_sheet_hbond.range_1_auth_seq_id 
_pdbx_struct_sheet_hbond.range_2_label_atom_id 
_pdbx_struct_sheet_hbond.range_2_label_comp_id 
_pdbx_struct_sheet_hbond.range_2_label_asym_id 
_pdbx_struct_sheet_hbond.range_2_label_seq_id 
_pdbx_struct_sheet_hbond.range_2_PDB_ins_code 
_pdbx_struct_sheet_hbond.range_2_auth_atom_id 
_pdbx_struct_sheet_hbond.range_2_auth_comp_id 
_pdbx_struct_sheet_hbond.range_2_auth_asym_id 
_pdbx_struct_sheet_hbond.range_2_auth_seq_id 
A 1 2 O ARG A 23 ? O ARG A 23 N MET A 143 ? N MET A 143 
B 1 2 O PHE A 32 ? O PHE A 32 N VAL A 44  ? N VAL A 44  
C 1 2 O GLN A 55 ? O GLN A 55 N LYS A 67  ? N LYS A 67  
D 1 2 O TYR A 74 ? O TYR A 74 N SER A 86  ? N SER A 86  
E 1 2 O PHE A 96 ? O PHE A 96 N ARG A 108 ? N ARG A 108 
# 
loop_
_pdbx_validate_rmsd_bond.id 
_pdbx_validate_rmsd_bond.PDB_model_num 
_pdbx_validate_rmsd_bond.auth_atom_id_1 
_pdbx_validate_rmsd_bond.auth_asym_id_1 
_pdbx_validate_rmsd_bond.auth_comp_id_1 
_pdbx_validate_rmsd_bond.auth_seq_id_1 
_pdbx_validate_rmsd_bond.PDB_ins_code_1 
_pdbx_validate_rmsd_bond.label_alt_id_1 
_pdbx_validate_rmsd_bond.auth_atom_id_2 
_pdbx_validate_rmsd_bond.auth_asym_id_2 
_pdbx_validate_rmsd_bond.auth_comp_id_2 
_pdbx_validate_rmsd_bond.auth_seq_id_2 
_pdbx_validate_rmsd_bond.PDB_ins_code_2 
_pdbx_validate_rmsd_bond.label_alt_id_2 
_pdbx_validate_rmsd_bond.bond_value 
_pdbx_validate_rmsd_bond.bond_target_value 
_pdbx_validate_rmsd_bond.bond_deviation 
_pdbx_validate_rmsd_bond.bond_standard_deviation 
_pdbx_validate_rmsd_bond.linker_flag 
1 1 NE2 A HIS 36 ? ? CD2 A HIS 36 ? ? 1.306 1.373 -0.067 0.011 N 
2 1 NE2 A HIS 51 ? ? CD2 A HIS 51 ? ? 1.304 1.373 -0.069 0.011 N 
# 
loop_
_pdbx_validate_rmsd_angle.id 
_pdbx_validate_rmsd_angle.PDB_model_num 
_pdbx_validate_rmsd_angle.auth_atom_id_1 
_pdbx_validate_rmsd_angle.auth_asym_id_1 
_pdbx_validate_rmsd_angle.auth_comp_id_1 
_pdbx_validate_rmsd_angle.auth_seq_id_1 
_pdbx_validate_rmsd_angle.PDB_ins_code_1 
_pdbx_validate_rmsd_angle.label_alt_id_1 
_pdbx_validate_rmsd_angle.auth_atom_id_2 
_pdbx_validate_rmsd_angle.auth_asym_id_2 
_pdbx_validate_rmsd_angle.auth_comp_id_2 
_pdbx_validate_rmsd_angle.auth_seq_id_2 
_pdbx_validate_rmsd_angle.PDB_ins_code_2 
_pdbx_validate_rmsd_angle.label_alt_id_2 
_pdbx_validate_rmsd_angle.auth_atom_id_3 
_pdbx_validate_rmsd_angle.auth_asym_id_3 
_pdbx_validate_rmsd_angle.auth_comp_id_3 
_pdbx_validate_rmsd_angle.auth_seq_id_3 
_pdbx_validate_rmsd_angle.PDB_ins_code_3 
_pdbx_validate_rmsd_angle.label_alt_id_3 
_pdbx_validate_rmsd_angle.angle_value 
_pdbx_validate_rmsd_angle.angle_target_value 
_pdbx_validate_rmsd_angle.angle_deviation 
_pdbx_validate_rmsd_angle.angle_standard_deviation 
_pdbx_validate_rmsd_angle.linker_flag 
1  1 NE  A ARG 34  ? ? CZ  A ARG 34  ? ? NH2 A ARG 34  ? ? 113.80 120.30 -6.50 0.50 N 
2  1 NE  A ARG 40  ? ? CZ  A ARG 40  ? ? NH1 A ARG 40  ? ? 114.84 120.30 -5.46 0.50 N 
3  1 NE  A ARG 40  ? ? CZ  A ARG 40  ? ? NH2 A ARG 40  ? ? 112.67 120.30 -7.63 0.50 N 
4  1 NE  A ARG 73  ? ? CZ  A ARG 73  ? ? NH2 A ARG 73  ? ? 117.14 120.30 -3.16 0.50 N 
5  1 NE  A ARG 108 ? ? CZ  A ARG 108 ? ? NH1 A ARG 108 ? ? 123.47 120.30 3.17  0.50 N 
6  1 NE  A ARG 108 ? ? CZ  A ARG 108 ? ? NH2 A ARG 108 ? ? 112.40 120.30 -7.90 0.50 N 
7  1 NE  A ARG 110 ? ? CZ  A ARG 110 ? ? NH2 A ARG 110 ? ? 116.55 120.30 -3.75 0.50 N 
8  1 CD1 A TRP 115 ? ? CG  A TRP 115 ? ? CD2 A TRP 115 ? ? 113.05 106.30 6.75  0.80 N 
9  1 CG  A TRP 115 ? ? CD1 A TRP 115 ? ? NE1 A TRP 115 ? ? 103.73 110.10 -6.37 1.00 N 
10 1 CE2 A TRP 115 ? ? CD2 A TRP 115 ? ? CG  A TRP 115 ? ? 102.13 107.30 -5.17 0.80 N 
# 
loop_
_pdbx_validate_torsion.id 
_pdbx_validate_torsion.PDB_model_num 
_pdbx_validate_torsion.auth_comp_id 
_pdbx_validate_torsion.auth_asym_id 
_pdbx_validate_torsion.auth_seq_id 
_pdbx_validate_torsion.PDB_ins_code 
_pdbx_validate_torsion.label_alt_id 
_pdbx_validate_torsion.phi 
_pdbx_validate_torsion.psi 
1 1 GLU A 59  ? ? -95.69 42.72  
2 1 GLU A 60  ? ? 101.46 155.21 
3 1 ARG A 61  ? ? -32.47 120.32 
4 1 ASN A 72  ? ? 71.43  30.88  
5 1 ARG A 82  ? ? -49.89 158.24 
6 1 ASP A 91  ? ? -59.59 -8.69  
7 1 ASN A 103 ? ? 87.91  9.01   
# 
loop_
_pdbx_validate_planes.id 
_pdbx_validate_planes.PDB_model_num 
_pdbx_validate_planes.auth_comp_id 
_pdbx_validate_planes.auth_asym_id 
_pdbx_validate_planes.auth_seq_id 
_pdbx_validate_planes.PDB_ins_code 
_pdbx_validate_planes.label_alt_id 
_pdbx_validate_planes.rmsd 
_pdbx_validate_planes.type 
1 1 ARG A 23  ? ? 0.082 'SIDE CHAIN' 
2 1 ARG A 34  ? ? 0.103 'SIDE CHAIN' 
3 1 ARG A 40  ? ? 0.125 'SIDE CHAIN' 
4 1 ASP A 42  ? ? 0.085 'SIDE CHAIN' 
5 1 GLU A 79  ? ? 0.073 'SIDE CHAIN' 
6 1 TYR A 107 ? ? 0.080 'SIDE CHAIN' 
7 1 ARG A 108 ? ? 0.076 'SIDE CHAIN' 
8 1 ARG A 121 ? ? 0.081 'SIDE CHAIN' 
9 1 TYR A 125 ? ? 0.067 'SIDE CHAIN' 
# 
loop_
_pdbx_validate_main_chain_plane.id 
_pdbx_validate_main_chain_plane.PDB_model_num 
_pdbx_validate_main_chain_plane.auth_comp_id 
_pdbx_validate_main_chain_plane.auth_asym_id 
_pdbx_validate_main_chain_plane.auth_seq_id 
_pdbx_validate_main_chain_plane.PDB_ins_code 
_pdbx_validate_main_chain_plane.label_alt_id 
_pdbx_validate_main_chain_plane.improper_torsion_angle 
1  1 LYS A 22  ? ? 14.41  
2  1 ARG A 23  ? ? 13.37  
3  1 LYS A 27  ? ? -11.03 
4  1 GLY A 30  ? ? 11.87  
5  1 HIS A 36  ? ? -11.19 
6  1 ASP A 38  ? ? 13.57  
7  1 GLY A 39  ? ? -11.91 
8  1 GLY A 43  ? ? 16.91  
9  1 VAL A 44  ? ? -19.62 
10 1 LYS A 47  ? ? -10.14 
11 1 SER A 48  ? ? 10.36  
12 1 ILE A 52  ? ? 14.87  
13 1 LEU A 54  ? ? -10.82 
14 1 LEU A 56  ? ? 15.90  
15 1 GLU A 59  ? ? 15.69  
16 1 SER A 65  ? ? 11.94  
17 1 ILE A 66  ? ? -16.23 
18 1 SER A 70  ? ? 19.01  
19 1 ALA A 71  ? ? 15.07  
20 1 LYS A 78  ? ? -11.23 
21 1 GLY A 81  ? ? 10.59  
22 1 ARG A 82  ? ? -11.67 
23 1 LEU A 83  ? ? 13.58  
24 1 ALA A 85  ? ? -10.13 
25 1 SER A 88  ? ? -13.34 
26 1 THR A 90  ? ? 12.32  
27 1 ASP A 91  ? ? -17.19 
28 1 GLU A 92  ? ? -15.34 
29 1 GLU A 97  ? ? 16.13  
30 1 ARG A 98  ? ? 11.51  
31 1 LEU A 99  ? ? 12.51  
32 1 GLU A 100 ? ? -13.49 
33 1 ASN A 102 ? ? 13.52  
34 1 ASN A 103 ? ? 19.77  
35 1 THR A 106 ? ? 11.63  
36 1 SER A 109 ? ? 11.39  
37 1 LYS A 111 ? ? 13.77  
38 1 TYR A 112 ? ? 12.23  
39 1 TRP A 115 ? ? 13.09  
40 1 TYR A 116 ? ? -11.56 
41 1 LYS A 120 ? ? -12.20 
42 1 GLY A 123 ? ? 13.87  
43 1 GLN A 124 ? ? 12.52  
44 1 SER A 129 ? ? -11.22 
45 1 THR A 131 ? ? -14.30 
46 1 GLY A 132 ? ? -11.63 
47 1 GLY A 134 ? ? -11.34 
48 1 GLN A 135 ? ? 14.79  
49 1 ALA A 137 ? ? -14.18 
50 1 ILE A 138 ? ? 13.19  
51 1 PHE A 140 ? ? 11.71  
52 1 LEU A 141 ? ? 14.41  
53 1 MET A 143 ? ? -10.47 
# 
loop_
_pdbx_unobs_or_zero_occ_residues.id 
_pdbx_unobs_or_zero_occ_residues.PDB_model_num 
_pdbx_unobs_or_zero_occ_residues.polymer_flag 
_pdbx_unobs_or_zero_occ_residues.occupancy_flag 
_pdbx_unobs_or_zero_occ_residues.auth_asym_id 
_pdbx_unobs_or_zero_occ_residues.auth_comp_id 
_pdbx_unobs_or_zero_occ_residues.auth_seq_id 
_pdbx_unobs_or_zero_occ_residues.PDB_ins_code 
_pdbx_unobs_or_zero_occ_residues.label_asym_id 
_pdbx_unobs_or_zero_occ_residues.label_comp_id 
_pdbx_unobs_or_zero_occ_residues.label_seq_id 
1  1 Y 1 A LEU 1   ? A LEU 1   
2  1 Y 1 A PRO 2   ? A PRO 2   
3  1 Y 1 A ALA 3   ? A ALA 3   
4  1 Y 1 A LEU 4   ? A LEU 4   
5  1 Y 1 A PRO 5   ? A PRO 5   
6  1 Y 1 A GLU 6   ? A GLU 6   
7  1 Y 1 A ASP 7   ? A ASP 7   
8  1 Y 1 A GLY 8   ? A GLY 8   
9  1 Y 1 A GLY 9   ? A GLY 9   
10 1 Y 1 A SER 10  ? A SER 10  
11 1 Y 1 A GLY 11  ? A GLY 11  
12 1 Y 1 A ALA 12  ? A ALA 12  
13 1 Y 1 A PHE 13  ? A PHE 13  
14 1 Y 1 A PRO 14  ? A PRO 14  
15 1 Y 1 A PRO 15  ? A PRO 15  
16 1 Y 1 A GLY 16  ? A GLY 16  
17 1 Y 1 A HIS 17  ? A HIS 17  
18 1 Y 1 A PHE 18  ? A PHE 18  
19 1 Y 1 A LYS 19  ? A LYS 19  
20 1 Y 1 A ASP 20  ? A ASP 20  
21 1 Y 1 A ALA 145 ? A ALA 145 
22 1 Y 1 A LYS 146 ? A LYS 146 
23 1 Y 1 A SER 147 ? A SER 147 
# 
loop_
_chem_comp_atom.comp_id 
_chem_comp_atom.atom_id 
_chem_comp_atom.type_symbol 
_chem_comp_atom.pdbx_aromatic_flag 
_chem_comp_atom.pdbx_stereo_config 
_chem_comp_atom.pdbx_ordinal 
ALA N    N N N 1   
ALA CA   C N S 2   
ALA C    C N N 3   
ALA O    O N N 4   
ALA CB   C N N 5   
ALA OXT  O N N 6   
ALA H    H N N 7   
ALA H2   H N N 8   
ALA HA   H N N 9   
ALA HB1  H N N 10  
ALA HB2  H N N 11  
ALA HB3  H N N 12  
ALA HXT  H N N 13  
ARG N    N N N 14  
ARG CA   C N S 15  
ARG C    C N N 16  
ARG O    O N N 17  
ARG CB   C N N 18  
ARG CG   C N N 19  
ARG CD   C N N 20  
ARG NE   N N N 21  
ARG CZ   C N N 22  
ARG NH1  N N N 23  
ARG NH2  N N N 24  
ARG OXT  O N N 25  
ARG H    H N N 26  
ARG H2   H N N 27  
ARG HA   H N N 28  
ARG HB2  H N N 29  
ARG HB3  H N N 30  
ARG HG2  H N N 31  
ARG HG3  H N N 32  
ARG HD2  H N N 33  
ARG HD3  H N N 34  
ARG HE   H N N 35  
ARG HH11 H N N 36  
ARG HH12 H N N 37  
ARG HH21 H N N 38  
ARG HH22 H N N 39  
ARG HXT  H N N 40  
ASN N    N N N 41  
ASN CA   C N S 42  
ASN C    C N N 43  
ASN O    O N N 44  
ASN CB   C N N 45  
ASN CG   C N N 46  
ASN OD1  O N N 47  
ASN ND2  N N N 48  
ASN OXT  O N N 49  
ASN H    H N N 50  
ASN H2   H N N 51  
ASN HA   H N N 52  
ASN HB2  H N N 53  
ASN HB3  H N N 54  
ASN HD21 H N N 55  
ASN HD22 H N N 56  
ASN HXT  H N N 57  
ASP N    N N N 58  
ASP CA   C N S 59  
ASP C    C N N 60  
ASP O    O N N 61  
ASP CB   C N N 62  
ASP CG   C N N 63  
ASP OD1  O N N 64  
ASP OD2  O N N 65  
ASP OXT  O N N 66  
ASP H    H N N 67  
ASP H2   H N N 68  
ASP HA   H N N 69  
ASP HB2  H N N 70  
ASP HB3  H N N 71  
ASP HD2  H N N 72  
ASP HXT  H N N 73  
CYS N    N N N 74  
CYS CA   C N R 75  
CYS C    C N N 76  
CYS O    O N N 77  
CYS CB   C N N 78  
CYS SG   S N N 79  
CYS OXT  O N N 80  
CYS H    H N N 81  
CYS H2   H N N 82  
CYS HA   H N N 83  
CYS HB2  H N N 84  
CYS HB3  H N N 85  
CYS HG   H N N 86  
CYS HXT  H N N 87  
GLN N    N N N 88  
GLN CA   C N S 89  
GLN C    C N N 90  
GLN O    O N N 91  
GLN CB   C N N 92  
GLN CG   C N N 93  
GLN CD   C N N 94  
GLN OE1  O N N 95  
GLN NE2  N N N 96  
GLN OXT  O N N 97  
GLN H    H N N 98  
GLN H2   H N N 99  
GLN HA   H N N 100 
GLN HB2  H N N 101 
GLN HB3  H N N 102 
GLN HG2  H N N 103 
GLN HG3  H N N 104 
GLN HE21 H N N 105 
GLN HE22 H N N 106 
GLN HXT  H N N 107 
GLU N    N N N 108 
GLU CA   C N S 109 
GLU C    C N N 110 
GLU O    O N N 111 
GLU CB   C N N 112 
GLU CG   C N N 113 
GLU CD   C N N 114 
GLU OE1  O N N 115 
GLU OE2  O N N 116 
GLU OXT  O N N 117 
GLU H    H N N 118 
GLU H2   H N N 119 
GLU HA   H N N 120 
GLU HB2  H N N 121 
GLU HB3  H N N 122 
GLU HG2  H N N 123 
GLU HG3  H N N 124 
GLU HE2  H N N 125 
GLU HXT  H N N 126 
GLY N    N N N 127 
GLY CA   C N N 128 
GLY C    C N N 129 
GLY O    O N N 130 
GLY OXT  O N N 131 
GLY H    H N N 132 
GLY H2   H N N 133 
GLY HA2  H N N 134 
GLY HA3  H N N 135 
GLY HXT  H N N 136 
HIS N    N N N 137 
HIS CA   C N S 138 
HIS C    C N N 139 
HIS O    O N N 140 
HIS CB   C N N 141 
HIS CG   C Y N 142 
HIS ND1  N Y N 143 
HIS CD2  C Y N 144 
HIS CE1  C Y N 145 
HIS NE2  N Y N 146 
HIS OXT  O N N 147 
HIS H    H N N 148 
HIS H2   H N N 149 
HIS HA   H N N 150 
HIS HB2  H N N 151 
HIS HB3  H N N 152 
HIS HD1  H N N 153 
HIS HD2  H N N 154 
HIS HE1  H N N 155 
HIS HE2  H N N 156 
HIS HXT  H N N 157 
HOH O    O N N 158 
HOH H1   H N N 159 
HOH H2   H N N 160 
IDS C1   C N R 161 
IDS C2   C N R 162 
IDS C3   C N S 163 
IDS C4   C N S 164 
IDS C5   C N R 165 
IDS C6   C N N 166 
IDS O1   O N N 167 
IDS O2   O N N 168 
IDS O3   O N N 169 
IDS O4   O N N 170 
IDS O5   O N N 171 
IDS O6A  O N N 172 
IDS O6B  O N N 173 
IDS S    S N N 174 
IDS O1S  O N N 175 
IDS O2S  O N N 176 
IDS O3S  O N N 177 
IDS H1   H N N 178 
IDS H2   H N N 179 
IDS H3   H N N 180 
IDS H4   H N N 181 
IDS H5   H N N 182 
IDS HO1  H N N 183 
IDS HO3  H N N 184 
IDS HO4  H N N 185 
IDS HO6B H N N 186 
IDS HOS3 H N N 187 
ILE N    N N N 188 
ILE CA   C N S 189 
ILE C    C N N 190 
ILE O    O N N 191 
ILE CB   C N S 192 
ILE CG1  C N N 193 
ILE CG2  C N N 194 
ILE CD1  C N N 195 
ILE OXT  O N N 196 
ILE H    H N N 197 
ILE H2   H N N 198 
ILE HA   H N N 199 
ILE HB   H N N 200 
ILE HG12 H N N 201 
ILE HG13 H N N 202 
ILE HG21 H N N 203 
ILE HG22 H N N 204 
ILE HG23 H N N 205 
ILE HD11 H N N 206 
ILE HD12 H N N 207 
ILE HD13 H N N 208 
ILE HXT  H N N 209 
LEU N    N N N 210 
LEU CA   C N S 211 
LEU C    C N N 212 
LEU O    O N N 213 
LEU CB   C N N 214 
LEU CG   C N N 215 
LEU CD1  C N N 216 
LEU CD2  C N N 217 
LEU OXT  O N N 218 
LEU H    H N N 219 
LEU H2   H N N 220 
LEU HA   H N N 221 
LEU HB2  H N N 222 
LEU HB3  H N N 223 
LEU HG   H N N 224 
LEU HD11 H N N 225 
LEU HD12 H N N 226 
LEU HD13 H N N 227 
LEU HD21 H N N 228 
LEU HD22 H N N 229 
LEU HD23 H N N 230 
LEU HXT  H N N 231 
LYS N    N N N 232 
LYS CA   C N S 233 
LYS C    C N N 234 
LYS O    O N N 235 
LYS CB   C N N 236 
LYS CG   C N N 237 
LYS CD   C N N 238 
LYS CE   C N N 239 
LYS NZ   N N N 240 
LYS OXT  O N N 241 
LYS H    H N N 242 
LYS H2   H N N 243 
LYS HA   H N N 244 
LYS HB2  H N N 245 
LYS HB3  H N N 246 
LYS HG2  H N N 247 
LYS HG3  H N N 248 
LYS HD2  H N N 249 
LYS HD3  H N N 250 
LYS HE2  H N N 251 
LYS HE3  H N N 252 
LYS HZ1  H N N 253 
LYS HZ2  H N N 254 
LYS HZ3  H N N 255 
LYS HXT  H N N 256 
MET N    N N N 257 
MET CA   C N S 258 
MET C    C N N 259 
MET O    O N N 260 
MET CB   C N N 261 
MET CG   C N N 262 
MET SD   S N N 263 
MET CE   C N N 264 
MET OXT  O N N 265 
MET H    H N N 266 
MET H2   H N N 267 
MET HA   H N N 268 
MET HB2  H N N 269 
MET HB3  H N N 270 
MET HG2  H N N 271 
MET HG3  H N N 272 
MET HE1  H N N 273 
MET HE2  H N N 274 
MET HE3  H N N 275 
MET HXT  H N N 276 
PHE N    N N N 277 
PHE CA   C N S 278 
PHE C    C N N 279 
PHE O    O N N 280 
PHE CB   C N N 281 
PHE CG   C Y N 282 
PHE CD1  C Y N 283 
PHE CD2  C Y N 284 
PHE CE1  C Y N 285 
PHE CE2  C Y N 286 
PHE CZ   C Y N 287 
PHE OXT  O N N 288 
PHE H    H N N 289 
PHE H2   H N N 290 
PHE HA   H N N 291 
PHE HB2  H N N 292 
PHE HB3  H N N 293 
PHE HD1  H N N 294 
PHE HD2  H N N 295 
PHE HE1  H N N 296 
PHE HE2  H N N 297 
PHE HZ   H N N 298 
PHE HXT  H N N 299 
PRO N    N N N 300 
PRO CA   C N S 301 
PRO C    C N N 302 
PRO O    O N N 303 
PRO CB   C N N 304 
PRO CG   C N N 305 
PRO CD   C N N 306 
PRO OXT  O N N 307 
PRO H    H N N 308 
PRO HA   H N N 309 
PRO HB2  H N N 310 
PRO HB3  H N N 311 
PRO HG2  H N N 312 
PRO HG3  H N N 313 
PRO HD2  H N N 314 
PRO HD3  H N N 315 
PRO HXT  H N N 316 
SER N    N N N 317 
SER CA   C N S 318 
SER C    C N N 319 
SER O    O N N 320 
SER CB   C N N 321 
SER OG   O N N 322 
SER OXT  O N N 323 
SER H    H N N 324 
SER H2   H N N 325 
SER HA   H N N 326 
SER HB2  H N N 327 
SER HB3  H N N 328 
SER HG   H N N 329 
SER HXT  H N N 330 
SGN C1   C N S 331 
SGN C2   C N R 332 
SGN C3   C N R 333 
SGN C4   C N S 334 
SGN C5   C N R 335 
SGN C6   C N N 336 
SGN N2   N N N 337 
SGN O1   O N N 338 
SGN O3   O N N 339 
SGN O4   O N N 340 
SGN O5   O N N 341 
SGN O6   O N N 342 
SGN S1   S N N 343 
SGN O1S  O N N 344 
SGN O2S  O N N 345 
SGN O3S  O N N 346 
SGN S2   S N N 347 
SGN O4S  O N N 348 
SGN O5S  O N N 349 
SGN O6S  O N N 350 
SGN H1   H N N 351 
SGN H2   H N N 352 
SGN H3   H N N 353 
SGN H4   H N N 354 
SGN H5   H N N 355 
SGN H61  H N N 356 
SGN H62  H N N 357 
SGN HN21 H N N 358 
SGN HO1  H N N 359 
SGN HO3  H N N 360 
SGN HO4  H N N 361 
SGN HOS3 H N N 362 
SGN HOS6 H N N 363 
THR N    N N N 364 
THR CA   C N S 365 
THR C    C N N 366 
THR O    O N N 367 
THR CB   C N R 368 
THR OG1  O N N 369 
THR CG2  C N N 370 
THR OXT  O N N 371 
THR H    H N N 372 
THR H2   H N N 373 
THR HA   H N N 374 
THR HB   H N N 375 
THR HG1  H N N 376 
THR HG21 H N N 377 
THR HG22 H N N 378 
THR HG23 H N N 379 
THR HXT  H N N 380 
TRP N    N N N 381 
TRP CA   C N S 382 
TRP C    C N N 383 
TRP O    O N N 384 
TRP CB   C N N 385 
TRP CG   C Y N 386 
TRP CD1  C Y N 387 
TRP CD2  C Y N 388 
TRP NE1  N Y N 389 
TRP CE2  C Y N 390 
TRP CE3  C Y N 391 
TRP CZ2  C Y N 392 
TRP CZ3  C Y N 393 
TRP CH2  C Y N 394 
TRP OXT  O N N 395 
TRP H    H N N 396 
TRP H2   H N N 397 
TRP HA   H N N 398 
TRP HB2  H N N 399 
TRP HB3  H N N 400 
TRP HD1  H N N 401 
TRP HE1  H N N 402 
TRP HE3  H N N 403 
TRP HZ2  H N N 404 
TRP HZ3  H N N 405 
TRP HH2  H N N 406 
TRP HXT  H N N 407 
TYR N    N N N 408 
TYR CA   C N S 409 
TYR C    C N N 410 
TYR O    O N N 411 
TYR CB   C N N 412 
TYR CG   C Y N 413 
TYR CD1  C Y N 414 
TYR CD2  C Y N 415 
TYR CE1  C Y N 416 
TYR CE2  C Y N 417 
TYR CZ   C Y N 418 
TYR OH   O N N 419 
TYR OXT  O N N 420 
TYR H    H N N 421 
TYR H2   H N N 422 
TYR HA   H N N 423 
TYR HB2  H N N 424 
TYR HB3  H N N 425 
TYR HD1  H N N 426 
TYR HD2  H N N 427 
TYR HE1  H N N 428 
TYR HE2  H N N 429 
TYR HH   H N N 430 
TYR HXT  H N N 431 
UAP S    S N N 432 
UAP C1   C N R 433 
UAP O1   O N N 434 
UAP C2   C N R 435 
UAP O2   O N N 436 
UAP C3   C N S 437 
UAP O3   O N N 438 
UAP C4   C N N 439 
UAP C5   C N N 440 
UAP O5   O N N 441 
UAP C6   C N N 442 
UAP O1S  O N N 443 
UAP O2S  O N N 444 
UAP O3S  O N N 445 
UAP O6B  O N N 446 
UAP O6A  O N N 447 
UAP H1   H N N 448 
UAP HO1  H N N 449 
UAP H2   H N N 450 
UAP H3   H N N 451 
UAP HO3  H N N 452 
UAP H4   H N N 453 
UAP HO1S H N N 454 
UAP HO6B H N N 455 
VAL N    N N N 456 
VAL CA   C N S 457 
VAL C    C N N 458 
VAL O    O N N 459 
VAL CB   C N N 460 
VAL CG1  C N N 461 
VAL CG2  C N N 462 
VAL OXT  O N N 463 
VAL H    H N N 464 
VAL H2   H N N 465 
VAL HA   H N N 466 
VAL HB   H N N 467 
VAL HG11 H N N 468 
VAL HG12 H N N 469 
VAL HG13 H N N 470 
VAL HG21 H N N 471 
VAL HG22 H N N 472 
VAL HG23 H N N 473 
VAL HXT  H N N 474 
# 
loop_
_chem_comp_bond.comp_id 
_chem_comp_bond.atom_id_1 
_chem_comp_bond.atom_id_2 
_chem_comp_bond.value_order 
_chem_comp_bond.pdbx_aromatic_flag 
_chem_comp_bond.pdbx_stereo_config 
_chem_comp_bond.pdbx_ordinal 
ALA N   CA   sing N N 1   
ALA N   H    sing N N 2   
ALA N   H2   sing N N 3   
ALA CA  C    sing N N 4   
ALA CA  CB   sing N N 5   
ALA CA  HA   sing N N 6   
ALA C   O    doub N N 7   
ALA C   OXT  sing N N 8   
ALA CB  HB1  sing N N 9   
ALA CB  HB2  sing N N 10  
ALA CB  HB3  sing N N 11  
ALA OXT HXT  sing N N 12  
ARG N   CA   sing N N 13  
ARG N   H    sing N N 14  
ARG N   H2   sing N N 15  
ARG CA  C    sing N N 16  
ARG CA  CB   sing N N 17  
ARG CA  HA   sing N N 18  
ARG C   O    doub N N 19  
ARG C   OXT  sing N N 20  
ARG CB  CG   sing N N 21  
ARG CB  HB2  sing N N 22  
ARG CB  HB3  sing N N 23  
ARG CG  CD   sing N N 24  
ARG CG  HG2  sing N N 25  
ARG CG  HG3  sing N N 26  
ARG CD  NE   sing N N 27  
ARG CD  HD2  sing N N 28  
ARG CD  HD3  sing N N 29  
ARG NE  CZ   sing N N 30  
ARG NE  HE   sing N N 31  
ARG CZ  NH1  sing N N 32  
ARG CZ  NH2  doub N N 33  
ARG NH1 HH11 sing N N 34  
ARG NH1 HH12 sing N N 35  
ARG NH2 HH21 sing N N 36  
ARG NH2 HH22 sing N N 37  
ARG OXT HXT  sing N N 38  
ASN N   CA   sing N N 39  
ASN N   H    sing N N 40  
ASN N   H2   sing N N 41  
ASN CA  C    sing N N 42  
ASN CA  CB   sing N N 43  
ASN CA  HA   sing N N 44  
ASN C   O    doub N N 45  
ASN C   OXT  sing N N 46  
ASN CB  CG   sing N N 47  
ASN CB  HB2  sing N N 48  
ASN CB  HB3  sing N N 49  
ASN CG  OD1  doub N N 50  
ASN CG  ND2  sing N N 51  
ASN ND2 HD21 sing N N 52  
ASN ND2 HD22 sing N N 53  
ASN OXT HXT  sing N N 54  
ASP N   CA   sing N N 55  
ASP N   H    sing N N 56  
ASP N   H2   sing N N 57  
ASP CA  C    sing N N 58  
ASP CA  CB   sing N N 59  
ASP CA  HA   sing N N 60  
ASP C   O    doub N N 61  
ASP C   OXT  sing N N 62  
ASP CB  CG   sing N N 63  
ASP CB  HB2  sing N N 64  
ASP CB  HB3  sing N N 65  
ASP CG  OD1  doub N N 66  
ASP CG  OD2  sing N N 67  
ASP OD2 HD2  sing N N 68  
ASP OXT HXT  sing N N 69  
CYS N   CA   sing N N 70  
CYS N   H    sing N N 71  
CYS N   H2   sing N N 72  
CYS CA  C    sing N N 73  
CYS CA  CB   sing N N 74  
CYS CA  HA   sing N N 75  
CYS C   O    doub N N 76  
CYS C   OXT  sing N N 77  
CYS CB  SG   sing N N 78  
CYS CB  HB2  sing N N 79  
CYS CB  HB3  sing N N 80  
CYS SG  HG   sing N N 81  
CYS OXT HXT  sing N N 82  
GLN N   CA   sing N N 83  
GLN N   H    sing N N 84  
GLN N   H2   sing N N 85  
GLN CA  C    sing N N 86  
GLN CA  CB   sing N N 87  
GLN CA  HA   sing N N 88  
GLN C   O    doub N N 89  
GLN C   OXT  sing N N 90  
GLN CB  CG   sing N N 91  
GLN CB  HB2  sing N N 92  
GLN CB  HB3  sing N N 93  
GLN CG  CD   sing N N 94  
GLN CG  HG2  sing N N 95  
GLN CG  HG3  sing N N 96  
GLN CD  OE1  doub N N 97  
GLN CD  NE2  sing N N 98  
GLN NE2 HE21 sing N N 99  
GLN NE2 HE22 sing N N 100 
GLN OXT HXT  sing N N 101 
GLU N   CA   sing N N 102 
GLU N   H    sing N N 103 
GLU N   H2   sing N N 104 
GLU CA  C    sing N N 105 
GLU CA  CB   sing N N 106 
GLU CA  HA   sing N N 107 
GLU C   O    doub N N 108 
GLU C   OXT  sing N N 109 
GLU CB  CG   sing N N 110 
GLU CB  HB2  sing N N 111 
GLU CB  HB3  sing N N 112 
GLU CG  CD   sing N N 113 
GLU CG  HG2  sing N N 114 
GLU CG  HG3  sing N N 115 
GLU CD  OE1  doub N N 116 
GLU CD  OE2  sing N N 117 
GLU OE2 HE2  sing N N 118 
GLU OXT HXT  sing N N 119 
GLY N   CA   sing N N 120 
GLY N   H    sing N N 121 
GLY N   H2   sing N N 122 
GLY CA  C    sing N N 123 
GLY CA  HA2  sing N N 124 
GLY CA  HA3  sing N N 125 
GLY C   O    doub N N 126 
GLY C   OXT  sing N N 127 
GLY OXT HXT  sing N N 128 
HIS N   CA   sing N N 129 
HIS N   H    sing N N 130 
HIS N   H2   sing N N 131 
HIS CA  C    sing N N 132 
HIS CA  CB   sing N N 133 
HIS CA  HA   sing N N 134 
HIS C   O    doub N N 135 
HIS C   OXT  sing N N 136 
HIS CB  CG   sing N N 137 
HIS CB  HB2  sing N N 138 
HIS CB  HB3  sing N N 139 
HIS CG  ND1  sing Y N 140 
HIS CG  CD2  doub Y N 141 
HIS ND1 CE1  doub Y N 142 
HIS ND1 HD1  sing N N 143 
HIS CD2 NE2  sing Y N 144 
HIS CD2 HD2  sing N N 145 
HIS CE1 NE2  sing Y N 146 
HIS CE1 HE1  sing N N 147 
HIS NE2 HE2  sing N N 148 
HIS OXT HXT  sing N N 149 
HOH O   H1   sing N N 150 
HOH O   H2   sing N N 151 
IDS C1  C2   sing N N 152 
IDS C1  O1   sing N N 153 
IDS C1  O5   sing N N 154 
IDS C1  H1   sing N N 155 
IDS C2  C3   sing N N 156 
IDS C2  O2   sing N N 157 
IDS C2  H2   sing N N 158 
IDS C3  C4   sing N N 159 
IDS C3  O3   sing N N 160 
IDS C3  H3   sing N N 161 
IDS C4  C5   sing N N 162 
IDS C4  O4   sing N N 163 
IDS C4  H4   sing N N 164 
IDS C5  C6   sing N N 165 
IDS C5  O5   sing N N 166 
IDS C5  H5   sing N N 167 
IDS C6  O6A  doub N N 168 
IDS C6  O6B  sing N N 169 
IDS O1  HO1  sing N N 170 
IDS O2  S    sing N N 171 
IDS O3  HO3  sing N N 172 
IDS O4  HO4  sing N N 173 
IDS O6B HO6B sing N N 174 
IDS S   O1S  doub N N 175 
IDS S   O2S  doub N N 176 
IDS S   O3S  sing N N 177 
IDS O3S HOS3 sing N N 178 
ILE N   CA   sing N N 179 
ILE N   H    sing N N 180 
ILE N   H2   sing N N 181 
ILE CA  C    sing N N 182 
ILE CA  CB   sing N N 183 
ILE CA  HA   sing N N 184 
ILE C   O    doub N N 185 
ILE C   OXT  sing N N 186 
ILE CB  CG1  sing N N 187 
ILE CB  CG2  sing N N 188 
ILE CB  HB   sing N N 189 
ILE CG1 CD1  sing N N 190 
ILE CG1 HG12 sing N N 191 
ILE CG1 HG13 sing N N 192 
ILE CG2 HG21 sing N N 193 
ILE CG2 HG22 sing N N 194 
ILE CG2 HG23 sing N N 195 
ILE CD1 HD11 sing N N 196 
ILE CD1 HD12 sing N N 197 
ILE CD1 HD13 sing N N 198 
ILE OXT HXT  sing N N 199 
LEU N   CA   sing N N 200 
LEU N   H    sing N N 201 
LEU N   H2   sing N N 202 
LEU CA  C    sing N N 203 
LEU CA  CB   sing N N 204 
LEU CA  HA   sing N N 205 
LEU C   O    doub N N 206 
LEU C   OXT  sing N N 207 
LEU CB  CG   sing N N 208 
LEU CB  HB2  sing N N 209 
LEU CB  HB3  sing N N 210 
LEU CG  CD1  sing N N 211 
LEU CG  CD2  sing N N 212 
LEU CG  HG   sing N N 213 
LEU CD1 HD11 sing N N 214 
LEU CD1 HD12 sing N N 215 
LEU CD1 HD13 sing N N 216 
LEU CD2 HD21 sing N N 217 
LEU CD2 HD22 sing N N 218 
LEU CD2 HD23 sing N N 219 
LEU OXT HXT  sing N N 220 
LYS N   CA   sing N N 221 
LYS N   H    sing N N 222 
LYS N   H2   sing N N 223 
LYS CA  C    sing N N 224 
LYS CA  CB   sing N N 225 
LYS CA  HA   sing N N 226 
LYS C   O    doub N N 227 
LYS C   OXT  sing N N 228 
LYS CB  CG   sing N N 229 
LYS CB  HB2  sing N N 230 
LYS CB  HB3  sing N N 231 
LYS CG  CD   sing N N 232 
LYS CG  HG2  sing N N 233 
LYS CG  HG3  sing N N 234 
LYS CD  CE   sing N N 235 
LYS CD  HD2  sing N N 236 
LYS CD  HD3  sing N N 237 
LYS CE  NZ   sing N N 238 
LYS CE  HE2  sing N N 239 
LYS CE  HE3  sing N N 240 
LYS NZ  HZ1  sing N N 241 
LYS NZ  HZ2  sing N N 242 
LYS NZ  HZ3  sing N N 243 
LYS OXT HXT  sing N N 244 
MET N   CA   sing N N 245 
MET N   H    sing N N 246 
MET N   H2   sing N N 247 
MET CA  C    sing N N 248 
MET CA  CB   sing N N 249 
MET CA  HA   sing N N 250 
MET C   O    doub N N 251 
MET C   OXT  sing N N 252 
MET CB  CG   sing N N 253 
MET CB  HB2  sing N N 254 
MET CB  HB3  sing N N 255 
MET CG  SD   sing N N 256 
MET CG  HG2  sing N N 257 
MET CG  HG3  sing N N 258 
MET SD  CE   sing N N 259 
MET CE  HE1  sing N N 260 
MET CE  HE2  sing N N 261 
MET CE  HE3  sing N N 262 
MET OXT HXT  sing N N 263 
PHE N   CA   sing N N 264 
PHE N   H    sing N N 265 
PHE N   H2   sing N N 266 
PHE CA  C    sing N N 267 
PHE CA  CB   sing N N 268 
PHE CA  HA   sing N N 269 
PHE C   O    doub N N 270 
PHE C   OXT  sing N N 271 
PHE CB  CG   sing N N 272 
PHE CB  HB2  sing N N 273 
PHE CB  HB3  sing N N 274 
PHE CG  CD1  doub Y N 275 
PHE CG  CD2  sing Y N 276 
PHE CD1 CE1  sing Y N 277 
PHE CD1 HD1  sing N N 278 
PHE CD2 CE2  doub Y N 279 
PHE CD2 HD2  sing N N 280 
PHE CE1 CZ   doub Y N 281 
PHE CE1 HE1  sing N N 282 
PHE CE2 CZ   sing Y N 283 
PHE CE2 HE2  sing N N 284 
PHE CZ  HZ   sing N N 285 
PHE OXT HXT  sing N N 286 
PRO N   CA   sing N N 287 
PRO N   CD   sing N N 288 
PRO N   H    sing N N 289 
PRO CA  C    sing N N 290 
PRO CA  CB   sing N N 291 
PRO CA  HA   sing N N 292 
PRO C   O    doub N N 293 
PRO C   OXT  sing N N 294 
PRO CB  CG   sing N N 295 
PRO CB  HB2  sing N N 296 
PRO CB  HB3  sing N N 297 
PRO CG  CD   sing N N 298 
PRO CG  HG2  sing N N 299 
PRO CG  HG3  sing N N 300 
PRO CD  HD2  sing N N 301 
PRO CD  HD3  sing N N 302 
PRO OXT HXT  sing N N 303 
SER N   CA   sing N N 304 
SER N   H    sing N N 305 
SER N   H2   sing N N 306 
SER CA  C    sing N N 307 
SER CA  CB   sing N N 308 
SER CA  HA   sing N N 309 
SER C   O    doub N N 310 
SER C   OXT  sing N N 311 
SER CB  OG   sing N N 312 
SER CB  HB2  sing N N 313 
SER CB  HB3  sing N N 314 
SER OG  HG   sing N N 315 
SER OXT HXT  sing N N 316 
SGN C1  C2   sing N N 317 
SGN C1  O1   sing N N 318 
SGN C1  O5   sing N N 319 
SGN C1  H1   sing N N 320 
SGN C2  C3   sing N N 321 
SGN C2  N2   sing N N 322 
SGN C2  H2   sing N N 323 
SGN C3  C4   sing N N 324 
SGN C3  O3   sing N N 325 
SGN C3  H3   sing N N 326 
SGN C4  C5   sing N N 327 
SGN C4  O4   sing N N 328 
SGN C4  H4   sing N N 329 
SGN C5  C6   sing N N 330 
SGN C5  O5   sing N N 331 
SGN C5  H5   sing N N 332 
SGN C6  O6   sing N N 333 
SGN C6  H61  sing N N 334 
SGN C6  H62  sing N N 335 
SGN N2  S1   sing N N 336 
SGN N2  HN21 sing N N 337 
SGN O1  HO1  sing N N 338 
SGN O3  HO3  sing N N 339 
SGN O4  HO4  sing N N 340 
SGN O6  S2   sing N N 341 
SGN S1  O1S  doub N N 342 
SGN S1  O2S  doub N N 343 
SGN S1  O3S  sing N N 344 
SGN O3S HOS3 sing N N 345 
SGN S2  O4S  doub N N 346 
SGN S2  O5S  doub N N 347 
SGN S2  O6S  sing N N 348 
SGN O6S HOS6 sing N N 349 
THR N   CA   sing N N 350 
THR N   H    sing N N 351 
THR N   H2   sing N N 352 
THR CA  C    sing N N 353 
THR CA  CB   sing N N 354 
THR CA  HA   sing N N 355 
THR C   O    doub N N 356 
THR C   OXT  sing N N 357 
THR CB  OG1  sing N N 358 
THR CB  CG2  sing N N 359 
THR CB  HB   sing N N 360 
THR OG1 HG1  sing N N 361 
THR CG2 HG21 sing N N 362 
THR CG2 HG22 sing N N 363 
THR CG2 HG23 sing N N 364 
THR OXT HXT  sing N N 365 
TRP N   CA   sing N N 366 
TRP N   H    sing N N 367 
TRP N   H2   sing N N 368 
TRP CA  C    sing N N 369 
TRP CA  CB   sing N N 370 
TRP CA  HA   sing N N 371 
TRP C   O    doub N N 372 
TRP C   OXT  sing N N 373 
TRP CB  CG   sing N N 374 
TRP CB  HB2  sing N N 375 
TRP CB  HB3  sing N N 376 
TRP CG  CD1  doub Y N 377 
TRP CG  CD2  sing Y N 378 
TRP CD1 NE1  sing Y N 379 
TRP CD1 HD1  sing N N 380 
TRP CD2 CE2  doub Y N 381 
TRP CD2 CE3  sing Y N 382 
TRP NE1 CE2  sing Y N 383 
TRP NE1 HE1  sing N N 384 
TRP CE2 CZ2  sing Y N 385 
TRP CE3 CZ3  doub Y N 386 
TRP CE3 HE3  sing N N 387 
TRP CZ2 CH2  doub Y N 388 
TRP CZ2 HZ2  sing N N 389 
TRP CZ3 CH2  sing Y N 390 
TRP CZ3 HZ3  sing N N 391 
TRP CH2 HH2  sing N N 392 
TRP OXT HXT  sing N N 393 
TYR N   CA   sing N N 394 
TYR N   H    sing N N 395 
TYR N   H2   sing N N 396 
TYR CA  C    sing N N 397 
TYR CA  CB   sing N N 398 
TYR CA  HA   sing N N 399 
TYR C   O    doub N N 400 
TYR C   OXT  sing N N 401 
TYR CB  CG   sing N N 402 
TYR CB  HB2  sing N N 403 
TYR CB  HB3  sing N N 404 
TYR CG  CD1  doub Y N 405 
TYR CG  CD2  sing Y N 406 
TYR CD1 CE1  sing Y N 407 
TYR CD1 HD1  sing N N 408 
TYR CD2 CE2  doub Y N 409 
TYR CD2 HD2  sing N N 410 
TYR CE1 CZ   doub Y N 411 
TYR CE1 HE1  sing N N 412 
TYR CE2 CZ   sing Y N 413 
TYR CE2 HE2  sing N N 414 
TYR CZ  OH   sing N N 415 
TYR OH  HH   sing N N 416 
TYR OXT HXT  sing N N 417 
UAP O2  S    sing N N 418 
UAP S   O2S  doub N N 419 
UAP S   O3S  doub N N 420 
UAP S   O1S  sing N N 421 
UAP O5  C1   sing N N 422 
UAP O1  C1   sing N N 423 
UAP C1  C2   sing N N 424 
UAP C1  H1   sing N N 425 
UAP O1  HO1  sing N N 426 
UAP C3  C2   sing N N 427 
UAP C2  O2   sing N N 428 
UAP C2  H2   sing N N 429 
UAP C4  C3   sing N N 430 
UAP O3  C3   sing N N 431 
UAP C3  H3   sing N N 432 
UAP O3  HO3  sing N N 433 
UAP C5  C4   doub N N 434 
UAP C4  H4   sing N N 435 
UAP C6  C5   sing N N 436 
UAP C5  O5   sing N N 437 
UAP O6A C6   doub N N 438 
UAP O6B C6   sing N N 439 
UAP O1S HO1S sing N N 440 
UAP O6B HO6B sing N N 441 
VAL N   CA   sing N N 442 
VAL N   H    sing N N 443 
VAL N   H2   sing N N 444 
VAL CA  C    sing N N 445 
VAL CA  CB   sing N N 446 
VAL CA  HA   sing N N 447 
VAL C   O    doub N N 448 
VAL C   OXT  sing N N 449 
VAL CB  CG1  sing N N 450 
VAL CB  CG2  sing N N 451 
VAL CB  HB   sing N N 452 
VAL CG1 HG11 sing N N 453 
VAL CG1 HG12 sing N N 454 
VAL CG1 HG13 sing N N 455 
VAL CG2 HG21 sing N N 456 
VAL CG2 HG22 sing N N 457 
VAL CG2 HG23 sing N N 458 
VAL OXT HXT  sing N N 459 
# 
loop_
_pdbx_entity_branch_list.entity_id 
_pdbx_entity_branch_list.comp_id 
_pdbx_entity_branch_list.num 
_pdbx_entity_branch_list.hetero 
2 SGN 1 n 
2 IDS 2 n 
2 SGN 3 n 
2 IDS 4 n 
2 SGN 5 n 
2 UAP 6 n 
# 
_atom_sites.entry_id                    1BFC 
_atom_sites.fract_transf_matrix[1][1]   -0.01092002 
_atom_sites.fract_transf_matrix[1][2]   0.02747769 
_atom_sites.fract_transf_matrix[1][3]   -0.00597640 
_atom_sites.fract_transf_matrix[2][1]   -0.01906432 
_atom_sites.fract_transf_matrix[2][2]   -0.00459631 
_atom_sites.fract_transf_matrix[2][3]   0.01370167 
_atom_sites.fract_transf_matrix[3][1]   0.00563000 
_atom_sites.fract_transf_matrix[3][2]   0.00425142 
_atom_sites.fract_transf_matrix[3][3]   0.00925967 
_atom_sites.fract_transf_vector[1]      0.022135 
_atom_sites.fract_transf_vector[2]      -0.006157 
_atom_sites.fract_transf_vector[3]      0.392165 
# 
loop_
_atom_type.symbol 
C 
N 
O 
S 
# 
loop_
_atom_site.group_PDB 
_atom_site.id 
_atom_site.type_symbol 
_atom_site.label_atom_id 
_atom_site.label_alt_id 
_atom_site.label_comp_id 
_atom_site.label_asym_id 
_atom_site.label_entity_id 
_atom_site.label_seq_id 
_atom_site.pdbx_PDB_ins_code 
_atom_site.Cartn_x 
_atom_site.Cartn_y 
_atom_site.Cartn_z 
_atom_site.occupancy 
_atom_site.B_iso_or_equiv 
_atom_site.pdbx_formal_charge 
_atom_site.auth_seq_id 
_atom_site.auth_comp_id 
_atom_site.auth_asym_id 
_atom_site.auth_atom_id 
_atom_site.pdbx_PDB_model_num 
ATOM   1    N N   . PRO A 1 21  ? -5.226  -13.394 -1.187  1.00 37.46 ? 21  PRO A N   1 
ATOM   2    C CA  . PRO A 1 21  ? -5.714  -12.052 -0.832  1.00 36.55 ? 21  PRO A CA  1 
ATOM   3    C C   . PRO A 1 21  ? -5.478  -11.762 0.641   1.00 33.35 ? 21  PRO A C   1 
ATOM   4    O O   . PRO A 1 21  ? -5.428  -12.685 1.463   1.00 32.92 ? 21  PRO A O   1 
ATOM   5    C CB  . PRO A 1 21  ? -7.203  -11.978 -1.138  1.00 36.70 ? 21  PRO A CB  1 
ATOM   6    C CG  . PRO A 1 21  ? -7.650  -13.411 -1.337  1.00 37.30 ? 21  PRO A CG  1 
ATOM   7    C CD  . PRO A 1 21  ? -6.372  -14.250 -1.450  1.00 38.12 ? 21  PRO A CD  1 
ATOM   8    N N   . LYS A 1 22  ? -5.466  -10.481 1.021   1.00 29.54 ? 22  LYS A N   1 
ATOM   9    C CA  . LYS A 1 22  ? -5.220  -10.154 2.402   1.00 24.50 ? 22  LYS A CA  1 
ATOM   10   C C   . LYS A 1 22  ? -5.342  -8.694  2.717   1.00 21.41 ? 22  LYS A C   1 
ATOM   11   O O   . LYS A 1 22  ? -6.066  -7.953  2.067   1.00 22.79 ? 22  LYS A O   1 
ATOM   12   C CB  . LYS A 1 22  ? -3.835  -10.565 2.753   1.00 25.12 ? 22  LYS A CB  1 
ATOM   13   C CG  . LYS A 1 22  ? -2.839  -9.939  1.821   1.00 25.57 ? 22  LYS A CG  1 
ATOM   14   C CD  . LYS A 1 22  ? -1.679  -10.888 1.815   1.00 33.04 ? 22  LYS A CD  1 
ATOM   15   C CE  . LYS A 1 22  ? -2.112  -12.124 1.042   1.00 41.21 ? 22  LYS A CE  1 
ATOM   16   N NZ  . LYS A 1 22  ? -2.529  -13.213 1.918   1.00 45.95 ? 22  LYS A NZ  1 
ATOM   17   N N   . ARG A 1 23  ? -5.123  -8.410  3.972   1.00 20.58 ? 23  ARG A N   1 
ATOM   18   C CA  . ARG A 1 23  ? -5.225  -7.046  4.438   1.00 17.46 ? 23  ARG A CA  1 
ATOM   19   C C   . ARG A 1 23  ? -3.891  -6.576  4.970   1.00 16.48 ? 23  ARG A C   1 
ATOM   20   O O   . ARG A 1 23  ? -2.991  -7.396  5.200   1.00 15.36 ? 23  ARG A O   1 
ATOM   21   C CB  . ARG A 1 23  ? -6.284  -7.003  5.512   1.00 18.05 ? 23  ARG A CB  1 
ATOM   22   C CG  . ARG A 1 23  ? -7.458  -7.843  5.073   1.00 22.41 ? 23  ARG A CG  1 
ATOM   23   C CD  . ARG A 1 23  ? -8.398  -8.024  6.220   1.00 20.97 ? 23  ARG A CD  1 
ATOM   24   N NE  . ARG A 1 23  ? -7.856  -9.065  7.044   1.00 27.15 ? 23  ARG A NE  1 
ATOM   25   C CZ  . ARG A 1 23  ? -8.492  -9.380  8.146   1.00 30.48 ? 23  ARG A CZ  1 
ATOM   26   N NH1 . ARG A 1 23  ? -9.816  -9.173  8.184   1.00 31.08 ? 23  ARG A NH1 1 
ATOM   27   N NH2 . ARG A 1 23  ? -7.964  -10.335 8.918   1.00 31.83 ? 23  ARG A NH2 1 
ATOM   28   N N   . LEU A 1 24  ? -3.604  -5.317  4.662   1.00 13.52 ? 24  LEU A N   1 
ATOM   29   C CA  . LEU A 1 24  ? -2.367  -4.779  5.102   1.00 14.24 ? 24  LEU A CA  1 
ATOM   30   C C   . LEU A 1 24  ? -2.728  -3.870  6.222   1.00 12.74 ? 24  LEU A C   1 
ATOM   31   O O   . LEU A 1 24  ? -3.180  -2.784  5.973   1.00 10.73 ? 24  LEU A O   1 
ATOM   32   C CB  . LEU A 1 24  ? -1.683  -3.998  3.969   1.00 15.69 ? 24  LEU A CB  1 
ATOM   33   C CG  . LEU A 1 24  ? -1.190  -4.818  2.751   1.00 14.65 ? 24  LEU A CG  1 
ATOM   34   C CD1 . LEU A 1 24  ? -0.365  -3.972  1.792   1.00 13.58 ? 24  LEU A CD1 1 
ATOM   35   C CD2 . LEU A 1 24  ? -0.382  -6.014  3.204   1.00 17.25 ? 24  LEU A CD2 1 
ATOM   36   N N   . TYR A 1 25  ? -2.227  -4.191  7.409   1.00 14.40 ? 25  TYR A N   1 
ATOM   37   C CA  . TYR A 1 25  ? -2.518  -3.435  8.638   1.00 13.46 ? 25  TYR A CA  1 
ATOM   38   C C   . TYR A 1 25  ? -1.316  -2.587  9.073   1.00 10.90 ? 25  TYR A C   1 
ATOM   39   O O   . TYR A 1 25  ? -0.239  -3.129  9.237   1.00 11.52 ? 25  TYR A O   1 
ATOM   40   C CB  . TYR A 1 25  ? -2.783  -4.504  9.675   1.00 16.30 ? 25  TYR A CB  1 
ATOM   41   C CG  . TYR A 1 25  ? -3.017  -3.935  11.045  1.00 17.19 ? 25  TYR A CG  1 
ATOM   42   C CD1 . TYR A 1 25  ? -4.205  -3.276  11.283  1.00 19.97 ? 25  TYR A CD1 1 
ATOM   43   C CD2 . TYR A 1 25  ? -2.085  -4.128  12.045  1.00 21.04 ? 25  TYR A CD2 1 
ATOM   44   C CE1 . TYR A 1 25  ? -4.502  -2.816  12.539  1.00 22.16 ? 25  TYR A CE1 1 
ATOM   45   C CE2 . TYR A 1 25  ? -2.369  -3.646  13.312  1.00 22.76 ? 25  TYR A CE2 1 
ATOM   46   C CZ  . TYR A 1 25  ? -3.580  -3.012  13.536  1.00 22.24 ? 25  TYR A CZ  1 
ATOM   47   O OH  . TYR A 1 25  ? -3.900  -2.587  14.794  1.00 25.25 ? 25  TYR A OH  1 
ATOM   48   N N   . CYS A 1 26  ? -1.364  -1.271  8.947   1.00 8.61  ? 26  CYS A N   1 
ATOM   49   C CA  . CYS A 1 26  ? -0.224  -0.452  9.280   1.00 10.75 ? 26  CYS A CA  1 
ATOM   50   C C   . CYS A 1 26  ? 0.101   -0.316  10.773  1.00 12.68 ? 26  CYS A C   1 
ATOM   51   O O   . CYS A 1 26  ? -0.767  -0.106  11.622  1.00 11.03 ? 26  CYS A O   1 
ATOM   52   C CB  . CYS A 1 26  ? -0.481  0.912   8.736   1.00 6.70  ? 26  CYS A CB  1 
ATOM   53   S SG  . CYS A 1 26  ? 0.992   1.938   8.587   1.00 11.88 ? 26  CYS A SG  1 
ATOM   54   N N   . LYS A 1 27  ? 1.362   -0.641  11.104  1.00 15.36 ? 27  LYS A N   1 
ATOM   55   C CA  . LYS A 1 27  ? 1.930   -0.527  12.454  1.00 16.81 ? 27  LYS A CA  1 
ATOM   56   C C   . LYS A 1 27  ? 1.834   0.927   12.967  1.00 17.09 ? 27  LYS A C   1 
ATOM   57   O O   . LYS A 1 27  ? 1.567   1.163   14.137  1.00 21.41 ? 27  LYS A O   1 
ATOM   58   C CB  . LYS A 1 27  ? 3.395   -0.984  12.367  1.00 15.16 ? 27  LYS A CB  1 
ATOM   59   C CG  . LYS A 1 27  ? 4.164   -0.995  13.684  1.00 20.74 ? 27  LYS A CG  1 
ATOM   60   C CD  . LYS A 1 27  ? 5.594   -1.465  13.458  1.00 21.39 ? 27  LYS A CD  1 
ATOM   61   C CE  . LYS A 1 27  ? 6.347   -1.772  14.767  1.00 26.55 ? 27  LYS A CE  1 
ATOM   62   N NZ  . LYS A 1 27  ? 7.560   -0.951  14.937  1.00 22.93 ? 27  LYS A NZ  1 
ATOM   63   N N   . ASN A 1 28  ? 1.633   1.915   12.096  1.00 14.68 ? 28  ASN A N   1 
ATOM   64   C CA  . ASN A 1 28  ? 1.547   3.291   12.556  1.00 14.56 ? 28  ASN A CA  1 
ATOM   65   C C   . ASN A 1 28  ? 0.117   3.744   12.887  1.00 15.07 ? 28  ASN A C   1 
ATOM   66   O O   . ASN A 1 28  ? -0.552  4.404   12.125  1.00 16.74 ? 28  ASN A O   1 
ATOM   67   C CB  . ASN A 1 28  ? 2.141   4.172   11.468  1.00 15.61 ? 28  ASN A CB  1 
ATOM   68   C CG  . ASN A 1 28  ? 2.390   5.584   11.941  1.00 15.50 ? 28  ASN A CG  1 
ATOM   69   O OD1 . ASN A 1 28  ? 2.744   5.781   13.104  1.00 21.55 ? 28  ASN A OD1 1 
ATOM   70   N ND2 . ASN A 1 28  ? 2.162   6.584   11.094  1.00 9.24  ? 28  ASN A ND2 1 
ATOM   71   N N   . GLY A 1 29  ? -0.511  3.240   13.919  1.00 17.97 ? 29  GLY A N   1 
ATOM   72   C CA  . GLY A 1 29  ? -1.854  3.705   14.198  1.00 14.97 ? 29  GLY A CA  1 
ATOM   73   C C   . GLY A 1 29  ? -2.858  2.575   14.085  1.00 15.77 ? 29  GLY A C   1 
ATOM   74   O O   . GLY A 1 29  ? -3.910  2.660   14.690  1.00 19.01 ? 29  GLY A O   1 
ATOM   75   N N   . GLY A 1 30  ? -2.453  1.399   13.589  1.00 15.47 ? 30  GLY A N   1 
ATOM   76   C CA  . GLY A 1 30  ? -3.383  0.281   13.432  1.00 15.17 ? 30  GLY A CA  1 
ATOM   77   C C   . GLY A 1 30  ? -4.437  0.503   12.343  1.00 15.52 ? 30  GLY A C   1 
ATOM   78   O O   . GLY A 1 30  ? -5.647  0.508   12.603  1.00 14.31 ? 30  GLY A O   1 
ATOM   79   N N   . PHE A 1 31  ? -4.047  1.126   11.236  1.00 16.60 ? 31  PHE A N   1 
ATOM   80   C CA  . PHE A 1 31  ? -5.007  1.345   10.161  1.00 18.67 ? 31  PHE A CA  1 
ATOM   81   C C   . PHE A 1 31  ? -4.812  0.382   8.963   1.00 19.31 ? 31  PHE A C   1 
ATOM   82   O O   . PHE A 1 31  ? -3.712  0.139   8.479   1.00 18.26 ? 31  PHE A O   1 
ATOM   83   C CB  . PHE A 1 31  ? -4.901  2.764   9.610   1.00 19.01 ? 31  PHE A CB  1 
ATOM   84   C CG  . PHE A 1 31  ? -5.598  3.804   10.471  1.00 23.50 ? 31  PHE A CG  1 
ATOM   85   C CD1 . PHE A 1 31  ? -4.910  4.379   11.558  1.00 20.20 ? 31  PHE A CD1 1 
ATOM   86   C CD2 . PHE A 1 31  ? -6.937  4.117   10.232  1.00 17.09 ? 31  PHE A CD2 1 
ATOM   87   C CE1 . PHE A 1 31  ? -5.573  5.239   12.432  1.00 15.03 ? 31  PHE A CE1 1 
ATOM   88   C CE2 . PHE A 1 31  ? -7.580  4.977   11.116  1.00 20.91 ? 31  PHE A CE2 1 
ATOM   89   C CZ  . PHE A 1 31  ? -6.908  5.524   12.215  1.00 17.20 ? 31  PHE A CZ  1 
ATOM   90   N N   . PHE A 1 32  ? -5.881  -0.241  8.477   1.00 17.24 ? 32  PHE A N   1 
ATOM   91   C CA  . PHE A 1 32  ? -5.739  -1.071  7.320   1.00 15.49 ? 32  PHE A CA  1 
ATOM   92   C C   . PHE A 1 32  ? -5.777  -0.227  6.033   1.00 14.26 ? 32  PHE A C   1 
ATOM   93   O O   . PHE A 1 32  ? -6.456  0.810   5.920   1.00 13.27 ? 32  PHE A O   1 
ATOM   94   C CB  . PHE A 1 32  ? -6.889  -2.072  7.228   1.00 13.23 ? 32  PHE A CB  1 
ATOM   95   C CG  . PHE A 1 32  ? -6.974  -3.113  8.347   1.00 13.92 ? 32  PHE A CG  1 
ATOM   96   C CD1 . PHE A 1 32  ? -6.258  -4.316  8.254   1.00 10.17 ? 32  PHE A CD1 1 
ATOM   97   C CD2 . PHE A 1 32  ? -7.784  -2.860  9.470   1.00 11.83 ? 32  PHE A CD2 1 
ATOM   98   C CE1 . PHE A 1 32  ? -6.340  -5.243  9.293   1.00 9.16  ? 32  PHE A CE1 1 
ATOM   99   C CE2 . PHE A 1 32  ? -7.856  -3.811  10.498  1.00 7.08  ? 32  PHE A CE2 1 
ATOM   100  C CZ  . PHE A 1 32  ? -7.127  -4.990  10.406  1.00 7.54  ? 32  PHE A CZ  1 
ATOM   101  N N   . LEU A 1 33  ? -4.900  -0.589  5.081   1.00 12.80 ? 33  LEU A N   1 
ATOM   102  C CA  . LEU A 1 33  ? -4.902  0.057   3.800   1.00 12.48 ? 33  LEU A CA  1 
ATOM   103  C C   . LEU A 1 33  ? -6.261  -0.232  3.101   1.00 11.14 ? 33  LEU A C   1 
ATOM   104  O O   . LEU A 1 33  ? -6.769  -1.366  3.063   1.00 6.98  ? 33  LEU A O   1 
ATOM   105  C CB  . LEU A 1 33  ? -3.708  -0.483  3.022   1.00 11.42 ? 33  LEU A CB  1 
ATOM   106  C CG  . LEU A 1 33  ? -3.277  0.290   1.780   1.00 15.25 ? 33  LEU A CG  1 
ATOM   107  C CD1 . LEU A 1 33  ? -3.173  1.779   2.065   1.00 17.78 ? 33  LEU A CD1 1 
ATOM   108  C CD2 . LEU A 1 33  ? -1.934  -0.218  1.288   1.00 17.40 ? 33  LEU A CD2 1 
ATOM   109  N N   . ARG A 1 34  ? -6.805  0.798   2.452   1.00 9.15  ? 34  ARG A N   1 
ATOM   110  C CA  . ARG A 1 34  ? -8.086  0.739   1.829   1.00 9.75  ? 34  ARG A CA  1 
ATOM   111  C C   . ARG A 1 34  ? -8.084  1.409   0.475   1.00 14.31 ? 34  ARG A C   1 
ATOM   112  O O   . ARG A 1 34  ? -7.480  2.475   0.302   1.00 9.45  ? 34  ARG A O   1 
ATOM   113  C CB  . ARG A 1 34  ? -9.018  1.527   2.685   1.00 9.98  ? 34  ARG A CB  1 
ATOM   114  C CG  . ARG A 1 34  ? -10.469 1.187   2.515   1.00 13.97 ? 34  ARG A CG  1 
ATOM   115  C CD  . ARG A 1 34  ? -11.189 2.475   2.823   1.00 17.54 ? 34  ARG A CD  1 
ATOM   116  N NE  . ARG A 1 34  ? -12.231 2.270   3.786   1.00 19.12 ? 34  ARG A NE  1 
ATOM   117  C CZ  . ARG A 1 34  ? -12.885 3.314   4.238   1.00 15.71 ? 34  ARG A CZ  1 
ATOM   118  N NH1 . ARG A 1 34  ? -12.231 4.456   4.429   1.00 15.46 ? 34  ARG A NH1 1 
ATOM   119  N NH2 . ARG A 1 34  ? -13.833 3.017   5.071   1.00 15.65 ? 34  ARG A NH2 1 
ATOM   120  N N   . ILE A 1 35  ? -8.586  0.683   -0.542  1.00 15.05 ? 35  ILE A N   1 
ATOM   121  C CA  . ILE A 1 35  ? -8.669  1.230   -1.898  1.00 15.49 ? 35  ILE A CA  1 
ATOM   122  C C   . ILE A 1 35  ? -10.154 1.335   -2.292  1.00 17.48 ? 35  ILE A C   1 
ATOM   123  O O   . ILE A 1 35  ? -10.905 0.352   -2.197  1.00 18.33 ? 35  ILE A O   1 
ATOM   124  C CB  . ILE A 1 35  ? -7.940  0.298   -2.903  1.00 16.96 ? 35  ILE A CB  1 
ATOM   125  C CG1 . ILE A 1 35  ? -6.431  0.189   -2.677  1.00 11.50 ? 35  ILE A CG1 1 
ATOM   126  C CG2 . ILE A 1 35  ? -8.245  0.784   -4.317  1.00 15.24 ? 35  ILE A CG2 1 
ATOM   127  C CD1 . ILE A 1 35  ? -5.821  -1.055  -3.353  1.00 10.66 ? 35  ILE A CD1 1 
ATOM   128  N N   . HIS A 1 36  ? -10.659 2.552   -2.469  1.00 17.19 ? 36  HIS A N   1 
ATOM   129  C CA  . HIS A 1 36  ? -12.043 2.747   -2.816  1.00 19.03 ? 36  HIS A CA  1 
ATOM   130  C C   . HIS A 1 36  ? -12.359 2.532   -4.276  1.00 19.26 ? 36  HIS A C   1 
ATOM   131  O O   . HIS A 1 36  ? -11.538 2.878   -5.118  1.00 20.52 ? 36  HIS A O   1 
ATOM   132  C CB  . HIS A 1 36  ? -12.469 4.143   -2.448  1.00 18.63 ? 36  HIS A CB  1 
ATOM   133  C CG  . HIS A 1 36  ? -12.571 4.236   -0.958  1.00 23.90 ? 36  HIS A CG  1 
ATOM   134  N ND1 . HIS A 1 36  ? -11.643 4.822   -0.215  1.00 26.80 ? 36  HIS A ND1 1 
ATOM   135  C CD2 . HIS A 1 36  ? -13.647 3.896   -0.193  1.00 26.59 ? 36  HIS A CD2 1 
ATOM   136  C CE1 . HIS A 1 36  ? -12.167 4.907   0.988   1.00 30.25 ? 36  HIS A CE1 1 
ATOM   137  N NE2 . HIS A 1 36  ? -13.368 4.352   0.999   1.00 28.68 ? 36  HIS A NE2 1 
ATOM   138  N N   . PRO A 1 37  ? -13.656 2.377   -4.603  1.00 19.50 ? 37  PRO A N   1 
ATOM   139  C CA  . PRO A 1 37  ? -14.056 2.168   -6.003  1.00 20.49 ? 37  PRO A CA  1 
ATOM   140  C C   . PRO A 1 37  ? -13.869 3.447   -6.854  1.00 21.88 ? 37  PRO A C   1 
ATOM   141  O O   . PRO A 1 37  ? -13.613 3.397   -8.044  1.00 23.05 ? 37  PRO A O   1 
ATOM   142  C CB  . PRO A 1 37  ? -15.511 1.722   -5.903  1.00 21.70 ? 37  PRO A CB  1 
ATOM   143  C CG  . PRO A 1 37  ? -15.916 1.629   -4.437  1.00 20.05 ? 37  PRO A CG  1 
ATOM   144  C CD  . PRO A 1 37  ? -14.662 1.916   -3.628  1.00 18.95 ? 37  PRO A CD  1 
ATOM   145  N N   . ASP A 1 38  ? -13.682 4.608   -6.231  1.00 23.03 ? 38  ASP A N   1 
ATOM   146  C CA  . ASP A 1 38  ? -13.470 5.824   -6.978  1.00 23.29 ? 38  ASP A CA  1 
ATOM   147  C C   . ASP A 1 38  ? -11.975 6.084   -7.174  1.00 23.26 ? 38  ASP A C   1 
ATOM   148  O O   . ASP A 1 38  ? -11.569 7.190   -7.449  1.00 26.40 ? 38  ASP A O   1 
ATOM   149  C CB  . ASP A 1 38  ? -14.076 6.990   -6.216  1.00 24.52 ? 38  ASP A CB  1 
ATOM   150  C CG  . ASP A 1 38  ? -13.553 7.027   -4.783  1.00 25.77 ? 38  ASP A CG  1 
ATOM   151  O OD1 . ASP A 1 38  ? -12.671 6.261   -4.460  1.00 21.36 ? 38  ASP A OD1 1 
ATOM   152  O OD2 . ASP A 1 38  ? -13.971 7.866   -4.005  1.00 28.89 ? 38  ASP A OD2 1 
ATOM   153  N N   . GLY A 1 39  ? -11.088 5.313   -6.603  1.00 21.83 ? 39  GLY A N   1 
ATOM   154  C CA  . GLY A 1 39  ? -9.714  5.635   -6.860  1.00 21.39 ? 39  GLY A CA  1 
ATOM   155  C C   . GLY A 1 39  ? -9.078  6.389   -5.696  1.00 22.91 ? 39  GLY A C   1 
ATOM   156  O O   . GLY A 1 39  ? -7.850  6.571   -5.673  1.00 21.63 ? 39  GLY A O   1 
ATOM   157  N N   . ARG A 1 40  ? -9.793  6.406   -4.564  1.00 19.50 ? 40  ARG A N   1 
ATOM   158  C CA  . ARG A 1 40  ? -9.308  7.066   -3.388  1.00 18.55 ? 40  ARG A CA  1 
ATOM   159  C C   . ARG A 1 40  ? -8.654  6.042   -2.472  1.00 18.48 ? 40  ARG A C   1 
ATOM   160  O O   . ARG A 1 40  ? -9.115  4.911   -2.362  1.00 12.73 ? 40  ARG A O   1 
ATOM   161  C CB  . ARG A 1 40  ? -10.459 7.700   -2.659  1.00 21.81 ? 40  ARG A CB  1 
ATOM   162  C CG  . ARG A 1 40  ? -11.031 9.018   -3.192  1.00 31.46 ? 40  ARG A CG  1 
ATOM   163  C CD  . ARG A 1 40  ? -12.249 9.345   -2.271  1.00 42.00 ? 40  ARG A CD  1 
ATOM   164  N NE  . ARG A 1 40  ? -11.957 8.734   -0.967  1.00 53.87 ? 40  ARG A NE  1 
ATOM   165  C CZ  . ARG A 1 40  ? -12.536 8.953   0.197   1.00 59.46 ? 40  ARG A CZ  1 
ATOM   166  N NH1 . ARG A 1 40  ? -13.869 8.970   0.165   1.00 61.91 ? 40  ARG A NH1 1 
ATOM   167  N NH2 . ARG A 1 40  ? -11.958 8.278   1.195   1.00 60.45 ? 40  ARG A NH2 1 
ATOM   168  N N   . VAL A 1 41  ? -7.452  6.351   -1.942  1.00 20.62 ? 41  VAL A N   1 
ATOM   169  C CA  . VAL A 1 41  ? -6.731  5.433   -1.035  1.00 18.24 ? 41  VAL A CA  1 
ATOM   170  C C   . VAL A 1 41  ? -6.697  5.994   0.393   1.00 17.76 ? 41  VAL A C   1 
ATOM   171  O O   . VAL A 1 41  ? -6.530  7.191   0.595   1.00 18.51 ? 41  VAL A O   1 
ATOM   172  C CB  . VAL A 1 41  ? -5.271  5.282   -1.479  1.00 17.05 ? 41  VAL A CB  1 
ATOM   173  C CG1 . VAL A 1 41  ? -4.542  4.267   -0.612  1.00 8.06  ? 41  VAL A CG1 1 
ATOM   174  C CG2 . VAL A 1 41  ? -5.205  4.904   -2.942  1.00 16.60 ? 41  VAL A CG2 1 
ATOM   175  N N   . ASP A 1 42  ? -6.985  5.190   1.406   1.00 16.46 ? 42  ASP A N   1 
ATOM   176  C CA  . ASP A 1 42  ? -6.915  5.693   2.756   1.00 12.94 ? 42  ASP A CA  1 
ATOM   177  C C   . ASP A 1 42  ? -6.733  4.526   3.710   1.00 11.95 ? 42  ASP A C   1 
ATOM   178  O O   . ASP A 1 42  ? -6.243  3.479   3.272   1.00 11.70 ? 42  ASP A O   1 
ATOM   179  C CB  . ASP A 1 42  ? -8.154  6.540   3.077   1.00 13.35 ? 42  ASP A CB  1 
ATOM   180  C CG  . ASP A 1 42  ? -9.515  5.824   3.062   1.00 13.28 ? 42  ASP A CG  1 
ATOM   181  O OD1 . ASP A 1 42  ? -9.516  4.631   3.259   1.00 16.11 ? 42  ASP A OD1 1 
ATOM   182  O OD2 . ASP A 1 42  ? -10.506 6.462   3.394   1.00 13.38 ? 42  ASP A OD2 1 
ATOM   183  N N   . GLY A 1 43  ? -6.765  4.756   5.041   1.00 11.12 ? 43  GLY A N   1 
ATOM   184  C CA  . GLY A 1 43  ? -6.608  3.643   5.984   1.00 10.75 ? 43  GLY A CA  1 
ATOM   185  C C   . GLY A 1 43  ? -7.818  3.568   6.909   1.00 12.85 ? 43  GLY A C   1 
ATOM   186  O O   . GLY A 1 43  ? -8.597  4.498   6.883   1.00 11.37 ? 43  GLY A O   1 
ATOM   187  N N   . VAL A 1 44  ? -8.318  2.364   7.203   1.00 14.33 ? 44  VAL A N   1 
ATOM   188  C CA  . VAL A 1 44  ? -9.474  2.243   8.076   1.00 13.57 ? 44  VAL A CA  1 
ATOM   189  C C   . VAL A 1 44  ? -9.107  1.416   9.274   1.00 12.93 ? 44  VAL A C   1 
ATOM   190  O O   . VAL A 1 44  ? -8.507  0.346   9.118   1.00 14.05 ? 44  VAL A O   1 
ATOM   191  C CB  . VAL A 1 44  ? -10.653 1.438   7.476   1.00 16.43 ? 44  VAL A CB  1 
ATOM   192  C CG1 . VAL A 1 44  ? -11.757 2.326   6.960   1.00 20.32 ? 44  VAL A CG1 1 
ATOM   193  C CG2 . VAL A 1 44  ? -10.147 0.450   6.456   1.00 15.30 ? 44  VAL A CG2 1 
ATOM   194  N N   . ARG A 1 45  ? -10.053 1.460   10.184  1.00 14.74 ? 45  ARG A N   1 
ATOM   195  C CA  . ARG A 1 45  ? -9.926  0.693   11.375  1.00 18.04 ? 45  ARG A CA  1 
ATOM   196  C C   . ARG A 1 45  ? -10.910 -0.458  11.304  1.00 21.90 ? 45  ARG A C   1 
ATOM   197  O O   . ARG A 1 45  ? -10.567 -1.574  11.711  1.00 22.30 ? 45  ARG A O   1 
ATOM   198  C CB  . ARG A 1 45  ? -10.266 1.557   12.565  1.00 26.26 ? 45  ARG A CB  1 
ATOM   199  C CG  . ARG A 1 45  ? -9.094  1.795   13.506  1.00 27.78 ? 45  ARG A CG  1 
ATOM   200  C CD  . ARG A 1 45  ? -9.186  3.231   13.957  1.00 30.99 ? 45  ARG A CD  1 
ATOM   201  N NE  . ARG A 1 45  ? -8.767  3.376   15.326  1.00 35.00 ? 45  ARG A NE  1 
ATOM   202  C CZ  . ARG A 1 45  ? -7.485  3.177   15.649  1.00 35.66 ? 45  ARG A CZ  1 
ATOM   203  N NH1 . ARG A 1 45  ? -6.580  3.008   14.723  1.00 30.72 ? 45  ARG A NH1 1 
ATOM   204  N NH2 . ARG A 1 45  ? -7.116  3.348   16.922  1.00 39.25 ? 45  ARG A NH2 1 
ATOM   205  N N   . GLU A 1 46  ? -12.110 -0.256  10.696  1.00 20.55 ? 46  GLU A N   1 
ATOM   206  C CA  . GLU A 1 46  ? -13.031 -1.363  10.634  1.00 16.31 ? 46  GLU A CA  1 
ATOM   207  C C   . GLU A 1 46  ? -12.377 -2.514  9.905   1.00 14.31 ? 46  GLU A C   1 
ATOM   208  O O   . GLU A 1 46  ? -12.152 -2.436  8.717   1.00 14.19 ? 46  GLU A O   1 
ATOM   209  C CB  . GLU A 1 46  ? -14.317 -0.955  9.974   1.00 19.63 ? 46  GLU A CB  1 
ATOM   210  C CG  . GLU A 1 46  ? -15.289 -2.134  9.831   1.00 18.81 ? 46  GLU A CG  1 
ATOM   211  C CD  . GLU A 1 46  ? -15.650 -2.738  11.181  1.00 20.86 ? 46  GLU A CD  1 
ATOM   212  O OE1 . GLU A 1 46  ? -15.758 -1.974  12.149  1.00 23.18 ? 46  GLU A OE1 1 
ATOM   213  O OE2 . GLU A 1 46  ? -15.500 -3.953  11.333  1.00 21.58 ? 46  GLU A OE2 1 
ATOM   214  N N   . LYS A 1 47  ? -12.158 -3.611  10.620  1.00 11.93 ? 47  LYS A N   1 
ATOM   215  C CA  . LYS A 1 47  ? -11.473 -4.770  10.110  1.00 12.76 ? 47  LYS A CA  1 
ATOM   216  C C   . LYS A 1 47  ? -12.310 -5.642  9.236   1.00 15.94 ? 47  LYS A C   1 
ATOM   217  O O   . LYS A 1 47  ? -11.746 -6.337  8.422   1.00 19.57 ? 47  LYS A O   1 
ATOM   218  C CB  . LYS A 1 47  ? -11.012 -5.588  11.256  1.00 13.71 ? 47  LYS A CB  1 
ATOM   219  C CG  . LYS A 1 47  ? -10.610 -6.968  10.838  1.00 24.13 ? 47  LYS A CG  1 
ATOM   220  C CD  . LYS A 1 47  ? -10.831 -8.004  11.963  1.00 32.38 ? 47  LYS A CD  1 
ATOM   221  C CE  . LYS A 1 47  ? -11.153 -7.384  13.329  1.00 33.53 ? 47  LYS A CE  1 
ATOM   222  N NZ  . LYS A 1 47  ? -12.574 -7.420  13.667  1.00 34.06 ? 47  LYS A NZ  1 
ATOM   223  N N   . SER A 1 48  ? -13.609 -5.366  9.115   1.00 16.68 ? 48  SER A N   1 
ATOM   224  C CA  . SER A 1 48  ? -14.436 -6.146  8.236   1.00 16.64 ? 48  SER A CA  1 
ATOM   225  C C   . SER A 1 48  ? -14.765 -5.365  6.958   1.00 19.70 ? 48  SER A C   1 
ATOM   226  O O   . SER A 1 48  ? -15.843 -5.573  6.392   1.00 19.09 ? 48  SER A O   1 
ATOM   227  C CB  . SER A 1 48  ? -15.729 -6.493  8.950   1.00 18.89 ? 48  SER A CB  1 
ATOM   228  O OG  . SER A 1 48  ? -16.508 -5.316  9.114   1.00 24.07 ? 48  SER A OG  1 
ATOM   229  N N   . ASP A 1 49  ? -14.074 -4.223  6.708   1.00 17.71 ? 49  ASP A N   1 
ATOM   230  C CA  . ASP A 1 49  ? -14.347 -3.436  5.521   1.00 18.11 ? 49  ASP A CA  1 
ATOM   231  C C   . ASP A 1 49  ? -14.104 -4.212  4.240   1.00 16.66 ? 49  ASP A C   1 
ATOM   232  O O   . ASP A 1 49  ? -13.170 -4.994  4.116   1.00 19.57 ? 49  ASP A O   1 
ATOM   233  C CB  . ASP A 1 49  ? -13.473 -2.192  5.502   1.00 19.84 ? 49  ASP A CB  1 
ATOM   234  C CG  . ASP A 1 49  ? -13.890 -1.232  4.388   1.00 20.38 ? 49  ASP A CG  1 
ATOM   235  O OD1 . ASP A 1 49  ? -13.625 -1.528  3.231   1.00 24.98 ? 49  ASP A OD1 1 
ATOM   236  O OD2 . ASP A 1 49  ? -14.363 -0.132  4.674   1.00 22.28 ? 49  ASP A OD2 1 
ATOM   237  N N   . PRO A 1 50  ? -14.942 -4.073  3.237   1.00 16.53 ? 50  PRO A N   1 
ATOM   238  C CA  . PRO A 1 50  ? -14.754 -4.915  2.079   1.00 12.63 ? 50  PRO A CA  1 
ATOM   239  C C   . PRO A 1 50  ? -13.693 -4.308  1.219   1.00 13.10 ? 50  PRO A C   1 
ATOM   240  O O   . PRO A 1 50  ? -12.971 -5.011  0.533   1.00 18.71 ? 50  PRO A O   1 
ATOM   241  C CB  . PRO A 1 50  ? -16.085 -4.930  1.385   1.00 14.02 ? 50  PRO A CB  1 
ATOM   242  C CG  . PRO A 1 50  ? -17.054 -4.067  2.143   1.00 11.92 ? 50  PRO A CG  1 
ATOM   243  C CD  . PRO A 1 50  ? -16.328 -3.649  3.414   1.00 16.51 ? 50  PRO A CD  1 
ATOM   244  N N   . HIS A 1 51  ? -13.427 -3.033  1.393   1.00 8.52  ? 51  HIS A N   1 
ATOM   245  C CA  . HIS A 1 51  ? -12.398 -2.447  0.587   1.00 11.61 ? 51  HIS A CA  1 
ATOM   246  C C   . HIS A 1 51  ? -10.935 -2.584  1.060   1.00 14.87 ? 51  HIS A C   1 
ATOM   247  O O   . HIS A 1 51  ? -9.997  -2.137  0.406   1.00 13.73 ? 51  HIS A O   1 
ATOM   248  C CB  . HIS A 1 51  ? -12.768 -1.000  0.410   1.00 11.91 ? 51  HIS A CB  1 
ATOM   249  C CG  . HIS A 1 51  ? -13.974 -0.930  -0.492  1.00 11.66 ? 51  HIS A CG  1 
ATOM   250  N ND1 . HIS A 1 51  ? -15.205 -0.808  -0.052  1.00 16.38 ? 51  HIS A ND1 1 
ATOM   251  C CD2 . HIS A 1 51  ? -13.988 -1.069  -1.854  1.00 14.57 ? 51  HIS A CD2 1 
ATOM   252  C CE1 . HIS A 1 51  ? -16.008 -0.823  -1.094  1.00 14.82 ? 51  HIS A CE1 1 
ATOM   253  N NE2 . HIS A 1 51  ? -15.251 -0.980  -2.168  1.00 19.58 ? 51  HIS A NE2 1 
ATOM   254  N N   . ILE A 1 52  ? -10.652 -3.362  2.092   1.00 14.49 ? 52  ILE A N   1 
ATOM   255  C CA  . ILE A 1 52  ? -9.271  -3.497  2.503   1.00 15.53 ? 52  ILE A CA  1 
ATOM   256  C C   . ILE A 1 52  ? -8.710  -4.800  1.994   1.00 17.05 ? 52  ILE A C   1 
ATOM   257  O O   . ILE A 1 52  ? -7.647  -5.203  2.468   1.00 19.87 ? 52  ILE A O   1 
ATOM   258  C CB  . ILE A 1 52  ? -9.136  -3.448  4.037   1.00 14.52 ? 52  ILE A CB  1 
ATOM   259  C CG1 . ILE A 1 52  ? -9.979  -4.548  4.667   1.00 8.61  ? 52  ILE A CG1 1 
ATOM   260  C CG2 . ILE A 1 52  ? -9.563  -2.069  4.539   1.00 7.22  ? 52  ILE A CG2 1 
ATOM   261  C CD1 . ILE A 1 52  ? -9.636  -4.821  6.134   1.00 15.46 ? 52  ILE A CD1 1 
ATOM   262  N N   . LYS A 1 53  ? -9.587  -5.680  1.527   1.00 15.68 ? 53  LYS A N   1 
ATOM   263  C CA  . LYS A 1 53  ? -9.110  -6.935  0.991   1.00 17.24 ? 53  LYS A CA  1 
ATOM   264  C C   . LYS A 1 53  ? -8.343  -6.610  -0.288  1.00 18.32 ? 53  LYS A C   1 
ATOM   265  O O   . LYS A 1 53  ? -8.916  -6.206  -1.326  1.00 20.25 ? 53  LYS A O   1 
ATOM   266  C CB  . LYS A 1 53  ? -10.298 -7.823  0.691   1.00 19.40 ? 53  LYS A CB  1 
ATOM   267  C CG  . LYS A 1 53  ? -10.966 -8.306  1.957   1.00 28.50 ? 53  LYS A CG  1 
ATOM   268  C CD  . LYS A 1 53  ? -10.284 -9.585  2.409   1.00 34.16 ? 53  LYS A CD  1 
ATOM   269  C CE  . LYS A 1 53  ? -10.567 -10.726 1.430   1.00 41.44 ? 53  LYS A CE  1 
ATOM   270  N NZ  . LYS A 1 53  ? -11.532 -11.678 1.976   1.00 42.77 ? 53  LYS A NZ  1 
ATOM   271  N N   . LEU A 1 54  ? -7.108  -7.051  -0.358  1.00 16.17 ? 54  LEU A N   1 
ATOM   272  C CA  . LEU A 1 54  ? -6.334  -6.691  -1.500  1.00 16.63 ? 54  LEU A CA  1 
ATOM   273  C C   . LEU A 1 54  ? -5.778  -7.917  -2.140  1.00 18.81 ? 54  LEU A C   1 
ATOM   274  O O   . LEU A 1 54  ? -5.488  -8.887  -1.457  1.00 21.21 ? 54  LEU A O   1 
ATOM   275  C CB  . LEU A 1 54  ? -5.181  -5.779  -1.061  1.00 13.90 ? 54  LEU A CB  1 
ATOM   276  C CG  . LEU A 1 54  ? -5.525  -4.609  -0.143  1.00 12.39 ? 54  LEU A CG  1 
ATOM   277  C CD1 . LEU A 1 54  ? -4.274  -4.005  0.491   1.00 8.74  ? 54  LEU A CD1 1 
ATOM   278  C CD2 . LEU A 1 54  ? -6.330  -3.592  -0.913  1.00 4.41  ? 54  LEU A CD2 1 
ATOM   279  N N   . GLN A 1 55  ? -5.248  -7.769  -3.340  1.00 19.57 ? 55  GLN A N   1 
ATOM   280  C CA  . GLN A 1 55  ? -4.674  -8.929  -3.972  1.00 20.02 ? 55  GLN A CA  1 
ATOM   281  C C   . GLN A 1 55  ? -3.324  -8.561  -4.513  1.00 17.33 ? 55  GLN A C   1 
ATOM   282  O O   . GLN A 1 55  ? -3.168  -7.522  -5.144  1.00 18.20 ? 55  GLN A O   1 
ATOM   283  C CB  . GLN A 1 55  ? -5.622  -9.349  -5.072  1.00 22.59 ? 55  GLN A CB  1 
ATOM   284  C CG  . GLN A 1 55  ? -4.974  -10.036 -6.225  1.00 28.39 ? 55  GLN A CG  1 
ATOM   285  C CD  . GLN A 1 55  ? -6.085  -10.377 -7.184  1.00 37.86 ? 55  GLN A CD  1 
ATOM   286  O OE1 . GLN A 1 55  ? -6.028  -10.049 -8.375  1.00 42.06 ? 55  GLN A OE1 1 
ATOM   287  N NE2 . GLN A 1 55  ? -7.173  -10.973 -6.655  1.00 40.97 ? 55  GLN A NE2 1 
ATOM   288  N N   . LEU A 1 56  ? -2.311  -9.312  -4.135  1.00 18.76 ? 56  LEU A N   1 
ATOM   289  C CA  . LEU A 1 56  ? -0.957  -9.015  -4.569  1.00 19.72 ? 56  LEU A CA  1 
ATOM   290  C C   . LEU A 1 56  ? -0.467  -10.032 -5.575  1.00 21.91 ? 56  LEU A C   1 
ATOM   291  O O   . LEU A 1 56  ? -0.966  -11.148 -5.639  1.00 23.54 ? 56  LEU A O   1 
ATOM   292  C CB  . LEU A 1 56  ? -0.064  -8.972  -3.344  1.00 20.10 ? 56  LEU A CB  1 
ATOM   293  C CG  . LEU A 1 56  ? -0.249  -7.733  -2.460  1.00 23.13 ? 56  LEU A CG  1 
ATOM   294  C CD1 . LEU A 1 56  ? -1.397  -7.902  -1.479  1.00 20.77 ? 56  LEU A CD1 1 
ATOM   295  C CD2 . LEU A 1 56  ? 1.031   -7.433  -1.713  1.00 26.16 ? 56  LEU A CD2 1 
ATOM   296  N N   . GLN A 1 57  ? -0.005  -9.513  -6.680  1.00 22.23 ? 57  GLN A N   1 
ATOM   297  C CA  . GLN A 1 57  ? 0.448   -10.365 -7.738  1.00 23.05 ? 57  GLN A CA  1 
ATOM   298  C C   . GLN A 1 57  ? 1.911   -10.082 -8.039  1.00 21.65 ? 57  GLN A C   1 
ATOM   299  O O   . GLN A 1 57  ? 2.279   -8.980  -8.464  1.00 17.95 ? 57  GLN A O   1 
ATOM   300  C CB  . GLN A 1 57  ? -0.439  -10.063 -8.943  1.00 32.47 ? 57  GLN A CB  1 
ATOM   301  C CG  . GLN A 1 57  ? -0.911  -8.589  -8.985  1.00 38.61 ? 57  GLN A CG  1 
ATOM   302  C CD  . GLN A 1 57  ? -2.386  -8.204  -8.634  1.00 41.46 ? 57  GLN A CD  1 
ATOM   303  O OE1 . GLN A 1 57  ? -2.648  -7.204  -7.951  1.00 36.82 ? 57  GLN A OE1 1 
ATOM   304  N NE2 . GLN A 1 57  ? -3.406  -8.904  -9.165  1.00 41.43 ? 57  GLN A NE2 1 
ATOM   305  N N   . ALA A 1 58  ? 2.718   -11.144 -8.079  1.00 23.02 ? 58  ALA A N   1 
ATOM   306  C CA  . ALA A 1 58  ? 4.153   -11.007 -8.330  1.00 27.38 ? 58  ALA A CA  1 
ATOM   307  C C   . ALA A 1 58  ? 4.605   -10.879 -9.784  1.00 29.98 ? 58  ALA A C   1 
ATOM   308  O O   . ALA A 1 58  ? 4.484   -11.825 -10.541 1.00 33.68 ? 58  ALA A O   1 
ATOM   309  C CB  . ALA A 1 58  ? 4.880   -12.226 -7.801  1.00 22.02 ? 58  ALA A CB  1 
ATOM   310  N N   . GLU A 1 59  ? 5.385   -9.845  -10.125 1.00 32.14 ? 59  GLU A N   1 
ATOM   311  C CA  . GLU A 1 59  ? 5.914   -9.742  -11.472 1.00 31.43 ? 59  GLU A CA  1 
ATOM   312  C C   . GLU A 1 59  ? 7.290   -10.339 -11.404 1.00 33.56 ? 59  GLU A C   1 
ATOM   313  O O   . GLU A 1 59  ? 8.275   -9.618  -11.472 1.00 35.27 ? 59  GLU A O   1 
ATOM   314  C CB  . GLU A 1 59  ? 6.089   -8.296  -11.867 1.00 30.58 ? 59  GLU A CB  1 
ATOM   315  C CG  . GLU A 1 59  ? 4.768   -7.611  -12.121 1.00 35.80 ? 59  GLU A CG  1 
ATOM   316  C CD  . GLU A 1 59  ? 3.956   -8.321  -13.200 1.00 36.98 ? 59  GLU A CD  1 
ATOM   317  O OE1 . GLU A 1 59  ? 4.517   -9.169  -13.897 1.00 38.14 ? 59  GLU A OE1 1 
ATOM   318  O OE2 . GLU A 1 59  ? 2.730   -8.209  -13.166 1.00 40.42 ? 59  GLU A OE2 1 
ATOM   319  N N   . GLU A 1 60  ? 7.382   -11.438 -10.707 1.00 35.93 ? 60  GLU A N   1 
ATOM   320  C CA  . GLU A 1 60  ? 8.677   -12.022 -10.519 1.00 39.99 ? 60  GLU A CA  1 
ATOM   321  C C   . GLU A 1 60  ? 9.150   -11.653 -9.113  1.00 39.12 ? 60  GLU A C   1 
ATOM   322  O O   . GLU A 1 60  ? 8.706   -10.659 -8.542  1.00 40.44 ? 60  GLU A O   1 
ATOM   323  C CB  . GLU A 1 60  ? 9.667   -11.481 -11.565 1.00 41.15 ? 60  GLU A CB  1 
ATOM   324  C CG  . GLU A 1 60  ? 11.104  -11.365 -11.065 1.00 42.85 ? 60  GLU A CG  1 
ATOM   325  C CD  . GLU A 1 60  ? 11.348  -10.207 -10.100 1.00 42.83 ? 60  GLU A CD  1 
ATOM   326  O OE1 . GLU A 1 60  ? 10.456  -9.368  -9.949  1.00 42.26 ? 60  GLU A OE1 1 
ATOM   327  O OE2 . GLU A 1 60  ? 12.405  -10.194 -9.445  1.00 45.83 ? 60  GLU A OE2 1 
ATOM   328  N N   . ARG A 1 61  ? 10.044  -12.461 -8.532  1.00 38.02 ? 61  ARG A N   1 
ATOM   329  C CA  . ARG A 1 61  ? 10.596  -12.213 -7.206  1.00 35.07 ? 61  ARG A CA  1 
ATOM   330  C C   . ARG A 1 61  ? 10.782  -10.745 -6.756  1.00 32.69 ? 61  ARG A C   1 
ATOM   331  O O   . ARG A 1 61  ? 11.644  -9.968  -7.237  1.00 29.84 ? 61  ARG A O   1 
ATOM   332  C CB  . ARG A 1 61  ? 11.951  -12.901 -7.138  1.00 37.03 ? 61  ARG A CB  1 
ATOM   333  N N   . GLY A 1 62  ? 10.108  -10.388 -5.647  1.00 29.41 ? 62  GLY A N   1 
ATOM   334  C CA  . GLY A 1 62  ? 10.251  -9.036  -5.146  1.00 24.01 ? 62  GLY A CA  1 
ATOM   335  C C   . GLY A 1 62  ? 9.251   -8.062  -5.721  1.00 22.51 ? 62  GLY A C   1 
ATOM   336  O O   . GLY A 1 62  ? 8.642   -7.337  -4.971  1.00 23.38 ? 62  GLY A O   1 
ATOM   337  N N   . VAL A 1 63  ? 8.941   -8.057  -7.029  1.00 20.33 ? 63  VAL A N   1 
ATOM   338  C CA  . VAL A 1 63  ? 7.967   -7.087  -7.477  1.00 15.74 ? 63  VAL A CA  1 
ATOM   339  C C   . VAL A 1 63  ? 6.525   -7.530  -7.467  1.00 14.65 ? 63  VAL A C   1 
ATOM   340  O O   . VAL A 1 63  ? 6.158   -8.632  -7.886  1.00 13.27 ? 63  VAL A O   1 
ATOM   341  C CB  . VAL A 1 63  ? 8.362   -6.577  -8.825  1.00 16.62 ? 63  VAL A CB  1 
ATOM   342  C CG1 . VAL A 1 63  ? 7.520   -5.344  -9.179  1.00 9.43  ? 63  VAL A CG1 1 
ATOM   343  C CG2 . VAL A 1 63  ? 9.850   -6.290  -8.751  1.00 11.42 ? 63  VAL A CG2 1 
ATOM   344  N N   . VAL A 1 64  ? 5.646   -6.613  -7.071  1.00 14.38 ? 64  VAL A N   1 
ATOM   345  C CA  . VAL A 1 64  ? 4.228   -6.967  -6.959  1.00 12.89 ? 64  VAL A CA  1 
ATOM   346  C C   . VAL A 1 64  ? 3.371   -5.765  -7.260  1.00 12.18 ? 64  VAL A C   1 
ATOM   347  O O   . VAL A 1 64  ? 3.854   -4.628  -7.263  1.00 9.77  ? 64  VAL A O   1 
ATOM   348  C CB  . VAL A 1 64  ? 3.788   -7.422  -5.528  1.00 11.19 ? 64  VAL A CB  1 
ATOM   349  C CG1 . VAL A 1 64  ? 4.336   -8.765  -5.117  1.00 3.31  ? 64  VAL A CG1 1 
ATOM   350  C CG2 . VAL A 1 64  ? 4.173   -6.365  -4.486  1.00 12.45 ? 64  VAL A CG2 1 
ATOM   351  N N   . SER A 1 65  ? 2.178   -6.030  -7.776  1.00 10.94 ? 65  SER A N   1 
ATOM   352  C CA  . SER A 1 65  ? 1.208   -4.959  -7.998  1.00 11.47 ? 65  SER A CA  1 
ATOM   353  C C   . SER A 1 65  ? 0.148   -5.228  -6.944  1.00 10.55 ? 65  SER A C   1 
ATOM   354  O O   . SER A 1 65  ? 0.148   -6.336  -6.385  1.00 6.21  ? 65  SER A O   1 
ATOM   355  C CB  . SER A 1 65  ? 0.525   -5.129  -9.309  1.00 17.69 ? 65  SER A CB  1 
ATOM   356  O OG  . SER A 1 65  ? -0.316  -6.249  -9.132  1.00 15.47 ? 65  SER A OG  1 
ATOM   357  N N   . ILE A 1 66  ? -0.426  -4.182  -6.362  1.00 9.05  ? 66  ILE A N   1 
ATOM   358  C CA  . ILE A 1 66  ? -1.373  -4.442  -5.328  1.00 10.11 ? 66  ILE A CA  1 
ATOM   359  C C   . ILE A 1 66  ? -2.694  -4.055  -5.878  1.00 9.64  ? 66  ILE A C   1 
ATOM   360  O O   . ILE A 1 66  ? -2.932  -2.838  -5.965  1.00 9.52  ? 66  ILE A O   1 
ATOM   361  C CB  . ILE A 1 66  ? -0.996  -3.586  -4.065  1.00 13.11 ? 66  ILE A CB  1 
ATOM   362  C CG1 . ILE A 1 66  ? 0.294   -4.064  -3.400  1.00 12.14 ? 66  ILE A CG1 1 
ATOM   363  C CG2 . ILE A 1 66  ? -2.106  -3.590  -3.013  1.00 6.57  ? 66  ILE A CG2 1 
ATOM   364  C CD1 . ILE A 1 66  ? 1.095   -2.896  -2.785  1.00 6.45  ? 66  ILE A CD1 1 
ATOM   365  N N   . LYS A 1 67  ? -3.671  -4.913  -5.666  1.00 9.13  ? 67  LYS A N   1 
ATOM   366  C CA  . LYS A 1 67  ? -4.976  -4.623  -6.251  1.00 9.93  ? 67  LYS A CA  1 
ATOM   367  C C   . LYS A 1 67  ? -6.126  -4.638  -5.261  1.00 7.38  ? 67  LYS A C   1 
ATOM   368  O O   . LYS A 1 67  ? -6.160  -5.517  -4.431  1.00 8.10  ? 67  LYS A O   1 
ATOM   369  C CB  . LYS A 1 67  ? -5.289  -5.678  -7.310  1.00 11.91 ? 67  LYS A CB  1 
ATOM   370  C CG  . LYS A 1 67  ? -6.667  -5.462  -7.903  1.00 20.69 ? 67  LYS A CG  1 
ATOM   371  C CD  . LYS A 1 67  ? -6.738  -5.949  -9.336  1.00 28.12 ? 67  LYS A CD  1 
ATOM   372  C CE  . LYS A 1 67  ? -6.747  -7.464  -9.326  1.00 34.88 ? 67  LYS A CE  1 
ATOM   373  N NZ  . LYS A 1 67  ? -7.453  -7.983  -10.497 1.00 42.85 ? 67  LYS A NZ  1 
ATOM   374  N N   . GLY A 1 68  ? -7.008  -3.638  -5.234  1.00 5.92  ? 68  GLY A N   1 
ATOM   375  C CA  . GLY A 1 68  ? -8.130  -3.741  -4.316  1.00 10.17 ? 68  GLY A CA  1 
ATOM   376  C C   . GLY A 1 68  ? -9.226  -4.632  -4.918  1.00 15.22 ? 68  GLY A C   1 
ATOM   377  O O   . GLY A 1 68  ? -9.726  -4.392  -6.020  1.00 16.18 ? 68  GLY A O   1 
ATOM   378  N N   . VAL A 1 69  ? -9.423  -5.817  -4.354  1.00 16.01 ? 69  VAL A N   1 
ATOM   379  C CA  . VAL A 1 69  ? -10.402 -6.742  -4.887  1.00 18.24 ? 69  VAL A CA  1 
ATOM   380  C C   . VAL A 1 69  ? -11.759 -6.097  -5.295  1.00 20.73 ? 69  VAL A C   1 
ATOM   381  O O   . VAL A 1 69  ? -12.150 -6.125  -6.468  1.00 22.73 ? 69  VAL A O   1 
ATOM   382  C CB  . VAL A 1 69  ? -10.528 -7.840  -3.844  1.00 18.31 ? 69  VAL A CB  1 
ATOM   383  C CG1 . VAL A 1 69  ? -11.841 -8.599  -4.013  1.00 16.89 ? 69  VAL A CG1 1 
ATOM   384  C CG2 . VAL A 1 69  ? -9.294  -8.712  -3.918  1.00 12.25 ? 69  VAL A CG2 1 
ATOM   385  N N   . SER A 1 70  ? -12.567 -5.643  -4.343  1.00 15.34 ? 70  SER A N   1 
ATOM   386  C CA  . SER A 1 70  ? -13.806 -5.009  -4.681  1.00 16.33 ? 70  SER A CA  1 
ATOM   387  C C   . SER A 1 70  ? -13.686 -3.918  -5.734  1.00 17.89 ? 70  SER A C   1 
ATOM   388  O O   . SER A 1 70  ? -14.633 -3.741  -6.496  1.00 19.62 ? 70  SER A O   1 
ATOM   389  C CB  . SER A 1 70  ? -14.425 -4.404  -3.428  1.00 14.04 ? 70  SER A CB  1 
ATOM   390  O OG  . SER A 1 70  ? -14.606 -5.398  -2.433  1.00 20.59 ? 70  SER A OG  1 
ATOM   391  N N   . ALA A 1 71  ? -13.012 -2.827  -5.368  1.00 20.98 ? 71  ALA A N   1 
ATOM   392  C CA  . ALA A 1 71  ? -12.863 -1.707  -6.294  1.00 17.29 ? 71  ALA A CA  1 
ATOM   393  C C   . ALA A 1 71  ? -12.396 -2.155  -7.658  1.00 16.23 ? 71  ALA A C   1 
ATOM   394  O O   . ALA A 1 71  ? -12.404 -1.292  -8.512  1.00 12.45 ? 71  ALA A O   1 
ATOM   395  C CB  . ALA A 1 71  ? -11.780 -0.737  -5.828  1.00 17.47 ? 71  ALA A CB  1 
ATOM   396  N N   . ASN A 1 72  ? -11.529 -3.193  -7.679  1.00 14.57 ? 72  ASN A N   1 
ATOM   397  C CA  . ASN A 1 72  ? -10.948 -3.693  -8.902  1.00 14.45 ? 72  ASN A CA  1 
ATOM   398  C C   . ASN A 1 72  ? -9.909  -2.699  -9.474  1.00 16.80 ? 72  ASN A C   1 
ATOM   399  O O   . ASN A 1 72  ? -9.892  -2.434  -10.704 1.00 18.55 ? 72  ASN A O   1 
ATOM   400  C CB  . ASN A 1 72  ? -12.069 -3.871  -9.907  1.00 14.82 ? 72  ASN A CB  1 
ATOM   401  C CG  . ASN A 1 72  ? -11.663 -4.770  -11.031 1.00 10.85 ? 72  ASN A CG  1 
ATOM   402  O OD1 . ASN A 1 72  ? -10.853 -5.660  -10.833 1.00 11.83 ? 72  ASN A OD1 1 
ATOM   403  N ND2 . ASN A 1 72  ? -12.221 -4.570  -12.225 1.00 15.71 ? 72  ASN A ND2 1 
ATOM   404  N N   . ARG A 1 73  ? -9.232  -1.946  -8.582  1.00 13.35 ? 73  ARG A N   1 
ATOM   405  C CA  . ARG A 1 73  ? -8.272  -0.931  -8.976  1.00 12.39 ? 73  ARG A CA  1 
ATOM   406  C C   . ARG A 1 73  ? -6.945  -1.186  -8.343  1.00 10.71 ? 73  ARG A C   1 
ATOM   407  O O   . ARG A 1 73  ? -6.937  -1.877  -7.349  1.00 14.57 ? 73  ARG A O   1 
ATOM   408  C CB  . ARG A 1 73  ? -8.750  0.447   -8.532  1.00 8.44  ? 73  ARG A CB  1 
ATOM   409  C CG  . ARG A 1 73  ? -10.032 0.805   -9.247  1.00 16.86 ? 73  ARG A CG  1 
ATOM   410  C CD  . ARG A 1 73  ? -10.745 2.000   -8.645  1.00 14.05 ? 73  ARG A CD  1 
ATOM   411  N NE  . ARG A 1 73  ? -10.113 3.146   -9.206  1.00 21.47 ? 73  ARG A NE  1 
ATOM   412  C CZ  . ARG A 1 73  ? -10.651 3.826   -10.214 1.00 21.75 ? 73  ARG A CZ  1 
ATOM   413  N NH1 . ARG A 1 73  ? -11.958 3.749   -10.452 1.00 19.70 ? 73  ARG A NH1 1 
ATOM   414  N NH2 . ARG A 1 73  ? -9.955  4.872   -10.686 1.00 20.07 ? 73  ARG A NH2 1 
ATOM   415  N N   . TYR A 1 74  ? -5.844  -0.873  -9.045  1.00 11.38 ? 74  TYR A N   1 
ATOM   416  C CA  . TYR A 1 74  ? -4.492  -1.067  -8.535  1.00 12.22 ? 74  TYR A CA  1 
ATOM   417  C C   . TYR A 1 74  ? -3.944  0.133   -7.764  1.00 14.32 ? 74  TYR A C   1 
ATOM   418  O O   . TYR A 1 74  ? -4.093  1.295   -8.161  1.00 15.40 ? 74  TYR A O   1 
ATOM   419  C CB  . TYR A 1 74  ? -3.487  -1.247  -9.663  1.00 11.95 ? 74  TYR A CB  1 
ATOM   420  C CG  . TYR A 1 74  ? -3.705  -2.496  -10.478 1.00 15.08 ? 74  TYR A CG  1 
ATOM   421  C CD1 . TYR A 1 74  ? -4.693  -2.512  -11.454 1.00 14.89 ? 74  TYR A CD1 1 
ATOM   422  C CD2 . TYR A 1 74  ? -2.959  -3.603  -10.215 1.00 14.85 ? 74  TYR A CD2 1 
ATOM   423  C CE1 . TYR A 1 74  ? -4.939  -3.660  -12.181 1.00 18.96 ? 74  TYR A CE1 1 
ATOM   424  C CE2 . TYR A 1 74  ? -3.193  -4.750  -10.924 1.00 19.04 ? 74  TYR A CE2 1 
ATOM   425  C CZ  . TYR A 1 74  ? -4.182  -4.774  -11.907 1.00 21.81 ? 74  TYR A CZ  1 
ATOM   426  O OH  . TYR A 1 74  ? -4.435  -5.952  -12.590 1.00 24.43 ? 74  TYR A OH  1 
ATOM   427  N N   . LEU A 1 75  ? -3.296  -0.112  -6.627  1.00 13.18 ? 75  LEU A N   1 
ATOM   428  C CA  . LEU A 1 75  ? -2.664  0.988   -5.902  1.00 11.27 ? 75  LEU A CA  1 
ATOM   429  C C   . LEU A 1 75  ? -1.589  1.593   -6.782  1.00 8.18  ? 75  LEU A C   1 
ATOM   430  O O   . LEU A 1 75  ? -0.687  0.881   -7.220  1.00 11.61 ? 75  LEU A O   1 
ATOM   431  C CB  . LEU A 1 75  ? -1.923  0.428   -4.666  1.00 13.25 ? 75  LEU A CB  1 
ATOM   432  C CG  . LEU A 1 75  ? -1.215  1.424   -3.736  1.00 11.85 ? 75  LEU A CG  1 
ATOM   433  C CD1 . LEU A 1 75  ? -2.177  2.505   -3.341  1.00 8.70  ? 75  LEU A CD1 1 
ATOM   434  C CD2 . LEU A 1 75  ? -0.681  0.743   -2.496  1.00 12.92 ? 75  LEU A CD2 1 
ATOM   435  N N   . ALA A 1 76  ? -1.593  2.886   -7.007  1.00 8.01  ? 76  ALA A N   1 
ATOM   436  C CA  . ALA A 1 76  ? -0.523  3.488   -7.782  1.00 10.97 ? 76  ALA A CA  1 
ATOM   437  C C   . ALA A 1 76  ? 0.145   4.676   -7.071  1.00 14.22 ? 76  ALA A C   1 
ATOM   438  O O   . ALA A 1 76  ? -0.472  5.364   -6.258  1.00 14.35 ? 76  ALA A O   1 
ATOM   439  C CB  . ALA A 1 76  ? -1.091  4.075   -9.046  1.00 11.16 ? 76  ALA A CB  1 
ATOM   440  N N   . MET A 1 77  ? 1.469   4.868   -7.188  1.00 16.99 ? 77  MET A N   1 
ATOM   441  C CA  . MET A 1 77  ? 2.043   6.060   -6.582  1.00 17.78 ? 77  MET A CA  1 
ATOM   442  C C   . MET A 1 77  ? 2.367   7.073   -7.670  1.00 16.64 ? 77  MET A C   1 
ATOM   443  O O   . MET A 1 77  ? 3.178   6.795   -8.531  1.00 13.95 ? 77  MET A O   1 
ATOM   444  C CB  . MET A 1 77  ? 3.319   5.770   -5.770  1.00 18.38 ? 77  MET A CB  1 
ATOM   445  C CG  . MET A 1 77  ? 3.801   6.992   -4.962  1.00 17.65 ? 77  MET A CG  1 
ATOM   446  S SD  . MET A 1 77  ? 5.372   6.767   -4.072  1.00 18.91 ? 77  MET A SD  1 
ATOM   447  C CE  . MET A 1 77  ? 5.114   5.368   -3.013  1.00 11.87 ? 77  MET A CE  1 
ATOM   448  N N   . LYS A 1 78  ? 1.928   8.320   -7.487  1.00 18.25 ? 78  LYS A N   1 
ATOM   449  C CA  . LYS A 1 78  ? 2.218   9.397   -8.439  1.00 20.59 ? 78  LYS A CA  1 
ATOM   450  C C   . LYS A 1 78  ? 3.592   10.047  -8.234  1.00 22.81 ? 78  LYS A C   1 
ATOM   451  O O   . LYS A 1 78  ? 4.142   10.033  -7.121  1.00 18.36 ? 78  LYS A O   1 
ATOM   452  C CB  . LYS A 1 78  ? 1.153   10.470  -8.350  1.00 18.51 ? 78  LYS A CB  1 
ATOM   453  C CG  . LYS A 1 78  ? -0.199  9.830   -8.187  1.00 21.89 ? 78  LYS A CG  1 
ATOM   454  C CD  . LYS A 1 78  ? -0.478  9.066   -9.461  1.00 23.52 ? 78  LYS A CD  1 
ATOM   455  C CE  . LYS A 1 78  ? -0.411  10.015  -10.659 1.00 22.73 ? 78  LYS A CE  1 
ATOM   456  N NZ  . LYS A 1 78  ? -0.680  9.295   -11.895 1.00 25.72 ? 78  LYS A NZ  1 
ATOM   457  N N   . GLU A 1 79  ? 3.970   10.975  -9.128  1.00 25.33 ? 79  GLU A N   1 
ATOM   458  C CA  . GLU A 1 79  ? 5.303   11.540  -9.007  1.00 27.70 ? 79  GLU A CA  1 
ATOM   459  C C   . GLU A 1 79  ? 5.416   12.586  -7.948  1.00 26.11 ? 79  GLU A C   1 
ATOM   460  O O   . GLU A 1 79  ? 6.503   13.118  -7.719  1.00 28.63 ? 79  GLU A O   1 
ATOM   461  C CB  . GLU A 1 79  ? 5.853   12.095  -10.304 1.00 34.17 ? 79  GLU A CB  1 
ATOM   462  C CG  . GLU A 1 79  ? 4.891   11.981  -11.472 1.00 43.46 ? 79  GLU A CG  1 
ATOM   463  C CD  . GLU A 1 79  ? 4.227   13.312  -11.723 1.00 45.21 ? 79  GLU A CD  1 
ATOM   464  O OE1 . GLU A 1 79  ? 3.688   13.858  -10.755 1.00 45.90 ? 79  GLU A OE1 1 
ATOM   465  O OE2 . GLU A 1 79  ? 4.653   13.954  -12.692 1.00 50.71 ? 79  GLU A OE2 1 
ATOM   466  N N   . ASP A 1 80  ? 4.303   13.045  -7.427  1.00 22.43 ? 80  ASP A N   1 
ATOM   467  C CA  . ASP A 1 80  ? 4.417   13.982  -6.331  1.00 21.69 ? 80  ASP A CA  1 
ATOM   468  C C   . ASP A 1 80  ? 4.254   13.222  -5.020  1.00 21.19 ? 80  ASP A C   1 
ATOM   469  O O   . ASP A 1 80  ? 3.741   13.798  -4.080  1.00 22.51 ? 80  ASP A O   1 
ATOM   470  C CB  . ASP A 1 80  ? 3.342   15.051  -6.396  1.00 19.80 ? 80  ASP A CB  1 
ATOM   471  C CG  . ASP A 1 80  ? 1.933   14.490  -6.520  1.00 22.58 ? 80  ASP A CG  1 
ATOM   472  O OD1 . ASP A 1 80  ? 1.766   13.270  -6.543  1.00 23.58 ? 80  ASP A OD1 1 
ATOM   473  O OD2 . ASP A 1 80  ? 1.010   15.265  -6.728  1.00 24.24 ? 80  ASP A OD2 1 
ATOM   474  N N   . GLY A 1 81  ? 4.427   11.877  -5.004  1.00 19.56 ? 81  GLY A N   1 
ATOM   475  C CA  . GLY A 1 81  ? 4.278   11.095  -3.777  1.00 14.30 ? 81  GLY A CA  1 
ATOM   476  C C   . GLY A 1 81  ? 2.829   10.711  -3.415  1.00 17.02 ? 81  GLY A C   1 
ATOM   477  O O   . GLY A 1 81  ? 2.596   9.988   -2.427  1.00 18.86 ? 81  GLY A O   1 
ATOM   478  N N   . ARG A 1 82  ? 1.830   11.452  -3.902  1.00 17.31 ? 82  ARG A N   1 
ATOM   479  C CA  . ARG A 1 82  ? 0.444   11.114  -3.613  1.00 19.20 ? 82  ARG A CA  1 
ATOM   480  C C   . ARG A 1 82  ? 0.215   9.638   -3.909  1.00 19.55 ? 82  ARG A C   1 
ATOM   481  O O   . ARG A 1 82  ? 0.668   9.129   -4.935  1.00 17.19 ? 82  ARG A O   1 
ATOM   482  C CB  . ARG A 1 82  ? -0.508  11.849  -4.539  1.00 22.61 ? 82  ARG A CB  1 
ATOM   483  C CG  . ARG A 1 82  ? -1.097  13.142  -4.009  1.00 32.19 ? 82  ARG A CG  1 
ATOM   484  C CD  . ARG A 1 82  ? -1.712  13.939  -5.156  1.00 38.03 ? 82  ARG A CD  1 
ATOM   485  N NE  . ARG A 1 82  ? -1.129  13.545  -6.433  1.00 45.88 ? 82  ARG A NE  1 
ATOM   486  C CZ  . ARG A 1 82  ? -1.864  13.378  -7.543  1.00 48.84 ? 82  ARG A CZ  1 
ATOM   487  N NH1 . ARG A 1 82  ? -3.152  13.752  -7.574  1.00 51.56 ? 82  ARG A NH1 1 
ATOM   488  N NH2 . ARG A 1 82  ? -1.263  12.999  -8.687  1.00 48.10 ? 82  ARG A NH2 1 
ATOM   489  N N   . LEU A 1 83  ? -0.826  9.103   -3.285  1.00 17.51 ? 83  LEU A N   1 
ATOM   490  C CA  . LEU A 1 83  ? -1.211  7.702   -3.452  1.00 19.88 ? 83  LEU A CA  1 
ATOM   491  C C   . LEU A 1 83  ? -2.647  7.616   -4.006  1.00 17.83 ? 83  LEU A C   1 
ATOM   492  O O   . LEU A 1 83  ? -3.426  8.577   -3.882  1.00 14.37 ? 83  LEU A O   1 
ATOM   493  C CB  . LEU A 1 83  ? -1.179  7.010   -2.087  1.00 18.05 ? 83  LEU A CB  1 
ATOM   494  C CG  . LEU A 1 83  ? -0.583  5.627   -1.900  1.00 16.88 ? 83  LEU A CG  1 
ATOM   495  C CD1 . LEU A 1 83  ? 0.691   5.426   -2.704  1.00 16.64 ? 83  LEU A CD1 1 
ATOM   496  C CD2 . LEU A 1 83  ? -0.288  5.421   -0.434  1.00 13.05 ? 83  LEU A CD2 1 
ATOM   497  N N   . LEU A 1 84  ? -2.862  6.780   -5.011  1.00 17.27 ? 84  LEU A N   1 
ATOM   498  C CA  . LEU A 1 84  ? -4.228  6.634   -5.499  1.00 18.80 ? 84  LEU A CA  1 
ATOM   499  C C   . LEU A 1 84  ? -4.434  5.344   -6.253  1.00 16.05 ? 84  LEU A C   1 
ATOM   500  O O   . LEU A 1 84  ? -3.506  4.564   -6.391  1.00 16.46 ? 84  LEU A O   1 
ATOM   501  C CB  . LEU A 1 84  ? -4.677  7.825   -6.346  1.00 24.00 ? 84  LEU A CB  1 
ATOM   502  C CG  . LEU A 1 84  ? -3.890  8.226   -7.580  1.00 26.84 ? 84  LEU A CG  1 
ATOM   503  C CD1 . LEU A 1 84  ? -4.039  7.171   -8.674  1.00 30.59 ? 84  LEU A CD1 1 
ATOM   504  C CD2 . LEU A 1 84  ? -4.363  9.592   -8.054  1.00 26.23 ? 84  LEU A CD2 1 
ATOM   505  N N   . ALA A 1 85  ? -5.634  5.041   -6.744  1.00 16.87 ? 85  ALA A N   1 
ATOM   506  C CA  . ALA A 1 85  ? -5.772  3.769   -7.416  1.00 17.14 ? 85  ALA A CA  1 
ATOM   507  C C   . ALA A 1 85  ? -6.252  3.870   -8.844  1.00 17.44 ? 85  ALA A C   1 
ATOM   508  O O   . ALA A 1 85  ? -7.326  4.384   -9.124  1.00 17.03 ? 85  ALA A O   1 
ATOM   509  C CB  . ALA A 1 85  ? -6.700  2.873   -6.608  1.00 13.95 ? 85  ALA A CB  1 
ATOM   510  N N   . SER A 1 86  ? -5.675  3.055   -9.707  1.00 19.09 ? 86  SER A N   1 
ATOM   511  C CA  . SER A 1 86  ? -6.049  3.142   -11.085 1.00 19.52 ? 86  SER A CA  1 
ATOM   512  C C   . SER A 1 86  ? -6.702  1.915   -11.663 1.00 18.92 ? 86  SER A C   1 
ATOM   513  O O   . SER A 1 86  ? -6.465  0.803   -11.213 1.00 20.24 ? 86  SER A O   1 
ATOM   514  C CB  . SER A 1 86  ? -4.804  3.504   -11.898 1.00 18.33 ? 86  SER A CB  1 
ATOM   515  O OG  . SER A 1 86  ? -4.274  2.383   -12.585 1.00 21.82 ? 86  SER A OG  1 
ATOM   516  N N   . LYS A 1 87  ? -7.744  2.128   -12.465 1.00 22.13 ? 87  LYS A N   1 
ATOM   517  C CA  . LYS A 1 87  ? -8.371  0.989   -13.108 1.00 23.85 ? 87  LYS A CA  1 
ATOM   518  C C   . LYS A 1 87  ? -7.330  0.172   -13.840 1.00 22.13 ? 87  LYS A C   1 
ATOM   519  O O   . LYS A 1 87  ? -7.467  -1.027  -14.036 1.00 22.22 ? 87  LYS A O   1 
ATOM   520  C CB  . LYS A 1 87  ? -9.409  1.466   -14.106 1.00 28.66 ? 87  LYS A CB  1 
ATOM   521  C CG  . LYS A 1 87  ? -10.767 1.684   -13.466 1.00 34.57 ? 87  LYS A CG  1 
ATOM   522  C CD  . LYS A 1 87  ? -11.341 3.018   -13.931 1.00 41.93 ? 87  LYS A CD  1 
ATOM   523  C CE  . LYS A 1 87  ? -12.711 2.805   -14.597 1.00 46.93 ? 87  LYS A CE  1 
ATOM   524  N NZ  . LYS A 1 87  ? -13.729 2.323   -13.665 1.00 47.36 ? 87  LYS A NZ  1 
ATOM   525  N N   . SER A 1 88  ? -6.395  0.810   -14.524 1.00 21.04 ? 88  SER A N   1 
ATOM   526  C CA  . SER A 1 88  ? -5.430  -0.033  -15.162 1.00 21.03 ? 88  SER A CA  1 
ATOM   527  C C   . SER A 1 88  ? -3.993  0.157   -14.683 1.00 19.84 ? 88  SER A C   1 
ATOM   528  O O   . SER A 1 88  ? -3.476  1.255   -14.586 1.00 18.67 ? 88  SER A O   1 
ATOM   529  C CB  . SER A 1 88  ? -5.531  0.077   -16.695 1.00 23.23 ? 88  SER A CB  1 
ATOM   530  O OG  . SER A 1 88  ? -5.099  1.334   -17.214 1.00 29.14 ? 88  SER A OG  1 
ATOM   531  N N   . VAL A 1 89  ? -3.284  -0.911  -14.940 1.00 19.70 ? 89  VAL A N   1 
ATOM   532  C CA  . VAL A 1 89  ? -1.897  -1.059  -14.652 1.00 20.49 ? 89  VAL A CA  1 
ATOM   533  C C   . VAL A 1 89  ? -1.084  0.000   -15.414 1.00 23.40 ? 89  VAL A C   1 
ATOM   534  O O   . VAL A 1 89  ? -1.169  0.056   -16.654 1.00 21.80 ? 89  VAL A O   1 
ATOM   535  C CB  . VAL A 1 89  ? -1.557  -2.474  -15.141 1.00 18.98 ? 89  VAL A CB  1 
ATOM   536  C CG1 . VAL A 1 89  ? -0.603  -2.429  -16.331 1.00 19.31 ? 89  VAL A CG1 1 
ATOM   537  C CG2 . VAL A 1 89  ? -1.045  -3.347  -14.028 1.00 14.26 ? 89  VAL A CG2 1 
ATOM   538  N N   . THR A 1 90  ? -0.057  0.555   -14.713 1.00 20.27 ? 90  THR A N   1 
ATOM   539  C CA  . THR A 1 90  ? 0.875   1.545   -15.237 1.00 17.38 ? 90  THR A CA  1 
ATOM   540  C C   . THR A 1 90  ? 2.195   1.462   -14.458 1.00 16.96 ? 90  THR A C   1 
ATOM   541  O O   . THR A 1 90  ? 2.376   0.522   -13.658 1.00 17.38 ? 90  THR A O   1 
ATOM   542  C CB  . THR A 1 90  ? 0.275   2.965   -15.173 1.00 17.69 ? 90  THR A CB  1 
ATOM   543  O OG1 . THR A 1 90  ? 0.417   3.469   -13.847 1.00 12.49 ? 90  THR A OG1 1 
ATOM   544  C CG2 . THR A 1 90  ? -1.186  2.963   -15.556 1.00 16.05 ? 90  THR A CG2 1 
ATOM   545  N N   . ASP A 1 91  ? 3.255   2.093   -14.980 1.00 16.77 ? 91  ASP A N   1 
ATOM   546  C CA  . ASP A 1 91  ? 4.558   2.030   -14.308 1.00 20.02 ? 91  ASP A CA  1 
ATOM   547  C C   . ASP A 1 91  ? 4.522   2.586   -12.907 1.00 17.78 ? 91  ASP A C   1 
ATOM   548  O O   . ASP A 1 91  ? 5.120   2.026   -12.023 1.00 24.06 ? 91  ASP A O   1 
ATOM   549  C CB  . ASP A 1 91  ? 5.647   2.764   -15.069 1.00 22.07 ? 91  ASP A CB  1 
ATOM   550  C CG  . ASP A 1 91  ? 5.286   4.205   -15.385 1.00 27.01 ? 91  ASP A CG  1 
ATOM   551  O OD1 . ASP A 1 91  ? 4.434   4.769   -14.688 1.00 30.30 ? 91  ASP A OD1 1 
ATOM   552  O OD2 . ASP A 1 91  ? 6.077   4.850   -16.077 1.00 31.28 ? 91  ASP A OD2 1 
ATOM   553  N N   . GLU A 1 92  ? 3.423   3.187   -12.570 1.00 14.70 ? 92  GLU A N   1 
ATOM   554  C CA  . GLU A 1 92  ? 3.296   3.700   -11.253 1.00 10.38 ? 92  GLU A CA  1 
ATOM   555  C C   . GLU A 1 92  ? 2.509   2.739   -10.380 1.00 10.75 ? 92  GLU A C   1 
ATOM   556  O O   . GLU A 1 92  ? 2.432   2.995   -9.185  1.00 8.71  ? 92  GLU A O   1 
ATOM   557  C CB  . GLU A 1 92  ? 2.586   5.021   -11.362 1.00 6.86  ? 92  GLU A CB  1 
ATOM   558  C CG  . GLU A 1 92  ? 3.590   6.127   -11.682 1.00 11.80 ? 92  GLU A CG  1 
ATOM   559  C CD  . GLU A 1 92  ? 2.894   7.468   -11.827 1.00 13.75 ? 92  GLU A CD  1 
ATOM   560  O OE1 . GLU A 1 92  ? 1.679   7.439   -11.713 1.00 17.68 ? 92  GLU A OE1 1 
ATOM   561  O OE2 . GLU A 1 92  ? 3.530   8.544   -11.858 1.00 18.49 ? 92  GLU A OE2 1 
ATOM   562  N N   . CYS A 1 93  ? 2.433   1.451   -10.768 1.00 11.12 ? 93  CYS A N   1 
ATOM   563  C CA  . CYS A 1 93  ? 1.605   0.469   -10.040 1.00 6.47  ? 93  CYS A CA  1 
ATOM   564  C C   . CYS A 1 93  ? 2.376   -0.729  -9.557  1.00 8.49  ? 93  CYS A C   1 
ATOM   565  O O   . CYS A 1 93  ? 1.777   -1.743  -9.243  1.00 9.08  ? 93  CYS A O   1 
ATOM   566  C CB  . CYS A 1 93  ? 0.483   -0.070  -10.960 1.00 8.08  ? 93  CYS A CB  1 
ATOM   567  S SG  . CYS A 1 93  ? -0.868  1.125   -11.261 0.60 2.00  ? 93  CYS A SG  1 
ATOM   568  N N   . PHE A 1 94  ? 3.713   -0.661  -9.494  1.00 10.92 ? 94  PHE A N   1 
ATOM   569  C CA  . PHE A 1 94  ? 4.518   -1.808  -9.076  1.00 12.24 ? 94  PHE A CA  1 
ATOM   570  C C   . PHE A 1 94  ? 5.420   -1.419  -7.906  1.00 12.40 ? 94  PHE A C   1 
ATOM   571  O O   . PHE A 1 94  ? 5.983   -0.338  -7.867  1.00 11.58 ? 94  PHE A O   1 
ATOM   572  C CB  . PHE A 1 94  ? 5.339   -2.331  -10.293 1.00 16.07 ? 94  PHE A CB  1 
ATOM   573  C CG  . PHE A 1 94  ? 4.422   -2.836  -11.452 1.00 15.86 ? 94  PHE A CG  1 
ATOM   574  C CD1 . PHE A 1 94  ? 3.919   -1.932  -12.405 1.00 11.26 ? 94  PHE A CD1 1 
ATOM   575  C CD2 . PHE A 1 94  ? 3.952   -4.131  -11.440 1.00 12.81 ? 94  PHE A CD2 1 
ATOM   576  C CE1 . PHE A 1 94  ? 2.964   -2.310  -13.323 1.00 11.86 ? 94  PHE A CE1 1 
ATOM   577  C CE2 . PHE A 1 94  ? 2.978   -4.492  -12.362 1.00 14.07 ? 94  PHE A CE2 1 
ATOM   578  C CZ  . PHE A 1 94  ? 2.489   -3.602  -13.296 1.00 9.29  ? 94  PHE A CZ  1 
ATOM   579  N N   . PHE A 1 95  ? 5.513   -2.266  -6.905  1.00 8.38  ? 95  PHE A N   1 
ATOM   580  C CA  . PHE A 1 95  ? 6.291   -1.969  -5.745  1.00 5.95  ? 95  PHE A CA  1 
ATOM   581  C C   . PHE A 1 95  ? 7.210   -3.119  -5.382  1.00 9.39  ? 95  PHE A C   1 
ATOM   582  O O   . PHE A 1 95  ? 7.053   -4.272  -5.814  1.00 10.64 ? 95  PHE A O   1 
ATOM   583  C CB  . PHE A 1 95  ? 5.359   -1.712  -4.551  1.00 2.00  ? 95  PHE A CB  1 
ATOM   584  C CG  . PHE A 1 95  ? 4.302   -0.646  -4.819  1.00 9.20  ? 95  PHE A CG  1 
ATOM   585  C CD1 . PHE A 1 95  ? 3.098   -0.983  -5.459  1.00 6.64  ? 95  PHE A CD1 1 
ATOM   586  C CD2 . PHE A 1 95  ? 4.567   0.703   -4.526  1.00 8.67  ? 95  PHE A CD2 1 
ATOM   587  C CE1 . PHE A 1 95  ? 2.192   0.022   -5.798  1.00 5.03  ? 95  PHE A CE1 1 
ATOM   588  C CE2 . PHE A 1 95  ? 3.663   1.704   -4.926  1.00 5.41  ? 95  PHE A CE2 1 
ATOM   589  C CZ  . PHE A 1 95  ? 2.484   1.359   -5.548  1.00 8.75  ? 95  PHE A CZ  1 
ATOM   590  N N   . PHE A 1 96  ? 8.381   -2.804  -4.828  1.00 13.68 ? 96  PHE A N   1 
ATOM   591  C CA  . PHE A 1 96  ? 9.248   -3.878  -4.356  1.00 11.33 ? 96  PHE A CA  1 
ATOM   592  C C   . PHE A 1 96  ? 8.769   -4.268  -2.969  1.00 10.65 ? 96  PHE A C   1 
ATOM   593  O O   . PHE A 1 96  ? 8.435   -3.406  -2.148  1.00 10.76 ? 96  PHE A O   1 
ATOM   594  C CB  . PHE A 1 96  ? 10.682  -3.395  -4.205  1.00 13.37 ? 96  PHE A CB  1 
ATOM   595  C CG  . PHE A 1 96  ? 11.368  -3.069  -5.514  1.00 11.42 ? 96  PHE A CG  1 
ATOM   596  C CD1 . PHE A 1 96  ? 11.727  -4.077  -6.380  1.00 12.20 ? 96  PHE A CD1 1 
ATOM   597  C CD2 . PHE A 1 96  ? 11.629  -1.760  -5.831  1.00 12.71 ? 96  PHE A CD2 1 
ATOM   598  C CE1 . PHE A 1 96  ? 12.348  -3.751  -7.575  1.00 13.77 ? 96  PHE A CE1 1 
ATOM   599  C CE2 . PHE A 1 96  ? 12.254  -1.467  -7.023  1.00 14.50 ? 96  PHE A CE2 1 
ATOM   600  C CZ  . PHE A 1 96  ? 12.610  -2.453  -7.894  1.00 9.64  ? 96  PHE A CZ  1 
ATOM   601  N N   . GLU A 1 97  ? 8.392   -5.503  -2.800  1.00 9.33  ? 97  GLU A N   1 
ATOM   602  C CA  . GLU A 1 97  ? 7.956   -5.940  -1.506  1.00 14.45 ? 97  GLU A CA  1 
ATOM   603  C C   . GLU A 1 97  ? 9.114   -6.621  -0.789  1.00 16.59 ? 97  GLU A C   1 
ATOM   604  O O   . GLU A 1 97  ? 9.993   -7.177  -1.431  1.00 16.66 ? 97  GLU A O   1 
ATOM   605  C CB  . GLU A 1 97  ? 6.777   -6.888  -1.631  1.00 18.40 ? 97  GLU A CB  1 
ATOM   606  C CG  . GLU A 1 97  ? 6.680   -7.903  -0.509  1.00 20.36 ? 97  GLU A CG  1 
ATOM   607  C CD  . GLU A 1 97  ? 5.530   -8.873  -0.776  1.00 26.50 ? 97  GLU A CD  1 
ATOM   608  O OE1 . GLU A 1 97  ? 4.383   -8.523  -0.435  1.00 26.78 ? 97  GLU A OE1 1 
ATOM   609  O OE2 . GLU A 1 97  ? 5.761   -9.927  -1.405  1.00 26.52 ? 97  GLU A OE2 1 
ATOM   610  N N   . ARG A 1 98  ? 9.441   -6.052  0.370   1.00 19.05 ? 98  ARG A N   1 
ATOM   611  C CA  . ARG A 1 98  ? 10.549  -6.538  1.185   1.00 17.40 ? 98  ARG A CA  1 
ATOM   612  C C   . ARG A 1 98  ? 10.054  -6.988  2.561   1.00 17.09 ? 98  ARG A C   1 
ATOM   613  O O   . ARG A 1 98  ? 9.072   -6.440  3.062   1.00 18.39 ? 98  ARG A O   1 
ATOM   614  C CB  . ARG A 1 98  ? 11.551  -5.394  1.338   1.00 14.16 ? 98  ARG A CB  1 
ATOM   615  C CG  . ARG A 1 98  ? 12.985  -5.858  1.506   1.00 20.13 ? 98  ARG A CG  1 
ATOM   616  C CD  . ARG A 1 98  ? 13.853  -4.836  2.241   1.00 18.13 ? 98  ARG A CD  1 
ATOM   617  N NE  . ARG A 1 98  ? 15.175  -5.383  2.518   1.00 22.15 ? 98  ARG A NE  1 
ATOM   618  C CZ  . ARG A 1 98  ? 15.376  -5.901  3.712   1.00 22.91 ? 98  ARG A CZ  1 
ATOM   619  N NH1 . ARG A 1 98  ? 14.552  -5.545  4.686   1.00 23.61 ? 98  ARG A NH1 1 
ATOM   620  N NH2 . ARG A 1 98  ? 16.556  -6.424  4.014   1.00 25.46 ? 98  ARG A NH2 1 
ATOM   621  N N   . LEU A 1 99  ? 10.417  -8.204  2.950   1.00 15.37 ? 99  LEU A N   1 
ATOM   622  C CA  . LEU A 1 99  ? 10.036  -8.698  4.247   1.00 19.54 ? 99  LEU A CA  1 
ATOM   623  C C   . LEU A 1 99  ? 11.028  -8.224  5.288   1.00 19.92 ? 99  LEU A C   1 
ATOM   624  O O   . LEU A 1 99  ? 12.218  -8.055  5.009   1.00 25.74 ? 99  LEU A O   1 
ATOM   625  C CB  . LEU A 1 99  ? 9.961   -10.208 4.305   1.00 22.89 ? 99  LEU A CB  1 
ATOM   626  C CG  . LEU A 1 99  ? 8.915   -10.772 5.280   1.00 28.75 ? 99  LEU A CG  1 
ATOM   627  C CD1 . LEU A 1 99  ? 9.333   -12.169 5.697   1.00 32.74 ? 99  LEU A CD1 1 
ATOM   628  C CD2 . LEU A 1 99  ? 8.749   -9.911  6.539   1.00 31.68 ? 99  LEU A CD2 1 
ATOM   629  N N   . GLU A 1 100 ? 10.483  -7.563  6.283   1.00 16.98 ? 100 GLU A N   1 
ATOM   630  C CA  . GLU A 1 100 ? 11.286  -6.975  7.307   1.00 14.37 ? 100 GLU A CA  1 
ATOM   631  C C   . GLU A 1 100 ? 11.296  -7.880  8.498   1.00 15.92 ? 100 GLU A C   1 
ATOM   632  O O   . GLU A 1 100 ? 10.519  -8.826  8.590   1.00 17.07 ? 100 GLU A O   1 
ATOM   633  C CB  . GLU A 1 100 ? 10.683  -5.630  7.677   1.00 16.19 ? 100 GLU A CB  1 
ATOM   634  C CG  . GLU A 1 100 ? 10.846  -4.554  6.605   1.00 24.38 ? 100 GLU A CG  1 
ATOM   635  C CD  . GLU A 1 100 ? 12.273  -4.496  6.020   1.00 36.22 ? 100 GLU A CD  1 
ATOM   636  O OE1 . GLU A 1 100 ? 13.240  -4.752  6.784   1.00 38.49 ? 100 GLU A OE1 1 
ATOM   637  O OE2 . GLU A 1 100 ? 12.429  -4.136  4.826   1.00 36.29 ? 100 GLU A OE2 1 
ATOM   638  N N   . SER A 1 101 ? 11.756  -7.331  9.588   1.00 16.99 ? 101 SER A N   1 
ATOM   639  C CA  . SER A 1 101 ? 11.812  -8.110  10.785  1.00 18.16 ? 101 SER A CA  1 
ATOM   640  C C   . SER A 1 101 ? 10.433  -8.243  11.420  1.00 16.22 ? 101 SER A C   1 
ATOM   641  O O   . SER A 1 101 ? 9.605   -7.330  11.344  1.00 14.50 ? 101 SER A O   1 
ATOM   642  C CB  . SER A 1 101 ? 12.790  -7.433  11.738  1.00 20.28 ? 101 SER A CB  1 
ATOM   643  O OG  . SER A 1 101 ? 14.115  -7.816  11.395  1.00 29.89 ? 101 SER A OG  1 
ATOM   644  N N   . ASN A 1 102 ? 10.252  -9.350  12.137  1.00 15.19 ? 102 ASN A N   1 
ATOM   645  C CA  . ASN A 1 102 ? 9.036   -9.637  12.853  1.00 15.81 ? 102 ASN A CA  1 
ATOM   646  C C   . ASN A 1 102 ? 7.846   -9.845  11.973  1.00 16.73 ? 102 ASN A C   1 
ATOM   647  O O   . ASN A 1 102 ? 6.739   -9.469  12.442  1.00 15.08 ? 102 ASN A O   1 
ATOM   648  C CB  . ASN A 1 102 ? 8.763   -8.534  13.885  1.00 16.78 ? 102 ASN A CB  1 
ATOM   649  C CG  . ASN A 1 102 ? 9.776   -8.670  14.970  1.00 15.58 ? 102 ASN A CG  1 
ATOM   650  O OD1 . ASN A 1 102 ? 10.163  -9.789  15.299  1.00 20.12 ? 102 ASN A OD1 1 
ATOM   651  N ND2 . ASN A 1 102 ? 10.313  -7.573  15.471  1.00 16.99 ? 102 ASN A ND2 1 
ATOM   652  N N   . ASN A 1 103 ? 8.138   -9.911  10.635  1.00 19.80 ? 103 ASN A N   1 
ATOM   653  C CA  . ASN A 1 103 ? 7.128   -10.172 9.583   1.00 21.63 ? 103 ASN A CA  1 
ATOM   654  C C   . ASN A 1 103 ? 6.395   -8.983  9.006   1.00 20.56 ? 103 ASN A C   1 
ATOM   655  O O   . ASN A 1 103 ? 5.184   -9.134  8.869   1.00 24.56 ? 103 ASN A O   1 
ATOM   656  C CB  . ASN A 1 103 ? 6.076   -11.165 10.053  1.00 26.46 ? 103 ASN A CB  1 
ATOM   657  C CG  . ASN A 1 103 ? 6.802   -12.401 10.576  1.00 35.98 ? 103 ASN A CG  1 
ATOM   658  O OD1 . ASN A 1 103 ? 7.653   -12.977 9.877   1.00 35.11 ? 103 ASN A OD1 1 
ATOM   659  N ND2 . ASN A 1 103 ? 6.571   -12.775 11.851  1.00 36.62 ? 103 ASN A ND2 1 
ATOM   660  N N   . TYR A 1 104 ? 6.819   -7.774  9.338   1.00 17.50 ? 104 TYR A N   1 
ATOM   661  C CA  . TYR A 1 104 ? 6.184   -6.627  8.734   1.00 17.19 ? 104 TYR A CA  1 
ATOM   662  C C   . TYR A 1 104 ? 6.729   -6.532  7.299   1.00 21.67 ? 104 TYR A C   1 
ATOM   663  O O   . TYR A 1 104 ? 7.918   -6.824  7.004   1.00 18.07 ? 104 TYR A O   1 
ATOM   664  C CB  . TYR A 1 104 ? 6.518   -5.345  9.472   1.00 12.49 ? 104 TYR A CB  1 
ATOM   665  C CG  . TYR A 1 104 ? 5.834   -5.298  10.835  1.00 16.52 ? 104 TYR A CG  1 
ATOM   666  C CD1 . TYR A 1 104 ? 6.442   -5.895  11.937  1.00 16.90 ? 104 TYR A CD1 1 
ATOM   667  C CD2 . TYR A 1 104 ? 4.557   -4.745  10.951  1.00 17.09 ? 104 TYR A CD2 1 
ATOM   668  C CE1 . TYR A 1 104 ? 5.768   -5.969  13.137  1.00 19.46 ? 104 TYR A CE1 1 
ATOM   669  C CE2 . TYR A 1 104 ? 3.871   -4.818  12.160  1.00 18.25 ? 104 TYR A CE2 1 
ATOM   670  C CZ  . TYR A 1 104 ? 4.483   -5.443  13.235  1.00 19.29 ? 104 TYR A CZ  1 
ATOM   671  O OH  . TYR A 1 104 ? 3.784   -5.589  14.407  1.00 20.00 ? 104 TYR A OH  1 
ATOM   672  N N   . ASN A 1 105 ? 5.923   -5.942  6.412   1.00 20.17 ? 105 ASN A N   1 
ATOM   673  C CA  . ASN A 1 105 ? 6.321   -5.825  5.031   1.00 16.62 ? 105 ASN A CA  1 
ATOM   674  C C   . ASN A 1 105 ? 6.370   -4.377  4.640   1.00 15.64 ? 105 ASN A C   1 
ATOM   675  O O   . ASN A 1 105 ? 5.708   -3.527  5.234   1.00 14.79 ? 105 ASN A O   1 
ATOM   676  C CB  . ASN A 1 105 ? 5.240   -6.466  4.208   1.00 19.95 ? 105 ASN A CB  1 
ATOM   677  C CG  . ASN A 1 105 ? 5.569   -7.858  3.812   1.00 19.62 ? 105 ASN A CG  1 
ATOM   678  O OD1 . ASN A 1 105 ? 6.095   -8.639  4.571   1.00 20.94 ? 105 ASN A OD1 1 
ATOM   679  N ND2 . ASN A 1 105 ? 5.275   -8.175  2.586   1.00 22.85 ? 105 ASN A ND2 1 
ATOM   680  N N   . THR A 1 106 ? 7.173   -4.066  3.629   1.00 16.80 ? 106 THR A N   1 
ATOM   681  C CA  . THR A 1 106 ? 7.236   -2.698  3.138   1.00 16.26 ? 106 THR A CA  1 
ATOM   682  C C   . THR A 1 106 ? 7.138   -2.694  1.620   1.00 15.19 ? 106 THR A C   1 
ATOM   683  O O   . THR A 1 106 ? 7.311   -3.752  1.012   1.00 11.24 ? 106 THR A O   1 
ATOM   684  C CB  . THR A 1 106 ? 8.516   -1.982  3.608   1.00 16.68 ? 106 THR A CB  1 
ATOM   685  O OG1 . THR A 1 106 ? 9.624   -2.617  2.961   1.00 14.27 ? 106 THR A OG1 1 
ATOM   686  C CG2 . THR A 1 106 ? 8.602   -1.971  5.136   1.00 10.72 ? 106 THR A CG2 1 
ATOM   687  N N   . TYR A 1 107 ? 6.444   -1.674  1.083   1.00 13.75 ? 107 TYR A N   1 
ATOM   688  C CA  . TYR A 1 107 ? 6.273   -1.559  -0.354  1.00 10.37 ? 107 TYR A CA  1 
ATOM   689  C C   . TYR A 1 107 ? 6.857   -0.258  -0.850  1.00 10.26 ? 107 TYR A C   1 
ATOM   690  O O   . TYR A 1 107 ? 6.521   0.831   -0.414  1.00 12.64 ? 107 TYR A O   1 
ATOM   691  C CB  . TYR A 1 107 ? 4.780   -1.668  -0.636  1.00 7.24  ? 107 TYR A CB  1 
ATOM   692  C CG  . TYR A 1 107 ? 4.234   -3.022  -0.159  1.00 9.13  ? 107 TYR A CG  1 
ATOM   693  C CD1 . TYR A 1 107 ? 4.387   -4.186  -0.936  1.00 9.67  ? 107 TYR A CD1 1 
ATOM   694  C CD2 . TYR A 1 107 ? 3.645   -3.113  1.098   1.00 12.74 ? 107 TYR A CD2 1 
ATOM   695  C CE1 . TYR A 1 107 ? 3.984   -5.429  -0.448  1.00 10.05 ? 107 TYR A CE1 1 
ATOM   696  C CE2 . TYR A 1 107 ? 3.249   -4.351  1.595   1.00 11.49 ? 107 TYR A CE2 1 
ATOM   697  C CZ  . TYR A 1 107 ? 3.433   -5.505  0.826   1.00 12.60 ? 107 TYR A CZ  1 
ATOM   698  O OH  . TYR A 1 107 ? 3.223   -6.747  1.425   1.00 12.41 ? 107 TYR A OH  1 
ATOM   699  N N   . ARG A 1 108 ? 7.941   -0.369  -1.581  1.00 14.29 ? 108 ARG A N   1 
ATOM   700  C CA  . ARG A 1 108 ? 8.688   0.773   -2.139  1.00 13.35 ? 108 ARG A CA  1 
ATOM   701  C C   . ARG A 1 108 ? 8.355   0.882   -3.647  1.00 14.70 ? 108 ARG A C   1 
ATOM   702  O O   . ARG A 1 108 ? 8.564   -0.085  -4.397  1.00 9.42  ? 108 ARG A O   1 
ATOM   703  C CB  . ARG A 1 108 ? 10.149  0.378   -1.993  1.00 11.90 ? 108 ARG A CB  1 
ATOM   704  C CG  . ARG A 1 108 ? 11.252  1.420   -1.938  1.00 15.28 ? 108 ARG A CG  1 
ATOM   705  C CD  . ARG A 1 108 ? 12.524  0.597   -1.714  1.00 9.90  ? 108 ARG A CD  1 
ATOM   706  N NE  . ARG A 1 108 ? 13.422  0.928   -2.755  1.00 13.44 ? 108 ARG A NE  1 
ATOM   707  C CZ  . ARG A 1 108 ? 13.921  0.054   -3.600  1.00 12.24 ? 108 ARG A CZ  1 
ATOM   708  N NH1 . ARG A 1 108 ? 14.122  -1.232  -3.297  1.00 7.05  ? 108 ARG A NH1 1 
ATOM   709  N NH2 . ARG A 1 108 ? 14.673  0.610   -4.502  1.00 16.10 ? 108 ARG A NH2 1 
ATOM   710  N N   . SER A 1 109 ? 8.202   2.099   -4.177  1.00 11.15 ? 109 SER A N   1 
ATOM   711  C CA  . SER A 1 109 ? 7.880   2.215   -5.565  1.00 11.47 ? 109 SER A CA  1 
ATOM   712  C C   . SER A 1 109 ? 8.996   1.833   -6.529  1.00 13.32 ? 109 SER A C   1 
ATOM   713  O O   . SER A 1 109 ? 10.182  1.957   -6.245  1.00 15.51 ? 109 SER A O   1 
ATOM   714  C CB  . SER A 1 109 ? 7.458   3.615   -5.884  1.00 9.19  ? 109 SER A CB  1 
ATOM   715  O OG  . SER A 1 109 ? 7.532   3.735   -7.286  1.00 13.01 ? 109 SER A OG  1 
ATOM   716  N N   . ARG A 1 110 ? 8.660   0.969   -7.470  1.00 12.97 ? 110 ARG A N   1 
ATOM   717  C CA  . ARG A 1 110 ? 9.617   0.553   -8.454  1.00 11.20 ? 110 ARG A CA  1 
ATOM   718  C C   . ARG A 1 110 ? 9.914   1.722   -9.389  1.00 10.13 ? 110 ARG A C   1 
ATOM   719  O O   . ARG A 1 110 ? 10.986  1.866   -9.971  1.00 16.32 ? 110 ARG A O   1 
ATOM   720  C CB  . ARG A 1 110 ? 9.080   -0.660  -9.207  1.00 12.20 ? 110 ARG A CB  1 
ATOM   721  C CG  . ARG A 1 110 ? 9.699   -0.708  -10.581 1.00 15.54 ? 110 ARG A CG  1 
ATOM   722  C CD  . ARG A 1 110 ? 9.976   -2.135  -10.967 1.00 20.97 ? 110 ARG A CD  1 
ATOM   723  N NE  . ARG A 1 110 ? 8.964   -2.751  -11.826 1.00 24.07 ? 110 ARG A NE  1 
ATOM   724  C CZ  . ARG A 1 110 ? 8.257   -2.124  -12.785 1.00 24.76 ? 110 ARG A CZ  1 
ATOM   725  N NH1 . ARG A 1 110 ? 8.079   -0.796  -12.809 1.00 26.36 ? 110 ARG A NH1 1 
ATOM   726  N NH2 . ARG A 1 110 ? 7.378   -2.880  -13.480 1.00 18.40 ? 110 ARG A NH2 1 
ATOM   727  N N   . LYS A 1 111 ? 9.150   2.787   -9.340  1.00 12.88 ? 111 LYS A N   1 
ATOM   728  C CA  . LYS A 1 111 ? 9.558   3.882   -10.191 1.00 14.26 ? 111 LYS A CA  1 
ATOM   729  C C   . LYS A 1 111 ? 10.180  5.055   -9.358  1.00 18.16 ? 111 LYS A C   1 
ATOM   730  O O   . LYS A 1 111 ? 10.909  5.898   -9.909  1.00 19.52 ? 111 LYS A O   1 
ATOM   731  C CB  . LYS A 1 111 ? 8.356   4.291   -11.011 1.00 13.49 ? 111 LYS A CB  1 
ATOM   732  C CG  . LYS A 1 111 ? 8.573   5.552   -11.812 1.00 19.54 ? 111 LYS A CG  1 
ATOM   733  C CD  . LYS A 1 111 ? 7.283   5.789   -12.561 1.00 27.07 ? 111 LYS A CD  1 
ATOM   734  C CE  . LYS A 1 111 ? 7.411   6.997   -13.471 1.00 31.81 ? 111 LYS A CE  1 
ATOM   735  N NZ  . LYS A 1 111 ? 6.242   7.085   -14.333 1.00 34.87 ? 111 LYS A NZ  1 
ATOM   736  N N   . TYR A 1 112 ? 9.538   5.449   -8.235  1.00 15.89 ? 112 TYR A N   1 
ATOM   737  C CA  . TYR A 1 112 ? 10.100  6.491   -7.406  1.00 11.86 ? 112 TYR A CA  1 
ATOM   738  C C   . TYR A 1 112 ? 10.802  5.711   -6.298  1.00 12.03 ? 112 TYR A C   1 
ATOM   739  O O   . TYR A 1 112 ? 10.216  5.311   -5.291  1.00 12.26 ? 112 TYR A O   1 
ATOM   740  C CB  . TYR A 1 112 ? 8.966   7.347   -6.884  1.00 11.57 ? 112 TYR A CB  1 
ATOM   741  C CG  . TYR A 1 112 ? 8.153   7.926   -8.019  1.00 10.95 ? 112 TYR A CG  1 
ATOM   742  C CD1 . TYR A 1 112 ? 8.783   8.715   -8.953  1.00 14.28 ? 112 TYR A CD1 1 
ATOM   743  C CD2 . TYR A 1 112 ? 6.857   7.494   -8.235  1.00 13.01 ? 112 TYR A CD2 1 
ATOM   744  C CE1 . TYR A 1 112 ? 8.112   9.056   -10.118 1.00 15.49 ? 112 TYR A CE1 1 
ATOM   745  C CE2 . TYR A 1 112 ? 6.172   7.826   -9.391  1.00 8.62  ? 112 TYR A CE2 1 
ATOM   746  C CZ  . TYR A 1 112 ? 6.808   8.608   -10.331 1.00 15.56 ? 112 TYR A CZ  1 
ATOM   747  O OH  . TYR A 1 112 ? 6.128   9.021   -11.474 1.00 15.66 ? 112 TYR A OH  1 
ATOM   748  N N   . THR A 1 113 ? 11.890  5.090   -6.743  1.00 11.49 ? 113 THR A N   1 
ATOM   749  C CA  . THR A 1 113 ? 12.643  4.138   -5.937  1.00 10.41 ? 113 THR A CA  1 
ATOM   750  C C   . THR A 1 113 ? 12.960  4.350   -4.484  1.00 11.45 ? 113 THR A C   1 
ATOM   751  O O   . THR A 1 113 ? 13.545  3.424   -3.938  1.00 8.75  ? 113 THR A O   1 
ATOM   752  C CB  . THR A 1 113 ? 13.884  3.704   -6.718  1.00 9.64  ? 113 THR A CB  1 
ATOM   753  O OG1 . THR A 1 113 ? 14.547  4.896   -7.110  1.00 10.74 ? 113 THR A OG1 1 
ATOM   754  C CG2 . THR A 1 113 ? 13.433  2.900   -7.931  1.00 8.11  ? 113 THR A CG2 1 
ATOM   755  N N   . SER A 1 114 ? 12.913  5.589   -3.968  1.00 13.62 ? 114 SER A N   1 
ATOM   756  C CA  . SER A 1 114 ? 13.181  5.838   -2.550  1.00 17.74 ? 114 SER A CA  1 
ATOM   757  C C   . SER A 1 114 ? 11.883  6.180   -1.816  1.00 16.89 ? 114 SER A C   1 
ATOM   758  O O   . SER A 1 114 ? 11.901  6.437   -0.620  1.00 17.94 ? 114 SER A O   1 
ATOM   759  C CB  . SER A 1 114 ? 14.189  6.999   -2.377  1.00 12.69 ? 114 SER A CB  1 
ATOM   760  O OG  . SER A 1 114 ? 13.515  8.238   -2.520  1.00 18.43 ? 114 SER A OG  1 
ATOM   761  N N   . TRP A 1 115 ? 10.725  6.001   -2.483  1.00 15.08 ? 115 TRP A N   1 
ATOM   762  C CA  . TRP A 1 115 ? 9.458   6.306   -1.880  1.00 12.90 ? 115 TRP A CA  1 
ATOM   763  C C   . TRP A 1 115 ? 8.670   5.060   -1.576  1.00 16.12 ? 115 TRP A C   1 
ATOM   764  O O   . TRP A 1 115 ? 8.906   4.023   -2.194  1.00 23.03 ? 115 TRP A O   1 
ATOM   765  C CB  . TRP A 1 115 ? 8.639   7.165   -2.786  1.00 12.02 ? 115 TRP A CB  1 
ATOM   766  C CG  . TRP A 1 115 ? 9.158   8.574   -3.007  1.00 15.77 ? 115 TRP A CG  1 
ATOM   767  C CD1 . TRP A 1 115 ? 10.334  9.050   -2.447  1.00 14.61 ? 115 TRP A CD1 1 
ATOM   768  C CD2 . TRP A 1 115 ? 8.568   9.469   -3.852  1.00 15.54 ? 115 TRP A CD2 1 
ATOM   769  N NE1 . TRP A 1 115 ? 10.483  10.242  -2.997  1.00 10.37 ? 115 TRP A NE1 1 
ATOM   770  C CE2 . TRP A 1 115 ? 9.454   10.531  -3.815  1.00 15.57 ? 115 TRP A CE2 1 
ATOM   771  C CE3 . TRP A 1 115 ? 7.440   9.491   -4.608  1.00 15.99 ? 115 TRP A CE3 1 
ATOM   772  C CZ2 . TRP A 1 115 ? 9.214   11.661  -4.575  1.00 19.72 ? 115 TRP A CZ2 1 
ATOM   773  C CZ3 . TRP A 1 115 ? 7.205   10.626  -5.363  1.00 17.07 ? 115 TRP A CZ3 1 
ATOM   774  C CH2 . TRP A 1 115 ? 8.082   11.692  -5.365  1.00 17.46 ? 115 TRP A CH2 1 
ATOM   775  N N   . TYR A 1 116 ? 8.136   4.997   -0.357  1.00 16.48 ? 116 TYR A N   1 
ATOM   776  C CA  . TYR A 1 116 ? 7.354   3.845   0.081   1.00 13.79 ? 116 TYR A CA  1 
ATOM   777  C C   . TYR A 1 116 ? 5.873   4.120   0.197   1.00 12.12 ? 116 TYR A C   1 
ATOM   778  O O   . TYR A 1 116 ? 5.420   5.194   0.598   1.00 9.89  ? 116 TYR A O   1 
ATOM   779  C CB  . TYR A 1 116 ? 7.740   3.411   1.484   1.00 11.12 ? 116 TYR A CB  1 
ATOM   780  C CG  . TYR A 1 116 ? 9.159   2.949   1.641   1.00 7.56  ? 116 TYR A CG  1 
ATOM   781  C CD1 . TYR A 1 116 ? 10.217  3.856   1.619   1.00 13.11 ? 116 TYR A CD1 1 
ATOM   782  C CD2 . TYR A 1 116 ? 9.369   1.626   1.776   1.00 6.54  ? 116 TYR A CD2 1 
ATOM   783  C CE1 . TYR A 1 116 ? 11.508  3.411   1.712   1.00 7.80  ? 116 TYR A CE1 1 
ATOM   784  C CE2 . TYR A 1 116 ? 10.653  1.177   1.858   1.00 11.03 ? 116 TYR A CE2 1 
ATOM   785  C CZ  . TYR A 1 116 ? 11.711  2.053   1.819   1.00 10.50 ? 116 TYR A CZ  1 
ATOM   786  O OH  . TYR A 1 116 ? 12.988  1.525   1.946   1.00 11.62 ? 116 TYR A OH  1 
ATOM   787  N N   . VAL A 1 117 ? 5.143   3.034   0.293   1.00 11.93 ? 117 VAL A N   1 
ATOM   788  C CA  . VAL A 1 117 ? 3.719   3.167   0.517   1.00 9.83  ? 117 VAL A CA  1 
ATOM   789  C C   . VAL A 1 117 ? 3.591   3.390   2.047   1.00 7.94  ? 117 VAL A C   1 
ATOM   790  O O   . VAL A 1 117 ? 4.234   2.723   2.859   1.00 6.51  ? 117 VAL A O   1 
ATOM   791  C CB  . VAL A 1 117 ? 3.048   1.858   -0.007  1.00 9.50  ? 117 VAL A CB  1 
ATOM   792  C CG1 . VAL A 1 117 ? 1.593   1.715   0.431   1.00 13.19 ? 117 VAL A CG1 1 
ATOM   793  C CG2 . VAL A 1 117 ? 3.117   1.838   -1.529  1.00 8.82  ? 117 VAL A CG2 1 
ATOM   794  N N   . ALA A 1 118 ? 2.775   4.311   2.509   1.00 7.89  ? 118 ALA A N   1 
ATOM   795  C CA  . ALA A 1 118 ? 2.714   4.488   3.955   1.00 7.99  ? 118 ALA A CA  1 
ATOM   796  C C   . ALA A 1 118 ? 1.493   5.247   4.406   1.00 6.83  ? 118 ALA A C   1 
ATOM   797  O O   . ALA A 1 118 ? 0.785   5.833   3.590   1.00 9.03  ? 118 ALA A O   1 
ATOM   798  C CB  . ALA A 1 118 ? 3.858   5.367   4.420   1.00 2.00  ? 118 ALA A CB  1 
ATOM   799  N N   . LEU A 1 119 ? 1.084   5.015   5.656   1.00 5.82  ? 119 LEU A N   1 
ATOM   800  C CA  . LEU A 1 119 ? -0.014  5.775   6.222   1.00 9.61  ? 119 LEU A CA  1 
ATOM   801  C C   . LEU A 1 119 ? 0.393   6.545   7.487   1.00 9.52  ? 119 LEU A C   1 
ATOM   802  O O   . LEU A 1 119 ? 1.246   6.155   8.244   1.00 10.19 ? 119 LEU A O   1 
ATOM   803  C CB  . LEU A 1 119 ? -1.187  4.895   6.667   1.00 10.93 ? 119 LEU A CB  1 
ATOM   804  C CG  . LEU A 1 119 ? -1.859  4.000   5.635   1.00 12.44 ? 119 LEU A CG  1 
ATOM   805  C CD1 . LEU A 1 119 ? -2.846  3.062   6.329   1.00 11.31 ? 119 LEU A CD1 1 
ATOM   806  C CD2 . LEU A 1 119 ? -2.525  4.827   4.552   1.00 9.43  ? 119 LEU A CD2 1 
ATOM   807  N N   . LYS A 1 120 ? -0.043  7.754   7.626   1.00 10.48 ? 120 LYS A N   1 
ATOM   808  C CA  . LYS A 1 120 ? 0.183   8.466   8.834   1.00 12.27 ? 120 LYS A CA  1 
ATOM   809  C C   . LYS A 1 120 ? -0.599  7.804   10.001  1.00 15.96 ? 120 LYS A C   1 
ATOM   810  O O   . LYS A 1 120 ? -1.637  7.150   9.787   1.00 12.38 ? 120 LYS A O   1 
ATOM   811  C CB  . LYS A 1 120 ? -0.393  9.836   8.668   1.00 7.93  ? 120 LYS A CB  1 
ATOM   812  C CG  . LYS A 1 120 ? 0.091   10.469  7.415   1.00 14.06 ? 120 LYS A CG  1 
ATOM   813  C CD  . LYS A 1 120 ? -0.824  11.645  7.228   1.00 19.48 ? 120 LYS A CD  1 
ATOM   814  C CE  . LYS A 1 120 ? -0.026  12.843  6.810   1.00 21.26 ? 120 LYS A CE  1 
ATOM   815  N NZ  . LYS A 1 120 ? -0.974  13.773  6.240   1.00 23.90 ? 120 LYS A NZ  1 
ATOM   816  N N   . ARG A 1 121 ? -0.390  8.371   11.207  1.00 14.49 ? 121 ARG A N   1 
ATOM   817  C CA  . ARG A 1 121 ? -1.035  7.934   12.447  1.00 17.16 ? 121 ARG A CA  1 
ATOM   818  C C   . ARG A 1 121 ? -2.505  8.395   12.448  1.00 14.67 ? 121 ARG A C   1 
ATOM   819  O O   . ARG A 1 121 ? -3.323  7.896   13.213  1.00 13.30 ? 121 ARG A O   1 
ATOM   820  C CB  . ARG A 1 121 ? -0.257  8.568   13.627  1.00 21.30 ? 121 ARG A CB  1 
ATOM   821  C CG  . ARG A 1 121 ? -0.102  7.666   14.854  1.00 28.15 ? 121 ARG A CG  1 
ATOM   822  C CD  . ARG A 1 121 ? -0.605  8.429   16.077  1.00 37.41 ? 121 ARG A CD  1 
ATOM   823  N NE  . ARG A 1 121 ? 0.176   8.222   17.306  1.00 45.94 ? 121 ARG A NE  1 
ATOM   824  C CZ  . ARG A 1 121 ? 0.794   9.250   17.946  1.00 45.46 ? 121 ARG A CZ  1 
ATOM   825  N NH1 . ARG A 1 121 ? 1.208   10.324  17.256  1.00 45.65 ? 121 ARG A NH1 1 
ATOM   826  N NH2 . ARG A 1 121 ? 1.448   8.972   19.061  1.00 44.71 ? 121 ARG A NH2 1 
ATOM   827  N N   . THR A 1 122 ? -2.836  9.497   11.757  1.00 11.34 ? 122 THR A N   1 
ATOM   828  C CA  . THR A 1 122 ? -4.230  9.898   11.696  1.00 14.07 ? 122 THR A CA  1 
ATOM   829  C C   . THR A 1 122 ? -5.033  8.993   10.749  1.00 14.84 ? 122 THR A C   1 
ATOM   830  O O   . THR A 1 122 ? -6.164  9.277   10.433  1.00 17.19 ? 122 THR A O   1 
ATOM   831  C CB  . THR A 1 122 ? -4.360  11.360  11.233  1.00 16.36 ? 122 THR A CB  1 
ATOM   832  O OG1 . THR A 1 122 ? -3.689  11.365  9.981   1.00 19.16 ? 122 THR A OG1 1 
ATOM   833  C CG2 . THR A 1 122 ? -3.728  12.393  12.162  1.00 7.98  ? 122 THR A CG2 1 
ATOM   834  N N   . GLY A 1 123 ? -4.410  8.098   9.986   1.00 19.37 ? 123 GLY A N   1 
ATOM   835  C CA  . GLY A 1 123 ? -5.162  7.193   9.107   1.00 18.54 ? 123 GLY A CA  1 
ATOM   836  C C   . GLY A 1 123 ? -5.084  7.561   7.626   1.00 21.16 ? 123 GLY A C   1 
ATOM   837  O O   . GLY A 1 123 ? -5.673  6.914   6.771   1.00 24.13 ? 123 GLY A O   1 
ATOM   838  N N   . GLN A 1 124 ? -4.841  8.812   7.344   1.00 19.47 ? 124 GLN A N   1 
ATOM   839  C CA  . GLN A 1 124 ? -4.739  9.204   5.963   1.00 18.09 ? 124 GLN A CA  1 
ATOM   840  C C   . GLN A 1 124 ? -3.404  8.752   5.415   1.00 14.95 ? 124 GLN A C   1 
ATOM   841  O O   . GLN A 1 124 ? -2.669  8.131   6.160   1.00 10.73 ? 124 GLN A O   1 
ATOM   842  C CB  . GLN A 1 124 ? -4.870  10.730  5.864   1.00 22.55 ? 124 GLN A CB  1 
ATOM   843  C CG  . GLN A 1 124 ? -5.630  11.151  4.609   1.00 29.76 ? 124 GLN A CG  1 
ATOM   844  C CD  . GLN A 1 124 ? -6.405  10.019  3.886   1.00 31.09 ? 124 GLN A CD  1 
ATOM   845  O OE1 . GLN A 1 124 ? -5.906  9.315   2.947   1.00 23.62 ? 124 GLN A OE1 1 
ATOM   846  N NE2 . GLN A 1 124 ? -7.666  9.844   4.335   1.00 29.86 ? 124 GLN A NE2 1 
ATOM   847  N N   . TYR A 1 125 ? -3.248  8.623   4.080   1.00 14.33 ? 125 TYR A N   1 
ATOM   848  C CA  . TYR A 1 125 ? -1.955  8.205   3.625   1.00 14.04 ? 125 TYR A CA  1 
ATOM   849  C C   . TYR A 1 125 ? -0.900  9.293   3.746   1.00 10.88 ? 125 TYR A C   1 
ATOM   850  O O   . TYR A 1 125 ? -1.161  10.497  3.731   1.00 10.38 ? 125 TYR A O   1 
ATOM   851  C CB  . TYR A 1 125 ? -2.009  7.631   2.222   1.00 13.87 ? 125 TYR A CB  1 
ATOM   852  C CG  . TYR A 1 125 ? -2.229  8.655   1.177   1.00 11.47 ? 125 TYR A CG  1 
ATOM   853  C CD1 . TYR A 1 125 ? -1.168  9.374   0.726   1.00 12.72 ? 125 TYR A CD1 1 
ATOM   854  C CD2 . TYR A 1 125 ? -3.492  8.820   0.648   1.00 19.55 ? 125 TYR A CD2 1 
ATOM   855  C CE1 . TYR A 1 125 ? -1.354  10.308  -0.265  1.00 15.01 ? 125 TYR A CE1 1 
ATOM   856  C CE2 . TYR A 1 125 ? -3.695  9.761   -0.355  1.00 21.57 ? 125 TYR A CE2 1 
ATOM   857  C CZ  . TYR A 1 125 ? -2.614  10.516  -0.785  1.00 20.06 ? 125 TYR A CZ  1 
ATOM   858  O OH  . TYR A 1 125 ? -2.836  11.625  -1.589  1.00 20.91 ? 125 TYR A OH  1 
ATOM   859  N N   . LYS A 1 126 ? 0.338   8.890   3.661   1.00 9.54  ? 126 LYS A N   1 
ATOM   860  C CA  . LYS A 1 126 ? 1.438   9.826   3.806   1.00 8.75  ? 126 LYS A CA  1 
ATOM   861  C C   . LYS A 1 126 ? 2.209   9.954   2.502   1.00 9.35  ? 126 LYS A C   1 
ATOM   862  O O   . LYS A 1 126 ? 2.551   8.926   1.950   1.00 9.11  ? 126 LYS A O   1 
ATOM   863  C CB  . LYS A 1 126 ? 2.305   9.215   4.890   1.00 5.68  ? 126 LYS A CB  1 
ATOM   864  C CG  . LYS A 1 126 ? 3.704   9.740   5.007   1.00 8.62  ? 126 LYS A CG  1 
ATOM   865  C CD  . LYS A 1 126 ? 4.266   9.257   6.358   1.00 9.64  ? 126 LYS A CD  1 
ATOM   866  C CE  . LYS A 1 126 ? 5.284   10.237  6.977   1.00 12.07 ? 126 LYS A CE  1 
ATOM   867  N NZ  . LYS A 1 126 ? 6.096   9.500   7.933   1.00 4.01  ? 126 LYS A NZ  1 
ATOM   868  N N   . LEU A 1 127 ? 2.410   11.157  1.938   1.00 8.59  ? 127 LEU A N   1 
ATOM   869  C CA  . LEU A 1 127 ? 3.163   11.273  0.704   1.00 8.96  ? 127 LEU A CA  1 
ATOM   870  C C   . LEU A 1 127 ? 4.457   10.474  0.715   1.00 13.70 ? 127 LEU A C   1 
ATOM   871  O O   . LEU A 1 127 ? 5.118   10.383  1.740   1.00 13.57 ? 127 LEU A O   1 
ATOM   872  C CB  . LEU A 1 127 ? 3.508   12.707  0.420   1.00 9.04  ? 127 LEU A CB  1 
ATOM   873  C CG  . LEU A 1 127 ? 2.373   13.694  0.504   1.00 14.61 ? 127 LEU A CG  1 
ATOM   874  C CD1 . LEU A 1 127 ? 2.862   15.047  0.070   1.00 16.83 ? 127 LEU A CD1 1 
ATOM   875  C CD2 . LEU A 1 127 ? 1.242   13.263  -0.388  1.00 18.62 ? 127 LEU A CD2 1 
ATOM   876  N N   . GLY A 1 128 ? 4.670   9.675   -0.356  1.00 15.26 ? 128 GLY A N   1 
ATOM   877  C CA  . GLY A 1 128 ? 5.853   8.850   -0.504  1.00 11.85 ? 128 GLY A CA  1 
ATOM   878  C C   . GLY A 1 128 ? 7.092   9.718   -0.508  1.00 12.88 ? 128 GLY A C   1 
ATOM   879  O O   . GLY A 1 128 ? 8.169   9.304   -0.063  1.00 11.72 ? 128 GLY A O   1 
ATOM   880  N N   . SER A 1 129 ? 6.903   11.011  -0.700  1.00 11.59 ? 129 SER A N   1 
ATOM   881  C CA  . SER A 1 129 ? 8.063   11.892  -0.706  1.00 12.59 ? 129 SER A CA  1 
ATOM   882  C C   . SER A 1 129 ? 8.468   12.303  0.703   1.00 12.56 ? 129 SER A C   1 
ATOM   883  O O   . SER A 1 129 ? 9.584   12.785  0.902   1.00 14.87 ? 129 SER A O   1 
ATOM   884  C CB  . SER A 1 129 ? 7.756   13.124  -1.542  1.00 15.35 ? 129 SER A CB  1 
ATOM   885  O OG  . SER A 1 129 ? 6.645   13.834  -1.004  1.00 16.45 ? 129 SER A OG  1 
ATOM   886  N N   . LYS A 1 130 ? 7.783   11.739  1.704   1.00 9.45  ? 130 LYS A N   1 
ATOM   887  C CA  . LYS A 1 130 ? 8.088   12.013  3.087   1.00 7.22  ? 130 LYS A CA  1 
ATOM   888  C C   . LYS A 1 130 ? 8.238   10.729  3.860   1.00 8.89  ? 130 LYS A C   1 
ATOM   889  O O   . LYS A 1 130 ? 8.194   10.730  5.074   1.00 15.78 ? 130 LYS A O   1 
ATOM   890  C CB  . LYS A 1 130 ? 6.971   12.747  3.739   1.00 6.76  ? 130 LYS A CB  1 
ATOM   891  C CG  . LYS A 1 130 ? 6.713   14.108  3.133   1.00 6.17  ? 130 LYS A CG  1 
ATOM   892  C CD  . LYS A 1 130 ? 5.698   14.739  4.022   1.00 11.02 ? 130 LYS A CD  1 
ATOM   893  C CE  . LYS A 1 130 ? 5.651   16.219  3.783   1.00 18.38 ? 130 LYS A CE  1 
ATOM   894  N NZ  . LYS A 1 130 ? 4.863   16.801  4.862   1.00 28.89 ? 130 LYS A NZ  1 
ATOM   895  N N   . THR A 1 131 ? 8.665   9.666   3.229   1.00 7.78  ? 131 THR A N   1 
ATOM   896  C CA  . THR A 1 131 ? 8.797   8.397   3.908   1.00 7.12  ? 131 THR A CA  1 
ATOM   897  C C   . THR A 1 131 ? 10.268  8.046   4.032   1.00 10.74 ? 131 THR A C   1 
ATOM   898  O O   . THR A 1 131 ? 11.071  8.571   3.271   1.00 16.11 ? 131 THR A O   1 
ATOM   899  C CB  . THR A 1 131 ? 8.080   7.287   3.100   1.00 10.73 ? 131 THR A CB  1 
ATOM   900  O OG1 . THR A 1 131 ? 8.604   7.325   1.750   1.00 8.76  ? 131 THR A OG1 1 
ATOM   901  C CG2 . THR A 1 131 ? 6.555   7.441   3.152   1.00 6.95  ? 131 THR A CG2 1 
ATOM   902  N N   . GLY A 1 132 ? 10.573  6.866   4.540   1.00 9.20  ? 132 GLY A N   1 
ATOM   903  C CA  . GLY A 1 132 ? 11.952  6.504   4.671   1.00 9.26  ? 132 GLY A CA  1 
ATOM   904  C C   . GLY A 1 132 ? 12.053  5.105   5.211   1.00 10.85 ? 132 GLY A C   1 
ATOM   905  O O   . GLY A 1 132 ? 11.197  4.720   5.981   1.00 10.18 ? 132 GLY A O   1 
ATOM   906  N N   . PRO A 1 133 ? 13.249  4.533   5.178   1.00 10.66 ? 133 PRO A N   1 
ATOM   907  C CA  . PRO A 1 133 ? 13.434  3.134   5.525   1.00 12.72 ? 133 PRO A CA  1 
ATOM   908  C C   . PRO A 1 133 ? 13.207  2.823   6.969   1.00 13.79 ? 133 PRO A C   1 
ATOM   909  O O   . PRO A 1 133 ? 12.999  1.675   7.327   1.00 18.03 ? 133 PRO A O   1 
ATOM   910  C CB  . PRO A 1 133 ? 14.858  2.801   5.158   1.00 10.16 ? 133 PRO A CB  1 
ATOM   911  C CG  . PRO A 1 133 ? 15.429  4.006   4.444   1.00 12.66 ? 133 PRO A CG  1 
ATOM   912  C CD  . PRO A 1 133 ? 14.299  5.023   4.290   1.00 11.61 ? 133 PRO A CD  1 
ATOM   913  N N   . GLY A 1 134 ? 13.298  3.795   7.863   1.00 15.36 ? 134 GLY A N   1 
ATOM   914  C CA  . GLY A 1 134 ? 13.097  3.388   9.239   1.00 14.36 ? 134 GLY A CA  1 
ATOM   915  C C   . GLY A 1 134 ? 11.870  3.973   9.938   1.00 16.30 ? 134 GLY A C   1 
ATOM   916  O O   . GLY A 1 134 ? 11.684  3.657   11.133  1.00 20.45 ? 134 GLY A O   1 
ATOM   917  N N   . GLN A 1 135 ? 10.873  4.415   9.123   1.00 13.68 ? 135 GLN A N   1 
ATOM   918  C CA  . GLN A 1 135 ? 9.629   4.983   9.579   1.00 8.90  ? 135 GLN A CA  1 
ATOM   919  C C   . GLN A 1 135 ? 8.625   3.903   9.954   1.00 10.28 ? 135 GLN A C   1 
ATOM   920  O O   . GLN A 1 135 ? 8.840   2.730   9.664   1.00 13.45 ? 135 GLN A O   1 
ATOM   921  C CB  . GLN A 1 135 ? 9.047   5.847   8.459   1.00 8.12  ? 135 GLN A CB  1 
ATOM   922  C CG  . GLN A 1 135 ? 9.923   7.072   8.159   1.00 10.94 ? 135 GLN A CG  1 
ATOM   923  C CD  . GLN A 1 135 ? 9.205   8.173   7.400   1.00 12.10 ? 135 GLN A CD  1 
ATOM   924  O OE1 . GLN A 1 135 ? 9.711   9.264   7.118   1.00 15.64 ? 135 GLN A OE1 1 
ATOM   925  N NE2 . GLN A 1 135 ? 7.950   7.940   7.140   1.00 11.14 ? 135 GLN A NE2 1 
ATOM   926  N N   . LYS A 1 136 ? 7.884   4.154   11.025  1.00 11.45 ? 136 LYS A N   1 
ATOM   927  C CA  . LYS A 1 136 ? 6.844   3.227   11.458  1.00 10.44 ? 136 LYS A CA  1 
ATOM   928  C C   . LYS A 1 136 ? 5.672   3.223   10.469  1.00 9.97  ? 136 LYS A C   1 
ATOM   929  O O   . LYS A 1 136 ? 4.990   2.246   10.236  1.00 9.87  ? 136 LYS A O   1 
ATOM   930  C CB  . LYS A 1 136 ? 6.313   3.716   12.781  1.00 13.00 ? 136 LYS A CB  1 
ATOM   931  C CG  . LYS A 1 136 ? 5.238   2.827   13.348  1.00 13.30 ? 136 LYS A CG  1 
ATOM   932  C CD  . LYS A 1 136 ? 4.377   3.685   14.240  1.00 22.54 ? 136 LYS A CD  1 
ATOM   933  C CE  . LYS A 1 136 ? 4.692   3.358   15.691  1.00 23.87 ? 136 LYS A CE  1 
ATOM   934  N NZ  . LYS A 1 136 ? 4.360   1.966   15.977  1.00 32.83 ? 136 LYS A NZ  1 
ATOM   935  N N   . ALA A 1 137 ? 5.581   4.290   9.700   1.00 9.44  ? 137 ALA A N   1 
ATOM   936  C CA  . ALA A 1 137 ? 4.544   4.459   8.749   1.00 9.16  ? 137 ALA A CA  1 
ATOM   937  C C   . ALA A 1 137 ? 4.663   3.514   7.550   1.00 11.40 ? 137 ALA A C   1 
ATOM   938  O O   . ALA A 1 137 ? 3.646   3.017   7.101   1.00 15.92 ? 137 ALA A O   1 
ATOM   939  C CB  . ALA A 1 137 ? 4.628   5.886   8.221   1.00 3.98  ? 137 ALA A CB  1 
ATOM   940  N N   . ILE A 1 138 ? 5.776   2.852   7.314   1.00 9.95  ? 138 ILE A N   1 
ATOM   941  C CA  . ILE A 1 138 ? 5.825   2.097   6.098   1.00 6.88  ? 138 ILE A CA  1 
ATOM   942  C C   . ILE A 1 138 ? 5.624   0.686   6.401   1.00 5.37  ? 138 ILE A C   1 
ATOM   943  O O   . ILE A 1 138 ? 5.954   -0.124  5.566   1.00 5.62  ? 138 ILE A O   1 
ATOM   944  C CB  . ILE A 1 138 ? 7.178   2.216   5.423   1.00 5.67  ? 138 ILE A CB  1 
ATOM   945  C CG1 . ILE A 1 138 ? 8.184   1.465   6.282   1.00 8.64  ? 138 ILE A CG1 1 
ATOM   946  C CG2 . ILE A 1 138 ? 7.557   3.669   5.204   1.00 2.00  ? 138 ILE A CG2 1 
ATOM   947  C CD1 . ILE A 1 138 ? 9.641   1.508   5.790   1.00 10.27 ? 138 ILE A CD1 1 
ATOM   948  N N   . LEU A 1 139 ? 5.572   0.372   7.681   1.00 7.44  ? 139 LEU A N   1 
ATOM   949  C CA  . LEU A 1 139 ? 5.419   -1.033  8.071   1.00 8.81  ? 139 LEU A CA  1 
ATOM   950  C C   . LEU A 1 139 ? 3.995   -1.529  8.032   1.00 8.64  ? 139 LEU A C   1 
ATOM   951  O O   . LEU A 1 139 ? 3.203   -0.986  8.793   1.00 8.83  ? 139 LEU A O   1 
ATOM   952  C CB  . LEU A 1 139 ? 5.994   -1.276  9.452   1.00 6.88  ? 139 LEU A CB  1 
ATOM   953  C CG  . LEU A 1 139 ? 7.458   -0.941  9.573   1.00 9.04  ? 139 LEU A CG  1 
ATOM   954  C CD1 . LEU A 1 139 ? 7.818   -0.796  11.026  1.00 7.87  ? 139 LEU A CD1 1 
ATOM   955  C CD2 . LEU A 1 139 ? 8.303   -1.984  8.847   1.00 3.45  ? 139 LEU A CD2 1 
ATOM   956  N N   . PHE A 1 140 ? 3.777   -2.723  7.374   1.00 11.51 ? 140 PHE A N   1 
ATOM   957  C CA  . PHE A 1 140 ? 2.448   -3.325  7.238   1.00 11.76 ? 140 PHE A CA  1 
ATOM   958  C C   . PHE A 1 140 ? 2.457   -4.787  7.583   1.00 13.52 ? 140 PHE A C   1 
ATOM   959  O O   . PHE A 1 140 ? 3.399   -5.482  7.275   1.00 13.80 ? 140 PHE A O   1 
ATOM   960  C CB  . PHE A 1 140 ? 1.912   -3.258  5.813   1.00 6.16  ? 140 PHE A CB  1 
ATOM   961  C CG  . PHE A 1 140 ? 1.540   -1.862  5.351   1.00 5.08  ? 140 PHE A CG  1 
ATOM   962  C CD1 . PHE A 1 140 ? 2.498   -1.063  4.748   1.00 3.74  ? 140 PHE A CD1 1 
ATOM   963  C CD2 . PHE A 1 140 ? 0.251   -1.369  5.560   1.00 5.71  ? 140 PHE A CD2 1 
ATOM   964  C CE1 . PHE A 1 140 ? 2.170   0.235   4.401   1.00 3.37  ? 140 PHE A CE1 1 
ATOM   965  C CE2 . PHE A 1 140 ? -0.059  -0.065  5.196   1.00 7.85  ? 140 PHE A CE2 1 
ATOM   966  C CZ  . PHE A 1 140 ? 0.907   0.750   4.629   1.00 5.88  ? 140 PHE A CZ  1 
ATOM   967  N N   . LEU A 1 141 ? 1.676   -5.192  8.569   1.00 16.00 ? 141 LEU A N   1 
ATOM   968  C CA  . LEU A 1 141 ? 1.648   -6.600  8.841   1.00 15.92 ? 141 LEU A CA  1 
ATOM   969  C C   . LEU A 1 141 ? 0.450   -7.215  8.091   1.00 19.13 ? 141 LEU A C   1 
ATOM   970  O O   . LEU A 1 141 ? -0.611  -6.579  7.936   1.00 18.30 ? 141 LEU A O   1 
ATOM   971  C CB  . LEU A 1 141 ? 1.556   -6.734  10.325  1.00 18.35 ? 141 LEU A CB  1 
ATOM   972  C CG  . LEU A 1 141 ? 1.394   -8.112  10.917  1.00 23.59 ? 141 LEU A CG  1 
ATOM   973  C CD1 . LEU A 1 141 ? 2.754   -8.801  11.058  1.00 23.67 ? 141 LEU A CD1 1 
ATOM   974  C CD2 . LEU A 1 141 ? 0.645   -7.981  12.244  1.00 19.23 ? 141 LEU A CD2 1 
ATOM   975  N N   . PRO A 1 142 ? 0.751   -8.144  7.166   1.00 20.82 ? 142 PRO A N   1 
ATOM   976  C CA  . PRO A 1 142 ? -0.231  -8.683  6.236   1.00 22.63 ? 142 PRO A CA  1 
ATOM   977  C C   . PRO A 1 142 ? -1.135  -9.670  6.931   1.00 24.32 ? 142 PRO A C   1 
ATOM   978  O O   . PRO A 1 142 ? -0.641  -10.609 7.511   1.00 24.36 ? 142 PRO A O   1 
ATOM   979  C CB  . PRO A 1 142 ? 0.602   -9.367  5.186   1.00 20.77 ? 142 PRO A CB  1 
ATOM   980  C CG  . PRO A 1 142 ? 2.026   -8.951  5.407   1.00 19.60 ? 142 PRO A CG  1 
ATOM   981  C CD  . PRO A 1 142 ? 2.112   -8.537  6.844   1.00 19.81 ? 142 PRO A CD  1 
ATOM   982  N N   . MET A 1 143 ? -2.451  -9.591  6.762   1.00 25.99 ? 143 MET A N   1 
ATOM   983  C CA  . MET A 1 143 ? -3.307  -10.536 7.437   1.00 27.74 ? 143 MET A CA  1 
ATOM   984  C C   . MET A 1 143 ? -4.274  -11.167 6.478   1.00 32.65 ? 143 MET A C   1 
ATOM   985  O O   . MET A 1 143 ? -5.284  -10.524 6.145   1.00 31.73 ? 143 MET A O   1 
ATOM   986  C CB  . MET A 1 143 ? -4.167  -9.829  8.444   1.00 28.03 ? 143 MET A CB  1 
ATOM   987  C CG  . MET A 1 143 ? -3.503  -9.591  9.781   1.00 27.86 ? 143 MET A CG  1 
ATOM   988  S SD  . MET A 1 143 ? -4.604  -8.554  10.747  1.00 29.73 ? 143 MET A SD  1 
ATOM   989  C CE  . MET A 1 143 ? -3.385  -7.379  11.259  1.00 30.29 ? 143 MET A CE  1 
ATOM   990  N N   . SER A 1 144 ? -4.211  -12.489 6.344   1.00 37.00 ? 144 SER A N   1 
ATOM   991  C CA  . SER A 1 144 ? -5.152  -13.139 5.461   1.00 42.09 ? 144 SER A CA  1 
ATOM   992  C C   . SER A 1 144 ? -6.605  -12.805 5.888   1.00 45.88 ? 144 SER A C   1 
ATOM   993  O O   . SER A 1 144 ? -6.815  -12.727 7.114   1.00 44.73 ? 144 SER A O   1 
ATOM   994  C CB  . SER A 1 144 ? -4.926  -14.639 5.490   1.00 41.55 ? 144 SER A CB  1 
ATOM   995  O OG  . SER A 1 144 ? -5.037  -15.211 4.190   1.00 48.12 ? 144 SER A OG  1 
HETATM 996  C C1  . SGN B 2 .   ? 9.559   -3.766  19.697  1.00 37.21 ? 1   SGN B C1  1 
HETATM 997  C C2  . SGN B 2 .   ? 9.058   -2.981  18.488  1.00 39.05 ? 1   SGN B C2  1 
HETATM 998  C C3  . SGN B 2 .   ? 9.737   -1.621  18.372  1.00 37.81 ? 1   SGN B C3  1 
HETATM 999  C C4  . SGN B 2 .   ? 9.585   -0.859  19.679  1.00 36.81 ? 1   SGN B C4  1 
HETATM 1000 C C5  . SGN B 2 .   ? 10.074  -1.703  20.845  1.00 37.40 ? 1   SGN B C5  1 
HETATM 1001 C C6  . SGN B 2 .   ? 9.765   -0.959  22.133  1.00 38.97 ? 1   SGN B C6  1 
HETATM 1002 N N2  . SGN B 2 .   ? 9.436   -3.726  17.305  1.00 39.61 ? 1   SGN B N2  1 
HETATM 1003 O O1  . SGN B 2 .   ? 10.926  -4.101  19.509  1.00 37.88 ? 1   SGN B O1  1 
HETATM 1004 O O3  . SGN B 2 .   ? 9.009   -0.908  17.381  1.00 36.78 ? 1   SGN B O3  1 
HETATM 1005 O O4  . SGN B 2 .   ? 10.396  0.314   19.621  1.00 32.36 ? 1   SGN B O4  1 
HETATM 1006 O O5  . SGN B 2 .   ? 9.376   -2.970  20.862  1.00 39.47 ? 1   SGN B O5  1 
HETATM 1007 O O6  . SGN B 2 .   ? 8.454   -0.404  22.045  1.00 37.04 ? 1   SGN B O6  1 
HETATM 1008 S S1  . SGN B 2 .   ? 8.333   -4.945  16.672  1.00 40.85 ? 1   SGN B S1  1 
HETATM 1009 O O1S . SGN B 2 .   ? 8.956   -5.548  15.522  1.00 42.85 ? 1   SGN B O1S 1 
HETATM 1010 O O2S . SGN B 2 .   ? 7.119   -4.282  16.291  1.00 36.94 ? 1   SGN B O2S 1 
HETATM 1011 O O3S . SGN B 2 .   ? 8.075   -5.951  17.669  1.00 39.87 ? 1   SGN B O3S 1 
HETATM 1012 S S2  . SGN B 2 .   ? 7.608   0.099   23.517  1.00 43.03 ? 1   SGN B S2  1 
HETATM 1013 O O4S . SGN B 2 .   ? 7.668   1.526   23.672  1.00 37.06 ? 1   SGN B O4S 1 
HETATM 1014 O O5S . SGN B 2 .   ? 8.204   -0.573  24.645  1.00 37.86 ? 1   SGN B O5S 1 
HETATM 1015 O O6S . SGN B 2 .   ? 6.233   -0.303  23.387  1.00 42.25 ? 1   SGN B O6S 1 
HETATM 1016 C C1  . IDS B 2 .   ? 9.811   1.422   20.271  1.00 35.60 ? 2   IDS B C1  1 
HETATM 1017 C C2  . IDS B 2 .   ? 10.856  2.533   20.457  1.00 38.58 ? 2   IDS B C2  1 
HETATM 1018 C C3  . IDS B 2 .   ? 10.187  3.849   20.283  1.00 37.21 ? 2   IDS B C3  1 
HETATM 1019 C C4  . IDS B 2 .   ? 9.824   3.939   18.813  1.00 36.47 ? 2   IDS B C4  1 
HETATM 1020 C C5  . IDS B 2 .   ? 9.324   2.571   18.304  1.00 38.61 ? 2   IDS B C5  1 
HETATM 1021 C C6  . IDS B 2 .   ? 8.190   2.763   17.306  1.00 40.17 ? 2   IDS B C6  1 
HETATM 1022 O O2  . IDS B 2 .   ? 11.353  2.521   21.774  1.00 46.22 ? 2   IDS B O2  1 
HETATM 1023 O O3  . IDS B 2 .   ? 11.100  4.854   20.587  1.00 35.84 ? 2   IDS B O3  1 
HETATM 1024 O O4  . IDS B 2 .   ? 8.829   4.938   18.673  1.00 35.14 ? 2   IDS B O4  1 
HETATM 1025 O O5  . IDS B 2 .   ? 8.786   1.861   19.406  1.00 33.84 ? 2   IDS B O5  1 
HETATM 1026 O O6A . IDS B 2 .   ? 8.517   3.153   16.172  1.00 38.69 ? 2   IDS B O6A 1 
HETATM 1027 O O6B . IDS B 2 .   ? 7.008   2.574   17.694  1.00 36.84 ? 2   IDS B O6B 1 
HETATM 1028 S S   . IDS B 2 .   ? 12.901  1.713   21.990  1.00 52.72 ? 2   IDS B S   1 
HETATM 1029 O O1S . IDS B 2 .   ? 13.683  2.428   22.975  1.00 53.93 ? 2   IDS B O1S 1 
HETATM 1030 O O2S . IDS B 2 .   ? 13.555  1.779   20.715  1.00 52.98 ? 2   IDS B O2S 1 
HETATM 1031 O O3S . IDS B 2 .   ? 12.710  0.326   22.386  1.00 50.29 ? 2   IDS B O3S 1 
HETATM 1032 C C1  . SGN B 2 .   ? 9.366   6.245   18.652  1.00 37.86 ? 3   SGN B C1  1 
HETATM 1033 C C2  . SGN B 2 .   ? 8.247   7.177   19.037  1.00 38.06 ? 3   SGN B C2  1 
HETATM 1034 C C3  . SGN B 2 .   ? 7.131   7.084   18.039  1.00 35.36 ? 3   SGN B C3  1 
HETATM 1035 C C4  . SGN B 2 .   ? 7.714   7.424   16.675  1.00 34.32 ? 3   SGN B C4  1 
HETATM 1036 C C5  . SGN B 2 .   ? 8.814   6.443   16.347  1.00 39.41 ? 3   SGN B C5  1 
HETATM 1037 C C6  . SGN B 2 .   ? 9.382   6.642   14.949  1.00 46.98 ? 3   SGN B C6  1 
HETATM 1038 N N2  . SGN B 2 .   ? 7.734   6.729   20.299  1.00 46.31 ? 3   SGN B N2  1 
HETATM 1039 O O3  . SGN B 2 .   ? 6.124   7.997   18.417  1.00 27.63 ? 3   SGN B O3  1 
HETATM 1040 O O4  . SGN B 2 .   ? 6.711   7.329   15.683  1.00 28.49 ? 3   SGN B O4  1 
HETATM 1041 O O5  . SGN B 2 .   ? 9.815   6.574   17.346  1.00 39.24 ? 3   SGN B O5  1 
HETATM 1042 O O6  . SGN B 2 .   ? 10.777  6.950   15.008  1.00 58.18 ? 3   SGN B O6  1 
HETATM 1043 S S1  . SGN B 2 .   ? 8.358   7.509   21.762  1.00 50.72 ? 3   SGN B S1  1 
HETATM 1044 O O1S . SGN B 2 .   ? 9.615   6.940   22.163  1.00 45.54 ? 3   SGN B O1S 1 
HETATM 1045 O O2S . SGN B 2 .   ? 7.362   7.298   22.765  1.00 52.30 ? 3   SGN B O2S 1 
HETATM 1046 O O3S . SGN B 2 .   ? 8.527   8.919   21.517  1.00 52.19 ? 3   SGN B O3S 1 
HETATM 1047 S S2  . SGN B 2 .   ? 11.304  8.647   15.078  1.00 61.42 ? 3   SGN B S2  1 
HETATM 1048 O O4S . SGN B 2 .   ? 10.812  9.319   13.916  1.00 62.55 ? 3   SGN B O4S 1 
HETATM 1049 O O5S . SGN B 2 .   ? 12.734  8.701   15.104  1.00 62.81 ? 3   SGN B O5S 1 
HETATM 1050 O O6S . SGN B 2 .   ? 10.784  9.276   16.265  1.00 62.78 ? 3   SGN B O6S 1 
HETATM 1051 C C1  . IDS B 2 .   ? 6.807   8.348   14.700  1.00 22.01 ? 4   IDS B C1  1 
HETATM 1052 C C2  . IDS B 2 .   ? 5.834   8.107   13.545  1.00 16.83 ? 4   IDS B C2  1 
HETATM 1053 C C3  . IDS B 2 .   ? 4.404   8.440   13.852  1.00 13.23 ? 4   IDS B C3  1 
HETATM 1054 C C4  . IDS B 2 .   ? 4.328   9.848   14.478  1.00 17.80 ? 4   IDS B C4  1 
HETATM 1055 C C5  . IDS B 2 .   ? 5.257   9.835   15.684  1.00 18.34 ? 4   IDS B C5  1 
HETATM 1056 C C6  . IDS B 2 .   ? 5.165   11.062  16.520  1.00 19.33 ? 4   IDS B C6  1 
HETATM 1057 O O2  . IDS B 2 .   ? 6.256   8.813   12.467  1.00 18.06 ? 4   IDS B O2  1 
HETATM 1058 O O3  . IDS B 2 .   ? 3.914   7.473   14.718  1.00 15.60 ? 4   IDS B O3  1 
HETATM 1059 O O4  . IDS B 2 .   ? 4.845   10.826  13.579  1.00 15.33 ? 4   IDS B O4  1 
HETATM 1060 O O5  . IDS B 2 .   ? 6.610   9.657   15.248  1.00 18.17 ? 4   IDS B O5  1 
HETATM 1061 O O6A . IDS B 2 .   ? 4.069   11.430  16.917  1.00 21.80 ? 4   IDS B O6A 1 
HETATM 1062 O O6B . IDS B 2 .   ? 6.216   11.511  16.926  1.00 23.12 ? 4   IDS B O6B 1 
HETATM 1063 S S   . IDS B 2 .   ? 7.167   7.853   11.383  1.00 15.40 ? 4   IDS B S   1 
HETATM 1064 O O1S . IDS B 2 .   ? 7.680   8.718   10.395  1.00 16.64 ? 4   IDS B O1S 1 
HETATM 1065 O O2S . IDS B 2 .   ? 6.248   6.913   10.860  1.00 24.68 ? 4   IDS B O2S 1 
HETATM 1066 O O3S . IDS B 2 .   ? 8.180   7.082   12.002  1.00 16.75 ? 4   IDS B O3S 1 
HETATM 1067 C C1  . SGN B 2 .   ? 3.952   11.852  13.149  1.00 16.30 ? 5   SGN B C1  1 
HETATM 1068 C C2  . SGN B 2 .   ? 4.321   12.253  11.722  1.00 18.70 ? 5   SGN B C2  1 
HETATM 1069 C C3  . SGN B 2 .   ? 5.663   12.951  11.659  1.00 18.66 ? 5   SGN B C3  1 
HETATM 1070 C C4  . SGN B 2 .   ? 5.692   14.145  12.567  1.00 17.88 ? 5   SGN B C4  1 
HETATM 1071 C C5  . SGN B 2 .   ? 5.327   13.633  13.960  1.00 17.42 ? 5   SGN B C5  1 
HETATM 1072 C C6  . SGN B 2 .   ? 5.278   14.761  14.924  1.00 17.05 ? 5   SGN B C6  1 
HETATM 1073 N N2  . SGN B 2 .   ? 4.563   11.029  11.019  1.00 21.48 ? 5   SGN B N2  1 
HETATM 1074 O O3  . SGN B 2 .   ? 5.921   13.395  10.347  1.00 15.71 ? 5   SGN B O3  1 
HETATM 1075 O O4  . SGN B 2 .   ? 7.064   14.539  12.575  1.00 19.34 ? 5   SGN B O4  1 
HETATM 1076 O O5  . SGN B 2 .   ? 4.040   13.025  13.962  1.00 15.76 ? 5   SGN B O5  1 
HETATM 1077 O O6  . SGN B 2 .   ? 4.793   15.856  14.209  1.00 23.96 ? 5   SGN B O6  1 
HETATM 1078 S S1  . SGN B 2 .   ? 3.185   10.189  10.380  1.00 19.61 ? 5   SGN B S1  1 
HETATM 1079 O O1S . SGN B 2 .   ? 3.636   9.107   9.570   1.00 21.92 ? 5   SGN B O1S 1 
HETATM 1080 O O2S . SGN B 2 .   ? 2.433   11.097  9.630   1.00 18.22 ? 5   SGN B O2S 1 
HETATM 1081 O O3S . SGN B 2 .   ? 2.387   9.731   11.454  1.00 21.02 ? 5   SGN B O3S 1 
HETATM 1082 S S2  . SGN B 2 .   ? 3.970   16.996  15.190  1.00 31.12 ? 5   SGN B S2  1 
HETATM 1083 O O4S . SGN B 2 .   ? 3.095   17.760  14.377  1.00 33.01 ? 5   SGN B O4S 1 
HETATM 1084 O O5S . SGN B 2 .   ? 4.952   17.844  15.763  1.00 36.95 ? 5   SGN B O5S 1 
HETATM 1085 O O6S . SGN B 2 .   ? 3.308   16.268  16.238  1.00 27.80 ? 5   SGN B O6S 1 
HETATM 1086 S S   . UAP B 2 .   ? 9.585   18.468  13.661  1.00 30.05 ? 6   UAP B S   1 
HETATM 1087 C C1  . UAP B 2 .   ? 7.351   15.918  12.357  1.00 23.10 ? 6   UAP B C1  1 
HETATM 1088 C C2  . UAP B 2 .   ? 8.838   16.137  12.544  1.00 23.62 ? 6   UAP B C2  1 
HETATM 1089 O O2  . UAP B 2 .   ? 9.045   17.500  12.315  1.00 29.50 ? 6   UAP B O2  1 
HETATM 1090 C C3  . UAP B 2 .   ? 9.640   15.395  11.505  1.00 22.44 ? 6   UAP B C3  1 
HETATM 1091 O O3  . UAP B 2 .   ? 9.867   14.106  11.948  1.00 23.70 ? 6   UAP B O3  1 
HETATM 1092 C C4  . UAP B 2 .   ? 9.046   15.464  10.182  1.00 21.20 ? 6   UAP B C4  1 
HETATM 1093 C C5  . UAP B 2 .   ? 7.820   15.997  9.997   1.00 28.06 ? 6   UAP B C5  1 
HETATM 1094 O O5  . UAP B 2 .   ? 7.023   16.364  11.048  1.00 27.87 ? 6   UAP B O5  1 
HETATM 1095 C C6  . UAP B 2 .   ? 7.443   16.416  8.752   1.00 30.32 ? 6   UAP B C6  1 
HETATM 1096 O O1S . UAP B 2 .   ? 8.634   18.284  14.699  1.00 33.38 ? 6   UAP B O1S 1 
HETATM 1097 O O2S . UAP B 2 .   ? 9.597   19.839  13.282  1.00 30.40 ? 6   UAP B O2S 1 
HETATM 1098 O O3S . UAP B 2 .   ? 10.884  17.983  14.030  1.00 29.83 ? 6   UAP B O3S 1 
HETATM 1099 O O6B . UAP B 2 .   ? 8.202   16.236  7.790   1.00 31.49 ? 6   UAP B O6B 1 
HETATM 1100 O O6A . UAP B 2 .   ? 6.411   17.113  8.613   1.00 30.28 ? 6   UAP B O6A 1 
HETATM 1101 O O   . HOH C 3 .   ? 2.204   13.490  4.164   1.00 7.03  ? 201 HOH A O   1 
HETATM 1102 O O   . HOH C 3 .   ? 8.705   -3.593  13.622  1.00 34.05 ? 202 HOH A O   1 
HETATM 1103 O O   . HOH C 3 .   ? 10.209  -2.375  0.263   1.00 4.71  ? 203 HOH A O   1 
HETATM 1104 O O   . HOH C 3 .   ? 5.882   0.407   2.847   1.00 10.32 ? 204 HOH A O   1 
HETATM 1105 O O   . HOH C 3 .   ? 14.416  6.206   7.567   1.00 13.78 ? 205 HOH A O   1 
HETATM 1106 O O   . HOH C 3 .   ? -5.898  -3.730  3.796   1.00 8.42  ? 206 HOH A O   1 
HETATM 1107 O O   . HOH C 3 .   ? 2.782   6.373   0.621   1.00 14.74 ? 207 HOH A O   1 
HETATM 1108 O O   . HOH C 3 .   ? -0.419  -1.742  -7.771  1.00 16.30 ? 208 HOH A O   1 
HETATM 1109 O O   . HOH C 3 .   ? 12.869  -1.966  -0.437  1.00 21.52 ? 209 HOH A O   1 
HETATM 1110 O O   . HOH C 3 .   ? 15.289  -6.184  -0.987  1.00 27.85 ? 210 HOH A O   1 
HETATM 1111 O O   . HOH C 3 .   ? 11.721  -6.552  -3.147  1.00 23.08 ? 211 HOH A O   1 
HETATM 1112 O O   . HOH C 3 .   ? -11.087 -2.432  -3.148  1.00 10.07 ? 212 HOH A O   1 
HETATM 1113 O O   . HOH C 3 .   ? -11.245 -4.789  -1.787  1.00 6.66  ? 213 HOH A O   1 
HETATM 1114 O O   . HOH C 3 .   ? -8.168  4.594   -13.659 1.00 25.09 ? 214 HOH A O   1 
# 
